data_1RF3
# 
_entry.id   1RF3 
# 
_audit_conform.dict_name       mmcif_pdbx.dic 
_audit_conform.dict_version    5.376 
_audit_conform.dict_location   http://mmcif.pdb.org/dictionaries/ascii/mmcif_pdbx.dic 
# 
loop_
_database_2.database_id 
_database_2.database_code 
_database_2.pdbx_database_accession 
_database_2.pdbx_DOI 
PDB   1RF3         pdb_00001rf3 10.2210/pdb1rf3/pdb 
RCSB  RCSB020690   ?            ?                   
WWPDB D_1000020690 ?            ?                   
# 
_pdbx_database_status.status_code                     REL 
_pdbx_database_status.entry_id                        1RF3 
_pdbx_database_status.recvd_initial_deposition_date   2003-11-07 
_pdbx_database_status.deposit_site                    RCSB 
_pdbx_database_status.process_site                    RCSB 
_pdbx_database_status.SG_entry                        . 
_pdbx_database_status.pdb_format_compatible           Y 
_pdbx_database_status.status_code_mr                  ? 
_pdbx_database_status.status_code_sf                  ? 
_pdbx_database_status.status_code_cs                  ? 
_pdbx_database_status.methods_development_category    ? 
_pdbx_database_status.status_code_nmr_data            ? 
# 
loop_
_audit_author.name 
_audit_author.pdbx_ordinal 
'Li, C.'             1  
'Norris, P.S.'       2  
'Ni, C.Z.'           3  
'Havert, M.L.'       4  
'Chiong, E.M.'       5  
'Tran, B.R.'         6  
'Cabezas, E.'        7  
'Cheng, G.'          8  
'Reed, J.C.'         9  
'Satterthwait, A.C.' 10 
'Ware, C.F.'         11 
'Ely, K.R.'          12 
# 
_citation.id                        primary 
_citation.title                     
;Structurally distinct recognition motifs in lymphotoxin-beta receptor and CD40 for tumor necrosis factor receptor-associated factor (TRAF)-mediated signaling.
;
_citation.journal_abbrev            J.Biol.Chem. 
_citation.journal_volume            278 
_citation.page_first                50523 
_citation.page_last                 50529 
_citation.year                      2003 
_citation.journal_id_ASTM           JBCHA3 
_citation.country                   US 
_citation.journal_id_ISSN           0021-9258 
_citation.journal_id_CSD            0071 
_citation.book_publisher            ? 
_citation.pdbx_database_id_PubMed   14517219 
_citation.pdbx_database_id_DOI      10.1074/jbc.M309381200 
# 
loop_
_citation_author.citation_id 
_citation_author.name 
_citation_author.ordinal 
_citation_author.identifier_ORCID 
primary 'Li, C.'             1  ? 
primary 'Norris, P.S.'       2  ? 
primary 'Ni, C.Z.'           3  ? 
primary 'Havert, M.L.'       4  ? 
primary 'Chiong, E.M.'       5  ? 
primary 'Tran, B.R.'         6  ? 
primary 'Cabezas, E.'        7  ? 
primary 'Reed, J.C.'         8  ? 
primary 'Satterthwait, A.C.' 9  ? 
primary 'Ware, C.F.'         10 ? 
primary 'Ely, K.R.'          11 ? 
# 
_cell.entry_id           1RF3 
_cell.length_a           83.700 
_cell.length_b           83.700 
_cell.length_c           79.100 
_cell.angle_alpha        90.00 
_cell.angle_beta         90.00 
_cell.angle_gamma        120.00 
_cell.Z_PDB              6 
_cell.pdbx_unique_axis   ? 
# 
_symmetry.entry_id                         1RF3 
_symmetry.space_group_name_H-M             'P 3 2 1' 
_symmetry.pdbx_full_space_group_name_H-M   ? 
_symmetry.cell_setting                     ? 
_symmetry.Int_Tables_number                150 
_symmetry.space_group_name_Hall            ? 
# 
loop_
_entity.id 
_entity.type 
_entity.src_method 
_entity.pdbx_description 
_entity.formula_weight 
_entity.pdbx_number_of_molecules 
_entity.pdbx_ec 
_entity.pdbx_mutation 
_entity.pdbx_fragment 
_entity.details 
1 polymer man 'TNF receptor associated factor 3'               22904.287 1 ? ? 'Recognition motif (residues 377-568)' ? 
2 polymer syn '24-residue peptide from Lymphotoxin-B Receptor' 2516.669  1 ? ? 'Recognition motif (residues 385-408)' ? 
# 
_entity_name_com.entity_id   1 
_entity_name_com.name        
'CD40 receptor associated factor 1, CRAF1, CD40 binding protein, CD40BP, LMP1 associated protein, LAP1, CAP-1' 
# 
loop_
_entity_poly.entity_id 
_entity_poly.type 
_entity_poly.nstd_linkage 
_entity_poly.nstd_monomer 
_entity_poly.pdbx_seq_one_letter_code 
_entity_poly.pdbx_seq_one_letter_code_can 
_entity_poly.pdbx_strand_id 
_entity_poly.pdbx_target_identifier 
1 'polypeptide(L)' no no 
;NTGLLESQLSRHDQMLSVHDIRLADMDLRFQVLETASYNGVLIWKIRDYKRRKQEAVMGKTLSLYSQPFYTGYFGYKMCA
RVYLNGDGMGKGTHLSLFFVIMRGEYDALLPWPFKQKVTLMLMDQGSSRRHLGDAFKPDPNSSSFKKPTGEMNIASGCPV
FVAQTVLENGTYIKDDTIFIKVIVDTSDLPDPLEHHHHHH
;
;NTGLLESQLSRHDQMLSVHDIRLADMDLRFQVLETASYNGVLIWKIRDYKRRKQEAVMGKTLSLYSQPFYTGYFGYKMCA
RVYLNGDGMGKGTHLSLFFVIMRGEYDALLPWPFKQKVTLMLMDQGSSRRHLGDAFKPDPNSSSFKKPTGEMNIASGCPV
FVAQTVLENGTYIKDDTIFIKVIVDTSDLPDPLEHHHHHH
;
A ? 
2 'polypeptide(L)' no no PYPIPEEGDPGPPGLSTPHQEDGK PYPIPEEGDPGPPGLSTPHQEDGK B ? 
# 
loop_
_entity_poly_seq.entity_id 
_entity_poly_seq.num 
_entity_poly_seq.mon_id 
_entity_poly_seq.hetero 
1 1   ASN n 
1 2   THR n 
1 3   GLY n 
1 4   LEU n 
1 5   LEU n 
1 6   GLU n 
1 7   SER n 
1 8   GLN n 
1 9   LEU n 
1 10  SER n 
1 11  ARG n 
1 12  HIS n 
1 13  ASP n 
1 14  GLN n 
1 15  MET n 
1 16  LEU n 
1 17  SER n 
1 18  VAL n 
1 19  HIS n 
1 20  ASP n 
1 21  ILE n 
1 22  ARG n 
1 23  LEU n 
1 24  ALA n 
1 25  ASP n 
1 26  MET n 
1 27  ASP n 
1 28  LEU n 
1 29  ARG n 
1 30  PHE n 
1 31  GLN n 
1 32  VAL n 
1 33  LEU n 
1 34  GLU n 
1 35  THR n 
1 36  ALA n 
1 37  SER n 
1 38  TYR n 
1 39  ASN n 
1 40  GLY n 
1 41  VAL n 
1 42  LEU n 
1 43  ILE n 
1 44  TRP n 
1 45  LYS n 
1 46  ILE n 
1 47  ARG n 
1 48  ASP n 
1 49  TYR n 
1 50  LYS n 
1 51  ARG n 
1 52  ARG n 
1 53  LYS n 
1 54  GLN n 
1 55  GLU n 
1 56  ALA n 
1 57  VAL n 
1 58  MET n 
1 59  GLY n 
1 60  LYS n 
1 61  THR n 
1 62  LEU n 
1 63  SER n 
1 64  LEU n 
1 65  TYR n 
1 66  SER n 
1 67  GLN n 
1 68  PRO n 
1 69  PHE n 
1 70  TYR n 
1 71  THR n 
1 72  GLY n 
1 73  TYR n 
1 74  PHE n 
1 75  GLY n 
1 76  TYR n 
1 77  LYS n 
1 78  MET n 
1 79  CYS n 
1 80  ALA n 
1 81  ARG n 
1 82  VAL n 
1 83  TYR n 
1 84  LEU n 
1 85  ASN n 
1 86  GLY n 
1 87  ASP n 
1 88  GLY n 
1 89  MET n 
1 90  GLY n 
1 91  LYS n 
1 92  GLY n 
1 93  THR n 
1 94  HIS n 
1 95  LEU n 
1 96  SER n 
1 97  LEU n 
1 98  PHE n 
1 99  PHE n 
1 100 VAL n 
1 101 ILE n 
1 102 MET n 
1 103 ARG n 
1 104 GLY n 
1 105 GLU n 
1 106 TYR n 
1 107 ASP n 
1 108 ALA n 
1 109 LEU n 
1 110 LEU n 
1 111 PRO n 
1 112 TRP n 
1 113 PRO n 
1 114 PHE n 
1 115 LYS n 
1 116 GLN n 
1 117 LYS n 
1 118 VAL n 
1 119 THR n 
1 120 LEU n 
1 121 MET n 
1 122 LEU n 
1 123 MET n 
1 124 ASP n 
1 125 GLN n 
1 126 GLY n 
1 127 SER n 
1 128 SER n 
1 129 ARG n 
1 130 ARG n 
1 131 HIS n 
1 132 LEU n 
1 133 GLY n 
1 134 ASP n 
1 135 ALA n 
1 136 PHE n 
1 137 LYS n 
1 138 PRO n 
1 139 ASP n 
1 140 PRO n 
1 141 ASN n 
1 142 SER n 
1 143 SER n 
1 144 SER n 
1 145 PHE n 
1 146 LYS n 
1 147 LYS n 
1 148 PRO n 
1 149 THR n 
1 150 GLY n 
1 151 GLU n 
1 152 MET n 
1 153 ASN n 
1 154 ILE n 
1 155 ALA n 
1 156 SER n 
1 157 GLY n 
1 158 CYS n 
1 159 PRO n 
1 160 VAL n 
1 161 PHE n 
1 162 VAL n 
1 163 ALA n 
1 164 GLN n 
1 165 THR n 
1 166 VAL n 
1 167 LEU n 
1 168 GLU n 
1 169 ASN n 
1 170 GLY n 
1 171 THR n 
1 172 TYR n 
1 173 ILE n 
1 174 LYS n 
1 175 ASP n 
1 176 ASP n 
1 177 THR n 
1 178 ILE n 
1 179 PHE n 
1 180 ILE n 
1 181 LYS n 
1 182 VAL n 
1 183 ILE n 
1 184 VAL n 
1 185 ASP n 
1 186 THR n 
1 187 SER n 
1 188 ASP n 
1 189 LEU n 
1 190 PRO n 
1 191 ASP n 
1 192 PRO n 
1 193 LEU n 
1 194 GLU n 
1 195 HIS n 
1 196 HIS n 
1 197 HIS n 
1 198 HIS n 
1 199 HIS n 
1 200 HIS n 
2 1   PRO n 
2 2   TYR n 
2 3   PRO n 
2 4   ILE n 
2 5   PRO n 
2 6   GLU n 
2 7   GLU n 
2 8   GLY n 
2 9   ASP n 
2 10  PRO n 
2 11  GLY n 
2 12  PRO n 
2 13  PRO n 
2 14  GLY n 
2 15  LEU n 
2 16  SER n 
2 17  THR n 
2 18  PRO n 
2 19  HIS n 
2 20  GLN n 
2 21  GLU n 
2 22  ASP n 
2 23  GLY n 
2 24  LYS n 
# 
_entity_src_gen.entity_id                          1 
_entity_src_gen.pdbx_src_id                        1 
_entity_src_gen.pdbx_alt_source_flag               sample 
_entity_src_gen.pdbx_seq_type                      ? 
_entity_src_gen.pdbx_beg_seq_num                   ? 
_entity_src_gen.pdbx_end_seq_num                   ? 
_entity_src_gen.gene_src_common_name               human 
_entity_src_gen.gene_src_genus                     Homo 
_entity_src_gen.pdbx_gene_src_gene                 'TRAF3 OR CRAF1 OR CAP1' 
_entity_src_gen.gene_src_species                   ? 
_entity_src_gen.gene_src_strain                    ? 
_entity_src_gen.gene_src_tissue                    ? 
_entity_src_gen.gene_src_tissue_fraction           ? 
_entity_src_gen.gene_src_details                   ? 
_entity_src_gen.pdbx_gene_src_fragment             ? 
_entity_src_gen.pdbx_gene_src_scientific_name      'Homo sapiens' 
_entity_src_gen.pdbx_gene_src_ncbi_taxonomy_id     9606 
_entity_src_gen.pdbx_gene_src_variant              ? 
_entity_src_gen.pdbx_gene_src_cell_line            ? 
_entity_src_gen.pdbx_gene_src_atcc                 ? 
_entity_src_gen.pdbx_gene_src_organ                ? 
_entity_src_gen.pdbx_gene_src_organelle            ? 
_entity_src_gen.pdbx_gene_src_cell                 ? 
_entity_src_gen.pdbx_gene_src_cellular_location    ? 
_entity_src_gen.host_org_common_name               ? 
_entity_src_gen.pdbx_host_org_scientific_name      'Escherichia coli BL21(DE3)' 
_entity_src_gen.pdbx_host_org_ncbi_taxonomy_id     469008 
_entity_src_gen.host_org_genus                     Escherichia 
_entity_src_gen.pdbx_host_org_gene                 ? 
_entity_src_gen.pdbx_host_org_organ                ? 
_entity_src_gen.host_org_species                   'Escherichia coli' 
_entity_src_gen.pdbx_host_org_tissue               ? 
_entity_src_gen.pdbx_host_org_tissue_fraction      ? 
_entity_src_gen.pdbx_host_org_strain               'BL21 DE3' 
_entity_src_gen.pdbx_host_org_variant              ? 
_entity_src_gen.pdbx_host_org_cell_line            ? 
_entity_src_gen.pdbx_host_org_atcc                 ? 
_entity_src_gen.pdbx_host_org_culture_collection   ? 
_entity_src_gen.pdbx_host_org_cell                 ? 
_entity_src_gen.pdbx_host_org_organelle            ? 
_entity_src_gen.pdbx_host_org_cellular_location    ? 
_entity_src_gen.pdbx_host_org_vector_type          plasmid 
_entity_src_gen.pdbx_host_org_vector               ? 
_entity_src_gen.host_org_details                   ? 
_entity_src_gen.expression_system_id               ? 
_entity_src_gen.plasmid_name                       pET21b 
_entity_src_gen.plasmid_details                    ? 
_entity_src_gen.pdbx_description                   ? 
# 
_pdbx_entity_src_syn.entity_id              2 
_pdbx_entity_src_syn.pdbx_src_id            1 
_pdbx_entity_src_syn.pdbx_alt_source_flag   sample 
_pdbx_entity_src_syn.pdbx_beg_seq_num       ? 
_pdbx_entity_src_syn.pdbx_end_seq_num       ? 
_pdbx_entity_src_syn.organism_scientific    ? 
_pdbx_entity_src_syn.organism_common_name   ? 
_pdbx_entity_src_syn.ncbi_taxonomy_id       ? 
_pdbx_entity_src_syn.details                
'The peptide was chemically synthesized, the sequence of the peptide occurs naturally in humans (Homo sapiens)' 
# 
loop_
_struct_ref.id 
_struct_ref.db_name 
_struct_ref.db_code 
_struct_ref.pdbx_db_accession 
_struct_ref.entity_id 
_struct_ref.pdbx_seq_one_letter_code 
_struct_ref.pdbx_align_begin 
_struct_ref.pdbx_db_isoform 
1 UNP TRAF3_HUMAN Q13114 1 
;NTGLLESQLSRHDQMLSVHDIRLADMDLRFQVLETASYNGVLIWKIRDYKRRKQEAVMGKTLSLYSQPFYTGYFGYKMCA
RVYLNGDGMGKGTHLSLFFVIMRGEYDALLPWPFKQKVTLMLMDQGSSRRHLGDAFKPDPNSSSFKKPTGEMNIASGCPV
FVAQTVLENGTYIKDDTIFIKVIVDTSDLPDP
;
377 ? 
2 UNP TNR3_HUMAN  P36941 2 PYPIPEEGDPGPPGLSTPHQEDGK 385 ? 
# 
loop_
_struct_ref_seq.align_id 
_struct_ref_seq.ref_id 
_struct_ref_seq.pdbx_PDB_id_code 
_struct_ref_seq.pdbx_strand_id 
_struct_ref_seq.seq_align_beg 
_struct_ref_seq.pdbx_seq_align_beg_ins_code 
_struct_ref_seq.seq_align_end 
_struct_ref_seq.pdbx_seq_align_end_ins_code 
_struct_ref_seq.pdbx_db_accession 
_struct_ref_seq.db_align_beg 
_struct_ref_seq.pdbx_db_align_beg_ins_code 
_struct_ref_seq.db_align_end 
_struct_ref_seq.pdbx_db_align_end_ins_code 
_struct_ref_seq.pdbx_auth_seq_align_beg 
_struct_ref_seq.pdbx_auth_seq_align_end 
1 1 1RF3 A 1 ? 192 ? Q13114 377 ? 568 ? 313 504 
2 2 1RF3 B 1 ? 24  ? P36941 385 ? 408 ? 385 408 
# 
loop_
_struct_ref_seq_dif.align_id 
_struct_ref_seq_dif.pdbx_pdb_id_code 
_struct_ref_seq_dif.mon_id 
_struct_ref_seq_dif.pdbx_pdb_strand_id 
_struct_ref_seq_dif.seq_num 
_struct_ref_seq_dif.pdbx_pdb_ins_code 
_struct_ref_seq_dif.pdbx_seq_db_name 
_struct_ref_seq_dif.pdbx_seq_db_accession_code 
_struct_ref_seq_dif.db_mon_id 
_struct_ref_seq_dif.pdbx_seq_db_seq_num 
_struct_ref_seq_dif.details 
_struct_ref_seq_dif.pdbx_auth_seq_num 
_struct_ref_seq_dif.pdbx_ordinal 
1 1RF3 LEU A 193 ? UNP Q13114 ? ? 'expression tag' 505 1 
1 1RF3 GLU A 194 ? UNP Q13114 ? ? 'expression tag' 506 2 
1 1RF3 HIS A 195 ? UNP Q13114 ? ? 'expression tag' 507 3 
1 1RF3 HIS A 196 ? UNP Q13114 ? ? 'expression tag' 508 4 
1 1RF3 HIS A 197 ? UNP Q13114 ? ? 'expression tag' 509 5 
1 1RF3 HIS A 198 ? UNP Q13114 ? ? 'expression tag' 510 6 
1 1RF3 HIS A 199 ? UNP Q13114 ? ? 'expression tag' 511 7 
1 1RF3 HIS A 200 ? UNP Q13114 ? ? 'expression tag' 512 8 
# 
loop_
_chem_comp.id 
_chem_comp.type 
_chem_comp.mon_nstd_flag 
_chem_comp.name 
_chem_comp.pdbx_synonyms 
_chem_comp.formula 
_chem_comp.formula_weight 
ALA 'L-peptide linking' y ALANINE         ? 'C3 H7 N O2'     89.093  
ARG 'L-peptide linking' y ARGININE        ? 'C6 H15 N4 O2 1' 175.209 
ASN 'L-peptide linking' y ASPARAGINE      ? 'C4 H8 N2 O3'    132.118 
ASP 'L-peptide linking' y 'ASPARTIC ACID' ? 'C4 H7 N O4'     133.103 
CYS 'L-peptide linking' y CYSTEINE        ? 'C3 H7 N O2 S'   121.158 
GLN 'L-peptide linking' y GLUTAMINE       ? 'C5 H10 N2 O3'   146.144 
GLU 'L-peptide linking' y 'GLUTAMIC ACID' ? 'C5 H9 N O4'     147.129 
GLY 'peptide linking'   y GLYCINE         ? 'C2 H5 N O2'     75.067  
HIS 'L-peptide linking' y HISTIDINE       ? 'C6 H10 N3 O2 1' 156.162 
ILE 'L-peptide linking' y ISOLEUCINE      ? 'C6 H13 N O2'    131.173 
LEU 'L-peptide linking' y LEUCINE         ? 'C6 H13 N O2'    131.173 
LYS 'L-peptide linking' y LYSINE          ? 'C6 H15 N2 O2 1' 147.195 
MET 'L-peptide linking' y METHIONINE      ? 'C5 H11 N O2 S'  149.211 
PHE 'L-peptide linking' y PHENYLALANINE   ? 'C9 H11 N O2'    165.189 
PRO 'L-peptide linking' y PROLINE         ? 'C5 H9 N O2'     115.130 
SER 'L-peptide linking' y SERINE          ? 'C3 H7 N O3'     105.093 
THR 'L-peptide linking' y THREONINE       ? 'C4 H9 N O3'     119.119 
TRP 'L-peptide linking' y TRYPTOPHAN      ? 'C11 H12 N2 O2'  204.225 
TYR 'L-peptide linking' y TYROSINE        ? 'C9 H11 N O3'    181.189 
VAL 'L-peptide linking' y VALINE          ? 'C5 H11 N O2'    117.146 
# 
_exptl.entry_id          1RF3 
_exptl.method            'X-RAY DIFFRACTION' 
_exptl.crystals_number   1 
# 
_exptl_crystal.id                    1 
_exptl_crystal.density_meas          ? 
_exptl_crystal.density_percent_sol   60.88 
_exptl_crystal.description           ? 
_exptl_crystal.density_Matthews      3.14 
_exptl_crystal.F_000                 ? 
_exptl_crystal.preparation           ? 
# 
_exptl_crystal_grow.crystal_id      1 
_exptl_crystal_grow.method          'VAPOR DIFFUSION, HANGING DROP' 
_exptl_crystal_grow.temp            294 
_exptl_crystal_grow.temp_details    ? 
_exptl_crystal_grow.pH              6.5 
_exptl_crystal_grow.pdbx_details    '15% PEG4000, pH 6.5, VAPOR DIFFUSION, HANGING DROP, temperature 294K' 
_exptl_crystal_grow.pdbx_pH_range   . 
# 
_diffrn.id                     1 
_diffrn.ambient_temp           98 
_diffrn.ambient_temp_details   ? 
_diffrn.crystal_id             1 
# 
_diffrn_detector.diffrn_id              1 
_diffrn_detector.detector               'IMAGE PLATE' 
_diffrn_detector.type                   MARRESEARCH 
_diffrn_detector.pdbx_collection_date   2001-10-18 
_diffrn_detector.details                ? 
# 
_diffrn_radiation.diffrn_id                        1 
_diffrn_radiation.wavelength_id                    1 
_diffrn_radiation.pdbx_monochromatic_or_laue_m_l   M 
_diffrn_radiation.monochromator                    'Si 111' 
_diffrn_radiation.pdbx_diffrn_protocol             'SINGLE WAVELENGTH' 
_diffrn_radiation.pdbx_scattering_type             x-ray 
# 
_diffrn_radiation_wavelength.id           1 
_diffrn_radiation_wavelength.wavelength   1.000 
_diffrn_radiation_wavelength.wt           1.0 
# 
_diffrn_source.diffrn_id                   1 
_diffrn_source.source                      SYNCHROTRON 
_diffrn_source.type                        'SSRL BEAMLINE BL9-1' 
_diffrn_source.pdbx_synchrotron_site       SSRL 
_diffrn_source.pdbx_synchrotron_beamline   BL9-1 
_diffrn_source.pdbx_wavelength             ? 
_diffrn_source.pdbx_wavelength_list        1.000 
# 
_reflns.entry_id                     1RF3 
_reflns.observed_criterion_sigma_F   2.0 
_reflns.observed_criterion_sigma_I   1.0 
_reflns.d_resolution_high            3.5 
_reflns.d_resolution_low             50 
_reflns.number_all                   4026 
_reflns.number_obs                   3177 
_reflns.percent_possible_obs         95.4 
_reflns.pdbx_Rmerge_I_obs            ? 
_reflns.pdbx_Rsym_value              0.12 
_reflns.pdbx_netI_over_sigmaI        8.0 
_reflns.B_iso_Wilson_estimate        15.1 
_reflns.pdbx_redundancy              4.43 
_reflns.R_free_details               ? 
_reflns.limit_h_max                  ? 
_reflns.limit_h_min                  ? 
_reflns.limit_k_max                  ? 
_reflns.limit_k_min                  ? 
_reflns.limit_l_max                  ? 
_reflns.limit_l_min                  ? 
_reflns.observed_criterion_F_max     ? 
_reflns.observed_criterion_F_min     ? 
_reflns.pdbx_chi_squared             ? 
_reflns.pdbx_scaling_rejects         ? 
_reflns.pdbx_diffrn_id               1 
_reflns.pdbx_ordinal                 1 
# 
_reflns_shell.d_res_high             3.50 
_reflns_shell.d_res_low              3.63 
_reflns_shell.percent_possible_all   95.0 
_reflns_shell.Rmerge_I_obs           ? 
_reflns_shell.pdbx_Rsym_value        0.38 
_reflns_shell.meanI_over_sigI_obs    8.0 
_reflns_shell.pdbx_redundancy        ? 
_reflns_shell.percent_possible_obs   ? 
_reflns_shell.number_unique_all      390 
_reflns_shell.number_measured_all    ? 
_reflns_shell.number_measured_obs    ? 
_reflns_shell.number_unique_obs      ? 
_reflns_shell.pdbx_chi_squared       ? 
_reflns_shell.pdbx_diffrn_id         ? 
_reflns_shell.pdbx_ordinal           1 
# 
_refine.entry_id                                 1RF3 
_refine.ls_d_res_high                            3.5 
_refine.ls_d_res_low                             8.0 
_refine.pdbx_ls_sigma_F                          2.0 
_refine.pdbx_ls_sigma_I                          ? 
_refine.ls_number_reflns_all                     3701 
_refine.ls_number_reflns_obs                     3177 
_refine.ls_number_reflns_R_free                  163 
_refine.ls_percent_reflns_obs                    83 
_refine.ls_R_factor_all                          ? 
_refine.ls_R_factor_obs                          ? 
_refine.ls_R_factor_R_work                       0.266 
_refine.ls_R_factor_R_free                       0.315 
_refine.ls_redundancy_reflns_obs                 ? 
_refine.pdbx_data_cutoff_high_absF               ? 
_refine.pdbx_data_cutoff_low_absF                ? 
_refine.ls_number_parameters                     ? 
_refine.ls_number_restraints                     ? 
_refine.ls_percent_reflns_R_free                 ? 
_refine.ls_R_factor_R_free_error                 ? 
_refine.ls_R_factor_R_free_error_details         ? 
_refine.pdbx_method_to_determine_struct          'FOURIER SYNTHESIS' 
_refine.pdbx_starting_model                      'PDB ENTRY 1L0A' 
_refine.pdbx_ls_cross_valid_method               Througout 
_refine.pdbx_R_Free_selection_details            RANDOM 
_refine.pdbx_stereochem_target_val_spec_case     ? 
_refine.pdbx_stereochemistry_target_values       ? 
_refine.solvent_model_details                    ? 
_refine.solvent_model_param_bsol                 ? 
_refine.solvent_model_param_ksol                 ? 
_refine.occupancy_max                            ? 
_refine.occupancy_min                            ? 
_refine.pdbx_isotropic_thermal_model             'Engh & Huber' 
_refine.B_iso_mean                               25.3 
_refine.aniso_B[1][1]                            13.65 
_refine.aniso_B[1][2]                            13.65 
_refine.aniso_B[1][3]                            -27.31 
_refine.aniso_B[2][2]                            -2.69 
_refine.aniso_B[2][3]                            0.0 
_refine.aniso_B[3][3]                            0.0 
_refine.details                                  ? 
_refine.B_iso_min                                ? 
_refine.B_iso_max                                ? 
_refine.correlation_coeff_Fo_to_Fc               ? 
_refine.correlation_coeff_Fo_to_Fc_free          ? 
_refine.pdbx_solvent_vdw_probe_radii             ? 
_refine.pdbx_solvent_ion_probe_radii             ? 
_refine.pdbx_solvent_shrinkage_radii             ? 
_refine.overall_SU_R_Cruickshank_DPI             ? 
_refine.overall_SU_R_free                        ? 
_refine.overall_SU_B                             ? 
_refine.overall_SU_ML                            ? 
_refine.pdbx_overall_ESU_R                       ? 
_refine.pdbx_overall_ESU_R_Free                  ? 
_refine.pdbx_data_cutoff_high_rms_absF           ? 
_refine.ls_wR_factor_R_free                      ? 
_refine.ls_wR_factor_R_work                      ? 
_refine.overall_FOM_free_R_set                   ? 
_refine.overall_FOM_work_R_set                   ? 
_refine.pdbx_refine_id                           'X-RAY DIFFRACTION' 
_refine.pdbx_diffrn_id                           1 
_refine.pdbx_TLS_residual_ADP_flag               ? 
_refine.pdbx_overall_phase_error                 ? 
_refine.pdbx_overall_SU_R_free_Cruickshank_DPI   ? 
_refine.pdbx_overall_SU_R_Blow_DPI               ? 
_refine.pdbx_overall_SU_R_free_Blow_DPI          ? 
# 
_refine_analyze.entry_id                        1RF3 
_refine_analyze.Luzzati_coordinate_error_obs    0.36 
_refine_analyze.Luzzati_sigma_a_obs             0.44 
_refine_analyze.Luzzati_d_res_low_obs           5.0 
_refine_analyze.Luzzati_coordinate_error_free   0.35 
_refine_analyze.Luzzati_sigma_a_free            0.41 
_refine_analyze.Luzzati_d_res_low_free          ? 
_refine_analyze.number_disordered_residues      ? 
_refine_analyze.occupancy_sum_non_hydrogen      ? 
_refine_analyze.occupancy_sum_hydrogen          ? 
_refine_analyze.pdbx_Luzzati_d_res_high_obs     ? 
_refine_analyze.pdbx_refine_id                  'X-RAY DIFFRACTION' 
# 
_refine_hist.pdbx_refine_id                   'X-RAY DIFFRACTION' 
_refine_hist.cycle_id                         LAST 
_refine_hist.pdbx_number_atoms_protein        1709 
_refine_hist.pdbx_number_atoms_nucleic_acid   0 
_refine_hist.pdbx_number_atoms_ligand         0 
_refine_hist.number_atoms_solvent             0 
_refine_hist.number_atoms_total               1709 
_refine_hist.d_res_high                       3.5 
_refine_hist.d_res_low                        8.0 
# 
loop_
_refine_ls_restr.type 
_refine_ls_restr.dev_ideal 
_refine_ls_restr.dev_ideal_target 
_refine_ls_restr.weight 
_refine_ls_restr.number 
_refine_ls_restr.pdbx_refine_id 
_refine_ls_restr.pdbx_restraint_function 
c_bond_d           0.009 ?   ? ? 'X-RAY DIFFRACTION' ? 
c_angle_deg        1.52  ?   ? ? 'X-RAY DIFFRACTION' ? 
c_dihedral_angle_d 24.4  ?   ? ? 'X-RAY DIFFRACTION' ? 
c_improper_angle_d 1.23  ?   ? ? 'X-RAY DIFFRACTION' ? 
c_mcbond_it        1.129 1.5 ? ? 'X-RAY DIFFRACTION' ? 
c_mcangle_it       1.969 2.0 ? ? 'X-RAY DIFFRACTION' ? 
c_scbond_it        1.536 2.0 ? ? 'X-RAY DIFFRACTION' ? 
c_scangle_it       2.534 2.5 ? ? 'X-RAY DIFFRACTION' ? 
# 
loop_
_refine_ls_shell.pdbx_total_number_of_bins_used 
_refine_ls_shell.d_res_high 
_refine_ls_shell.d_res_low 
_refine_ls_shell.number_reflns_R_work 
_refine_ls_shell.R_factor_R_work 
_refine_ls_shell.percent_reflns_obs 
_refine_ls_shell.R_factor_R_free 
_refine_ls_shell.R_factor_R_free_error 
_refine_ls_shell.percent_reflns_R_free 
_refine_ls_shell.number_reflns_R_free 
_refine_ls_shell.number_reflns_obs 
_refine_ls_shell.redundancy_reflns_obs 
_refine_ls_shell.number_reflns_all 
_refine_ls_shell.pdbx_refine_id 
_refine_ls_shell.R_factor_all 
3 3.50 3.64 . 0.262 . 0.276 . . 19 465 . . 'X-RAY DIFFRACTION' . 
3 4.03 4.29 . 0.236 . 0.263 . . 46 671 . . 'X-RAY DIFFRACTION' . 
3 6.0  8.00 . 0.307 . 0.408 . . 38 676 . . 'X-RAY DIFFRACTION' . 
# 
_pdbx_xplor_file.serial_no        1 
_pdbx_xplor_file.param_file       protein_rep.param 
_pdbx_xplor_file.topol_file       protein.top 
_pdbx_xplor_file.pdbx_refine_id   'X-RAY DIFFRACTION' 
# 
_struct.entry_id                  1RF3 
_struct.title                     
'Structurally Distinct Recognition Motifs in Lymphotoxin-B Receptor and CD40 for TRAF-mediated Signaling' 
_struct.pdbx_model_details        ? 
_struct.pdbx_CASP_flag            ? 
_struct.pdbx_model_type_details   ? 
# 
_struct_keywords.entry_id        1RF3 
_struct_keywords.pdbx_keywords   'SIGNALING PROTEIN' 
_struct_keywords.text            'CD40, NF-KB signaling, LTBR, TNF receptor, TRAF3 crystallography, SIGNALING PROTEIN' 
# 
loop_
_struct_asym.id 
_struct_asym.pdbx_blank_PDB_chainid_flag 
_struct_asym.pdbx_modified 
_struct_asym.entity_id 
_struct_asym.details 
A N N 1 ? 
B N N 2 ? 
# 
loop_
_struct_conf.conf_type_id 
_struct_conf.id 
_struct_conf.pdbx_PDB_helix_id 
_struct_conf.beg_label_comp_id 
_struct_conf.beg_label_asym_id 
_struct_conf.beg_label_seq_id 
_struct_conf.pdbx_beg_PDB_ins_code 
_struct_conf.end_label_comp_id 
_struct_conf.end_label_asym_id 
_struct_conf.end_label_seq_id 
_struct_conf.pdbx_end_PDB_ins_code 
_struct_conf.beg_auth_comp_id 
_struct_conf.beg_auth_asym_id 
_struct_conf.beg_auth_seq_id 
_struct_conf.end_auth_comp_id 
_struct_conf.end_auth_asym_id 
_struct_conf.end_auth_seq_id 
_struct_conf.pdbx_PDB_helix_class 
_struct_conf.details 
_struct_conf.pdbx_PDB_helix_length 
HELX_P HELX_P1 1 GLY A 3   ? ARG A 29  ? GLY A 315 ARG A 341 1 ? 27 
HELX_P HELX_P2 2 PHE A 30  ? THR A 35  ? PHE A 342 THR A 347 5 ? 6  
HELX_P HELX_P3 3 ASP A 48  ? GLY A 59  ? ASP A 360 GLY A 371 1 ? 12 
HELX_P HELX_P4 4 ALA A 163 ? ASN A 169 ? ALA A 475 ASN A 481 1 ? 7  
# 
_struct_conf_type.id          HELX_P 
_struct_conf_type.criteria    ? 
_struct_conf_type.reference   ? 
# 
_struct_mon_prot_cis.pdbx_id                1 
_struct_mon_prot_cis.label_comp_id          TRP 
_struct_mon_prot_cis.label_seq_id           112 
_struct_mon_prot_cis.label_asym_id          A 
_struct_mon_prot_cis.label_alt_id           . 
_struct_mon_prot_cis.pdbx_PDB_ins_code      ? 
_struct_mon_prot_cis.auth_comp_id           TRP 
_struct_mon_prot_cis.auth_seq_id            424 
_struct_mon_prot_cis.auth_asym_id           A 
_struct_mon_prot_cis.pdbx_label_comp_id_2   PRO 
_struct_mon_prot_cis.pdbx_label_seq_id_2    113 
_struct_mon_prot_cis.pdbx_label_asym_id_2   A 
_struct_mon_prot_cis.pdbx_PDB_ins_code_2    ? 
_struct_mon_prot_cis.pdbx_auth_comp_id_2    PRO 
_struct_mon_prot_cis.pdbx_auth_seq_id_2     425 
_struct_mon_prot_cis.pdbx_auth_asym_id_2    A 
_struct_mon_prot_cis.pdbx_PDB_model_num     1 
_struct_mon_prot_cis.pdbx_omega_angle       0.06 
# 
loop_
_struct_sheet.id 
_struct_sheet.type 
_struct_sheet.number_strands 
_struct_sheet.details 
A ? 4 ? 
B ? 2 ? 
C ? 2 ? 
# 
loop_
_struct_sheet_order.sheet_id 
_struct_sheet_order.range_id_1 
_struct_sheet_order.range_id_2 
_struct_sheet_order.offset 
_struct_sheet_order.sense 
A 1 2 ? anti-parallel 
A 2 3 ? anti-parallel 
A 3 4 ? anti-parallel 
B 1 2 ? anti-parallel 
C 1 2 ? anti-parallel 
# 
loop_
_struct_sheet_range.sheet_id 
_struct_sheet_range.id 
_struct_sheet_range.beg_label_comp_id 
_struct_sheet_range.beg_label_asym_id 
_struct_sheet_range.beg_label_seq_id 
_struct_sheet_range.pdbx_beg_PDB_ins_code 
_struct_sheet_range.end_label_comp_id 
_struct_sheet_range.end_label_asym_id 
_struct_sheet_range.end_label_seq_id 
_struct_sheet_range.pdbx_end_PDB_ins_code 
_struct_sheet_range.beg_auth_comp_id 
_struct_sheet_range.beg_auth_asym_id 
_struct_sheet_range.beg_auth_seq_id 
_struct_sheet_range.end_auth_comp_id 
_struct_sheet_range.end_auth_asym_id 
_struct_sheet_range.end_auth_seq_id 
A 1 ILE A 43  ? ARG A 47  ? ILE A 355 ARG A 359 
A 2 THR A 177 ? LYS A 181 ? THR A 489 LYS A 493 
A 3 LEU A 120 ? LEU A 122 ? LEU A 432 LEU A 434 
A 4 GLY A 133 ? ASP A 134 ? GLY A 445 ASP A 446 
B 1 PHE A 69  ? TYR A 70  ? PHE A 381 TYR A 382 
B 2 LYS A 77  ? MET A 78  ? LYS A 389 MET A 390 
C 1 ARG A 81  ? TYR A 83  ? ARG A 393 TYR A 395 
C 2 SER A 96  ? PHE A 98  ? SER A 408 PHE A 410 
# 
loop_
_pdbx_struct_sheet_hbond.sheet_id 
_pdbx_struct_sheet_hbond.range_id_1 
_pdbx_struct_sheet_hbond.range_id_2 
_pdbx_struct_sheet_hbond.range_1_label_atom_id 
_pdbx_struct_sheet_hbond.range_1_label_comp_id 
_pdbx_struct_sheet_hbond.range_1_label_asym_id 
_pdbx_struct_sheet_hbond.range_1_label_seq_id 
_pdbx_struct_sheet_hbond.range_1_PDB_ins_code 
_pdbx_struct_sheet_hbond.range_1_auth_atom_id 
_pdbx_struct_sheet_hbond.range_1_auth_comp_id 
_pdbx_struct_sheet_hbond.range_1_auth_asym_id 
_pdbx_struct_sheet_hbond.range_1_auth_seq_id 
_pdbx_struct_sheet_hbond.range_2_label_atom_id 
_pdbx_struct_sheet_hbond.range_2_label_comp_id 
_pdbx_struct_sheet_hbond.range_2_label_asym_id 
_pdbx_struct_sheet_hbond.range_2_label_seq_id 
_pdbx_struct_sheet_hbond.range_2_PDB_ins_code 
_pdbx_struct_sheet_hbond.range_2_auth_atom_id 
_pdbx_struct_sheet_hbond.range_2_auth_comp_id 
_pdbx_struct_sheet_hbond.range_2_auth_asym_id 
_pdbx_struct_sheet_hbond.range_2_auth_seq_id 
A 1 2 N TRP A 44  ? N TRP A 356 O ILE A 180 ? O ILE A 492 
A 2 3 O LYS A 181 ? O LYS A 493 N MET A 121 ? N MET A 433 
A 3 4 N LEU A 120 ? N LEU A 432 O ASP A 134 ? O ASP A 446 
B 1 2 N PHE A 69  ? N PHE A 381 O MET A 78  ? O MET A 390 
C 1 2 N ARG A 81  ? N ARG A 393 O PHE A 98  ? O PHE A 410 
# 
_atom_sites.entry_id                    1RF3 
_atom_sites.fract_transf_matrix[1][1]   -0.00421449 
_atom_sites.fract_transf_matrix[1][2]   0.00511978 
_atom_sites.fract_transf_matrix[1][3]   -0.01209707 
_atom_sites.fract_transf_matrix[2][1]   -0.01269345 
_atom_sites.fract_transf_matrix[2][2]   0.00526569 
_atom_sites.fract_transf_matrix[2][3]   -0.00121593 
_atom_sites.fract_transf_matrix[3][1]   0.00440835 
_atom_sites.fract_transf_matrix[3][2]   0.01138472 
_atom_sites.fract_transf_matrix[3][3]   0.00328248 
_atom_sites.fract_transf_vector[1]      0.057027 
_atom_sites.fract_transf_vector[2]      0.534077 
_atom_sites.fract_transf_vector[3]      0.241754 
# 
loop_
_atom_type.symbol 
C 
N 
O 
S 
# 
loop_
_atom_site.group_PDB 
_atom_site.id 
_atom_site.type_symbol 
_atom_site.label_atom_id 
_atom_site.label_alt_id 
_atom_site.label_comp_id 
_atom_site.label_asym_id 
_atom_site.label_entity_id 
_atom_site.label_seq_id 
_atom_site.pdbx_PDB_ins_code 
_atom_site.Cartn_x 
_atom_site.Cartn_y 
_atom_site.Cartn_z 
_atom_site.occupancy 
_atom_site.B_iso_or_equiv 
_atom_site.pdbx_formal_charge 
_atom_site.auth_seq_id 
_atom_site.auth_comp_id 
_atom_site.auth_asym_id 
_atom_site.auth_atom_id 
_atom_site.pdbx_PDB_model_num 
ATOM 1    N N   . ASN A 1 1   ? -16.687 -43.887 -29.361 1.00 37.22 ? 313 ASN A N   1 
ATOM 2    C CA  . ASN A 1 1   ? -17.115 -43.656 -30.773 1.00 37.01 ? 313 ASN A CA  1 
ATOM 3    C C   . ASN A 1 1   ? -16.884 -42.202 -31.167 1.00 36.85 ? 313 ASN A C   1 
ATOM 4    O O   . ASN A 1 1   ? -15.794 -41.833 -31.628 1.00 35.95 ? 313 ASN A O   1 
ATOM 5    C CB  . ASN A 1 1   ? -18.605 -43.993 -30.945 1.00 36.84 ? 313 ASN A CB  1 
ATOM 6    C CG  . ASN A 1 1   ? -19.122 -43.696 -32.358 1.00 36.43 ? 313 ASN A CG  1 
ATOM 7    O OD1 . ASN A 1 1   ? -20.329 -43.621 -32.579 1.00 35.89 ? 313 ASN A OD1 1 
ATOM 8    N ND2 . ASN A 1 1   ? -18.207 -43.532 -33.315 1.00 36.14 ? 313 ASN A ND2 1 
ATOM 9    N N   . THR A 1 2   ? -17.932 -41.398 -30.977 1.00 36.51 ? 314 THR A N   1 
ATOM 10   C CA  . THR A 1 2   ? -17.938 -39.969 -31.288 1.00 34.80 ? 314 THR A CA  1 
ATOM 11   C C   . THR A 1 2   ? -17.023 -39.212 -30.306 1.00 34.24 ? 314 THR A C   1 
ATOM 12   O O   . THR A 1 2   ? -17.069 -37.978 -30.186 1.00 33.07 ? 314 THR A O   1 
ATOM 13   C CB  . THR A 1 2   ? -19.392 -39.417 -31.234 1.00 33.78 ? 314 THR A CB  1 
ATOM 14   O OG1 . THR A 1 2   ? -19.391 -38.027 -31.573 1.00 34.10 ? 314 THR A OG1 1 
ATOM 15   C CG2 . THR A 1 2   ? -20.001 -39.616 -29.847 1.00 33.30 ? 314 THR A CG2 1 
ATOM 16   N N   . GLY A 1 3   ? -16.182 -39.992 -29.625 1.00 32.98 ? 315 GLY A N   1 
ATOM 17   C CA  . GLY A 1 3   ? -15.227 -39.475 -28.660 1.00 28.89 ? 315 GLY A CA  1 
ATOM 18   C C   . GLY A 1 3   ? -14.548 -38.191 -29.068 1.00 25.00 ? 315 GLY A C   1 
ATOM 19   O O   . GLY A 1 3   ? -13.873 -37.563 -28.264 1.00 24.65 ? 315 GLY A O   1 
ATOM 20   N N   . LEU A 1 4   ? -14.708 -37.804 -30.322 1.00 21.69 ? 316 LEU A N   1 
ATOM 21   C CA  . LEU A 1 4   ? -14.115 -36.570 -30.784 1.00 19.79 ? 316 LEU A CA  1 
ATOM 22   C C   . LEU A 1 4   ? -14.994 -35.461 -30.218 1.00 18.97 ? 316 LEU A C   1 
ATOM 23   O O   . LEU A 1 4   ? -14.499 -34.497 -29.630 1.00 19.35 ? 316 LEU A O   1 
ATOM 24   C CB  . LEU A 1 4   ? -14.104 -36.500 -32.325 1.00 18.58 ? 316 LEU A CB  1 
ATOM 25   C CG  . LEU A 1 4   ? -13.328 -37.531 -33.163 1.00 17.20 ? 316 LEU A CG  1 
ATOM 26   C CD1 . LEU A 1 4   ? -13.395 -37.167 -34.647 1.00 15.20 ? 316 LEU A CD1 1 
ATOM 27   C CD2 . LEU A 1 4   ? -11.890 -37.581 -32.703 1.00 16.09 ? 316 LEU A CD2 1 
ATOM 28   N N   . LEU A 1 5   ? -16.307 -35.627 -30.369 1.00 16.95 ? 317 LEU A N   1 
ATOM 29   C CA  . LEU A 1 5   ? -17.265 -34.629 -29.907 1.00 14.13 ? 317 LEU A CA  1 
ATOM 30   C C   . LEU A 1 5   ? -17.016 -34.066 -28.524 1.00 15.00 ? 317 LEU A C   1 
ATOM 31   O O   . LEU A 1 5   ? -17.354 -32.920 -28.256 1.00 15.33 ? 317 LEU A O   1 
ATOM 32   C CB  . LEU A 1 5   ? -18.683 -35.173 -29.981 1.00 9.60  ? 317 LEU A CB  1 
ATOM 33   C CG  . LEU A 1 5   ? -19.459 -34.440 -31.066 1.00 6.94  ? 317 LEU A CG  1 
ATOM 34   C CD1 . LEU A 1 5   ? -18.726 -34.538 -32.400 1.00 5.07  ? 317 LEU A CD1 1 
ATOM 35   C CD2 . LEU A 1 5   ? -20.845 -35.027 -31.156 1.00 6.52  ? 317 LEU A CD2 1 
ATOM 36   N N   . GLU A 1 6   ? -16.428 -34.859 -27.641 1.00 16.37 ? 318 GLU A N   1 
ATOM 37   C CA  . GLU A 1 6   ? -16.154 -34.375 -26.298 1.00 17.31 ? 318 GLU A CA  1 
ATOM 38   C C   . GLU A 1 6   ? -14.754 -33.802 -26.330 1.00 16.91 ? 318 GLU A C   1 
ATOM 39   O O   . GLU A 1 6   ? -14.436 -32.860 -25.598 1.00 17.48 ? 318 GLU A O   1 
ATOM 40   C CB  . GLU A 1 6   ? -16.214 -35.511 -25.275 1.00 19.25 ? 318 GLU A CB  1 
ATOM 41   C CG  . GLU A 1 6   ? -17.209 -36.619 -25.595 1.00 20.88 ? 318 GLU A CG  1 
ATOM 42   C CD  . GLU A 1 6   ? -16.668 -37.642 -26.595 1.00 21.63 ? 318 GLU A CD  1 
ATOM 43   O OE1 . GLU A 1 6   ? -16.701 -37.374 -27.825 1.00 20.56 ? 318 GLU A OE1 1 
ATOM 44   O OE2 . GLU A 1 6   ? -16.205 -38.713 -26.139 1.00 21.67 ? 318 GLU A OE2 1 
ATOM 45   N N   . SER A 1 7   ? -13.922 -34.387 -27.189 1.00 16.29 ? 319 SER A N   1 
ATOM 46   C CA  . SER A 1 7   ? -12.541 -33.950 -27.349 1.00 16.95 ? 319 SER A CA  1 
ATOM 47   C C   . SER A 1 7   ? -12.548 -32.432 -27.649 1.00 18.88 ? 319 SER A C   1 
ATOM 48   O O   . SER A 1 7   ? -11.773 -31.654 -27.067 1.00 18.96 ? 319 SER A O   1 
ATOM 49   C CB  . SER A 1 7   ? -11.892 -34.738 -28.493 1.00 14.39 ? 319 SER A CB  1 
ATOM 50   O OG  . SER A 1 7   ? -10.483 -34.748 -28.374 1.00 12.96 ? 319 SER A OG  1 
ATOM 51   N N   . GLN A 1 8   ? -13.446 -32.027 -28.553 1.00 19.77 ? 320 GLN A N   1 
ATOM 52   C CA  . GLN A 1 8   ? -13.607 -30.628 -28.939 1.00 17.19 ? 320 GLN A CA  1 
ATOM 53   C C   . GLN A 1 8   ? -14.224 -29.940 -27.743 1.00 16.22 ? 320 GLN A C   1 
ATOM 54   O O   . GLN A 1 8   ? -13.688 -28.955 -27.256 1.00 18.17 ? 320 GLN A O   1 
ATOM 55   C CB  . GLN A 1 8   ? -14.554 -30.510 -30.125 1.00 17.87 ? 320 GLN A CB  1 
ATOM 56   C CG  . GLN A 1 8   ? -14.164 -29.458 -31.138 1.00 18.57 ? 320 GLN A CG  1 
ATOM 57   C CD  . GLN A 1 8   ? -12.872 -29.804 -31.864 1.00 19.47 ? 320 GLN A CD  1 
ATOM 58   O OE1 . GLN A 1 8   ? -12.615 -29.308 -32.979 1.00 18.69 ? 320 GLN A OE1 1 
ATOM 59   N NE2 . GLN A 1 8   ? -12.045 -30.650 -31.238 1.00 17.50 ? 320 GLN A NE2 1 
ATOM 60   N N   . LEU A 1 9   ? -15.354 -30.461 -27.274 1.00 13.30 ? 321 LEU A N   1 
ATOM 61   C CA  . LEU A 1 9   ? -16.013 -29.887 -26.103 1.00 12.05 ? 321 LEU A CA  1 
ATOM 62   C C   . LEU A 1 9   ? -14.951 -29.519 -25.065 1.00 12.63 ? 321 LEU A C   1 
ATOM 63   O O   . LEU A 1 9   ? -14.791 -28.353 -24.692 1.00 12.56 ? 321 LEU A O   1 
ATOM 64   C CB  . LEU A 1 9   ? -16.983 -30.896 -25.462 1.00 10.00 ? 321 LEU A CB  1 
ATOM 65   C CG  . LEU A 1 9   ? -18.496 -30.958 -25.720 1.00 4.84  ? 321 LEU A CG  1 
ATOM 66   C CD1 . LEU A 1 9   ? -19.043 -32.146 -24.941 1.00 3.60  ? 321 LEU A CD1 1 
ATOM 67   C CD2 . LEU A 1 9   ? -19.194 -29.686 -25.280 1.00 1.00  ? 321 LEU A CD2 1 
ATOM 68   N N   . SER A 1 10  ? -14.222 -30.529 -24.610 1.00 13.07 ? 322 SER A N   1 
ATOM 69   C CA  . SER A 1 10  ? -13.193 -30.327 -23.609 1.00 14.94 ? 322 SER A CA  1 
ATOM 70   C C   . SER A 1 10  ? -12.203 -29.235 -24.026 1.00 14.71 ? 322 SER A C   1 
ATOM 71   O O   . SER A 1 10  ? -11.746 -28.442 -23.193 1.00 14.43 ? 322 SER A O   1 
ATOM 72   C CB  . SER A 1 10  ? -12.469 -31.651 -23.358 1.00 17.50 ? 322 SER A CB  1 
ATOM 73   O OG  . SER A 1 10  ? -11.658 -31.593 -22.192 1.00 20.64 ? 322 SER A OG  1 
ATOM 74   N N   . ARG A 1 11  ? -11.869 -29.200 -25.315 1.00 14.55 ? 323 ARG A N   1 
ATOM 75   C CA  . ARG A 1 11  ? -10.952 -28.191 -25.845 1.00 14.13 ? 323 ARG A CA  1 
ATOM 76   C C   . ARG A 1 11  ? -11.606 -26.821 -25.656 1.00 14.60 ? 323 ARG A C   1 
ATOM 77   O O   . ARG A 1 11  ? -10.942 -25.867 -25.256 1.00 16.21 ? 323 ARG A O   1 
ATOM 78   C CB  . ARG A 1 11  ? -10.679 -28.445 -27.337 1.00 12.90 ? 323 ARG A CB  1 
ATOM 79   C CG  . ARG A 1 11  ? -9.199  -28.480 -27.749 1.00 9.06  ? 323 ARG A CG  1 
ATOM 80   C CD  . ARG A 1 11  ? -8.697  -27.171 -28.349 1.00 6.42  ? 323 ARG A CD  1 
ATOM 81   N NE  . ARG A 1 11  ? -9.095  -26.916 -29.743 1.00 4.49  ? 323 ARG A NE  1 
ATOM 82   C CZ  . ARG A 1 11  ? -10.333 -26.635 -30.167 1.00 2.94  ? 323 ARG A CZ  1 
ATOM 83   N NH1 . ARG A 1 11  ? -11.354 -26.579 -29.318 1.00 2.98  ? 323 ARG A NH1 1 
ATOM 84   N NH2 . ARG A 1 11  ? -10.546 -26.348 -31.448 1.00 1.00  ? 323 ARG A NH2 1 
ATOM 85   N N   . HIS A 1 12  ? -12.906 -26.741 -25.932 1.00 13.91 ? 324 HIS A N   1 
ATOM 86   C CA  . HIS A 1 12  ? -13.674 -25.507 -25.792 1.00 14.29 ? 324 HIS A CA  1 
ATOM 87   C C   . HIS A 1 12  ? -13.812 -24.993 -24.355 1.00 16.27 ? 324 HIS A C   1 
ATOM 88   O O   . HIS A 1 12  ? -13.809 -23.778 -24.128 1.00 16.71 ? 324 HIS A O   1 
ATOM 89   C CB  . HIS A 1 12  ? -15.076 -25.706 -26.356 1.00 13.57 ? 324 HIS A CB  1 
ATOM 90   C CG  . HIS A 1 12  ? -15.155 -25.570 -27.839 1.00 13.72 ? 324 HIS A CG  1 
ATOM 91   N ND1 . HIS A 1 12  ? -14.078 -25.810 -28.666 1.00 14.15 ? 324 HIS A ND1 1 
ATOM 92   C CD2 . HIS A 1 12  ? -16.192 -25.251 -28.651 1.00 14.33 ? 324 HIS A CD2 1 
ATOM 93   C CE1 . HIS A 1 12  ? -14.449 -25.644 -29.925 1.00 14.00 ? 324 HIS A CE1 1 
ATOM 94   N NE2 . HIS A 1 12  ? -15.727 -25.305 -29.944 1.00 13.91 ? 324 HIS A NE2 1 
ATOM 95   N N   . ASP A 1 13  ? -13.938 -25.915 -23.397 1.00 18.47 ? 325 ASP A N   1 
ATOM 96   C CA  . ASP A 1 13  ? -14.121 -25.583 -21.978 1.00 20.03 ? 325 ASP A CA  1 
ATOM 97   C C   . ASP A 1 13  ? -12.955 -24.876 -21.271 1.00 21.32 ? 325 ASP A C   1 
ATOM 98   O O   . ASP A 1 13  ? -13.193 -23.936 -20.508 1.00 21.14 ? 325 ASP A O   1 
ATOM 99   C CB  . ASP A 1 13  ? -14.497 -26.848 -21.192 1.00 20.66 ? 325 ASP A CB  1 
ATOM 100  C CG  . ASP A 1 13  ? -15.421 -26.562 -20.003 1.00 21.06 ? 325 ASP A CG  1 
ATOM 101  O OD1 . ASP A 1 13  ? -15.093 -26.982 -18.866 1.00 21.05 ? 325 ASP A OD1 1 
ATOM 102  O OD2 . ASP A 1 13  ? -16.484 -25.932 -20.203 1.00 20.31 ? 325 ASP A OD2 1 
ATOM 103  N N   . GLN A 1 14  ? -11.709 -25.310 -21.487 1.00 22.22 ? 326 GLN A N   1 
ATOM 104  C CA  . GLN A 1 14  ? -10.587 -24.627 -20.822 1.00 23.89 ? 326 GLN A CA  1 
ATOM 105  C C   . GLN A 1 14  ? -10.249 -23.316 -21.530 1.00 24.52 ? 326 GLN A C   1 
ATOM 106  O O   . GLN A 1 14  ? -10.085 -22.274 -20.890 1.00 24.02 ? 326 GLN A O   1 
ATOM 107  C CB  . GLN A 1 14  ? -9.314  -25.482 -20.763 1.00 23.89 ? 326 GLN A CB  1 
ATOM 108  C CG  . GLN A 1 14  ? -8.275  -24.897 -19.765 1.00 22.85 ? 326 GLN A CG  1 
ATOM 109  C CD  . GLN A 1 14  ? -6.822  -25.097 -20.185 1.00 23.06 ? 326 GLN A CD  1 
ATOM 110  O OE1 . GLN A 1 14  ? -6.397  -24.607 -21.231 1.00 22.96 ? 326 GLN A OE1 1 
ATOM 111  N NE2 . GLN A 1 14  ? -6.053  -25.817 -19.363 1.00 22.58 ? 326 GLN A NE2 1 
ATOM 112  N N   . MET A 1 15  ? -10.121 -23.378 -22.851 1.00 25.39 ? 327 MET A N   1 
ATOM 113  C CA  . MET A 1 15  ? -9.841  -22.181 -23.625 1.00 25.64 ? 327 MET A CA  1 
ATOM 114  C C   . MET A 1 15  ? -10.893 -21.196 -23.164 1.00 24.34 ? 327 MET A C   1 
ATOM 115  O O   . MET A 1 15  ? -10.644 -19.999 -23.083 1.00 25.99 ? 327 MET A O   1 
ATOM 116  C CB  . MET A 1 15  ? -10.026 -22.443 -25.121 1.00 28.39 ? 327 MET A CB  1 
ATOM 117  C CG  . MET A 1 15  ? -9.905  -21.195 -25.993 1.00 31.24 ? 327 MET A CG  1 
ATOM 118  S SD  . MET A 1 15  ? -8.211  -20.535 -26.034 1.00 35.61 ? 327 MET A SD  1 
ATOM 119  C CE  . MET A 1 15  ? -7.665  -21.061 -27.699 1.00 36.15 ? 327 MET A CE  1 
ATOM 120  N N   . LEU A 1 16  ? -12.071 -21.732 -22.856 1.00 22.31 ? 328 LEU A N   1 
ATOM 121  C CA  . LEU A 1 16  ? -13.209 -20.949 -22.388 1.00 20.33 ? 328 LEU A CA  1 
ATOM 122  C C   . LEU A 1 16  ? -12.907 -20.355 -21.008 1.00 19.53 ? 328 LEU A C   1 
ATOM 123  O O   . LEU A 1 16  ? -12.992 -19.143 -20.804 1.00 18.16 ? 328 LEU A O   1 
ATOM 124  C CB  . LEU A 1 16  ? -14.452 -21.847 -22.328 1.00 18.70 ? 328 LEU A CB  1 
ATOM 125  C CG  . LEU A 1 16  ? -15.854 -21.239 -22.268 1.00 17.86 ? 328 LEU A CG  1 
ATOM 126  C CD1 . LEU A 1 16  ? -16.100 -20.357 -23.469 1.00 16.61 ? 328 LEU A CD1 1 
ATOM 127  C CD2 . LEU A 1 16  ? -16.867 -22.359 -22.239 1.00 17.09 ? 328 LEU A CD2 1 
ATOM 128  N N   . SER A 1 17  ? -12.547 -21.207 -20.058 1.00 19.15 ? 329 SER A N   1 
ATOM 129  C CA  . SER A 1 17  ? -12.233 -20.717 -18.727 1.00 20.39 ? 329 SER A CA  1 
ATOM 130  C C   . SER A 1 17  ? -11.058 -19.732 -18.808 1.00 20.71 ? 329 SER A C   1 
ATOM 131  O O   . SER A 1 17  ? -10.942 -18.808 -17.998 1.00 20.47 ? 329 SER A O   1 
ATOM 132  C CB  . SER A 1 17  ? -11.884 -21.887 -17.806 1.00 20.21 ? 329 SER A CB  1 
ATOM 133  O OG  . SER A 1 17  ? -10.727 -22.556 -18.273 1.00 21.49 ? 329 SER A OG  1 
ATOM 134  N N   . VAL A 1 18  ? -10.183 -19.940 -19.786 1.00 21.73 ? 330 VAL A N   1 
ATOM 135  C CA  . VAL A 1 18  ? -9.026  -19.066 -19.983 1.00 21.57 ? 330 VAL A CA  1 
ATOM 136  C C   . VAL A 1 18  ? -9.495  -17.621 -20.053 1.00 20.85 ? 330 VAL A C   1 
ATOM 137  O O   . VAL A 1 18  ? -9.052  -16.774 -19.282 1.00 21.92 ? 330 VAL A O   1 
ATOM 138  C CB  . VAL A 1 18  ? -8.273  -19.419 -21.302 1.00 22.16 ? 330 VAL A CB  1 
ATOM 139  C CG1 . VAL A 1 18  ? -7.569  -18.183 -21.868 1.00 21.12 ? 330 VAL A CG1 1 
ATOM 140  C CG2 . VAL A 1 18  ? -7.269  -20.541 -21.042 1.00 21.32 ? 330 VAL A CG2 1 
ATOM 141  N N   . HIS A 1 19  ? -10.394 -17.352 -20.986 1.00 18.74 ? 331 HIS A N   1 
ATOM 142  C CA  . HIS A 1 19  ? -10.922 -16.021 -21.155 1.00 18.56 ? 331 HIS A CA  1 
ATOM 143  C C   . HIS A 1 19  ? -11.623 -15.556 -19.873 1.00 19.37 ? 331 HIS A C   1 
ATOM 144  O O   . HIS A 1 19  ? -11.538 -14.386 -19.484 1.00 19.53 ? 331 HIS A O   1 
ATOM 145  C CB  . HIS A 1 19  ? -11.891 -16.013 -22.334 1.00 18.32 ? 331 HIS A CB  1 
ATOM 146  C CG  . HIS A 1 19  ? -11.260 -16.403 -23.636 1.00 18.61 ? 331 HIS A CG  1 
ATOM 147  N ND1 . HIS A 1 19  ? -11.934 -16.346 -24.839 1.00 18.11 ? 331 HIS A ND1 1 
ATOM 148  C CD2 . HIS A 1 19  ? -10.013 -16.851 -23.924 1.00 18.36 ? 331 HIS A CD2 1 
ATOM 149  C CE1 . HIS A 1 19  ? -11.130 -16.738 -25.810 1.00 17.85 ? 331 HIS A CE1 1 
ATOM 150  N NE2 . HIS A 1 19  ? -9.958  -17.050 -25.283 1.00 18.28 ? 331 HIS A NE2 1 
ATOM 151  N N   . ASP A 1 20  ? -12.309 -16.476 -19.202 1.00 20.31 ? 332 ASP A N   1 
ATOM 152  C CA  . ASP A 1 20  ? -13.016 -16.131 -17.967 1.00 19.65 ? 332 ASP A CA  1 
ATOM 153  C C   . ASP A 1 20  ? -11.992 -15.761 -16.892 1.00 17.46 ? 332 ASP A C   1 
ATOM 154  O O   . ASP A 1 20  ? -12.348 -15.433 -15.759 1.00 17.38 ? 332 ASP A O   1 
ATOM 155  C CB  . ASP A 1 20  ? -13.892 -17.313 -17.517 1.00 21.22 ? 332 ASP A CB  1 
ATOM 156  C CG  . ASP A 1 20  ? -15.227 -16.870 -16.921 1.00 22.26 ? 332 ASP A CG  1 
ATOM 157  O OD1 . ASP A 1 20  ? -15.788 -15.840 -17.375 1.00 21.21 ? 332 ASP A OD1 1 
ATOM 158  O OD2 . ASP A 1 20  ? -15.725 -17.573 -16.013 1.00 24.01 ? 332 ASP A OD2 1 
ATOM 159  N N   . ILE A 1 21  ? -10.716 -15.839 -17.265 1.00 14.93 ? 333 ILE A N   1 
ATOM 160  C CA  . ILE A 1 21  ? -9.619  -15.479 -16.380 1.00 13.50 ? 333 ILE A CA  1 
ATOM 161  C C   . ILE A 1 21  ? -9.069  -14.197 -16.960 1.00 12.79 ? 333 ILE A C   1 
ATOM 162  O O   . ILE A 1 21  ? -8.990  -13.190 -16.268 1.00 12.72 ? 333 ILE A O   1 
ATOM 163  C CB  . ILE A 1 21  ? -8.486  -16.536 -16.358 1.00 13.53 ? 333 ILE A CB  1 
ATOM 164  C CG1 . ILE A 1 21  ? -9.005  -17.855 -15.762 1.00 14.09 ? 333 ILE A CG1 1 
ATOM 165  C CG2 . ILE A 1 21  ? -7.302  -16.010 -15.539 1.00 11.39 ? 333 ILE A CG2 1 
ATOM 166  C CD1 . ILE A 1 21  ? -9.378  -17.777 -14.279 1.00 13.22 ? 333 ILE A CD1 1 
ATOM 167  N N   . ARG A 1 22  ? -8.693  -14.231 -18.235 1.00 13.08 ? 334 ARG A N   1 
ATOM 168  C CA  . ARG A 1 22  ? -8.181  -13.029 -18.898 1.00 12.28 ? 334 ARG A CA  1 
ATOM 169  C C   . ARG A 1 22  ? -9.240  -11.941 -18.686 1.00 11.49 ? 334 ARG A C   1 
ATOM 170  O O   . ARG A 1 22  ? -9.039  -11.016 -17.900 1.00 12.61 ? 334 ARG A O   1 
ATOM 171  C CB  . ARG A 1 22  ? -7.955  -13.266 -20.407 1.00 12.06 ? 334 ARG A CB  1 
ATOM 172  C CG  . ARG A 1 22  ? -6.857  -14.285 -20.742 1.00 12.28 ? 334 ARG A CG  1 
ATOM 173  C CD  . ARG A 1 22  ? -6.050  -13.875 -21.977 1.00 12.97 ? 334 ARG A CD  1 
ATOM 174  N NE  . ARG A 1 22  ? -6.926  -13.347 -23.020 1.00 15.96 ? 334 ARG A NE  1 
ATOM 175  C CZ  . ARG A 1 22  ? -6.542  -13.045 -24.262 1.00 18.17 ? 334 ARG A CZ  1 
ATOM 176  N NH1 . ARG A 1 22  ? -5.275  -13.214 -24.637 1.00 19.22 ? 334 ARG A NH1 1 
ATOM 177  N NH2 . ARG A 1 22  ? -7.430  -12.582 -25.141 1.00 18.03 ? 334 ARG A NH2 1 
ATOM 178  N N   . LEU A 1 23  ? -10.369 -12.068 -19.373 1.00 9.25  ? 335 LEU A N   1 
ATOM 179  C CA  . LEU A 1 23  ? -11.461 -11.114 -19.229 1.00 8.89  ? 335 LEU A CA  1 
ATOM 180  C C   . LEU A 1 23  ? -11.605 -10.757 -17.742 1.00 9.11  ? 335 LEU A C   1 
ATOM 181  O O   . LEU A 1 23  ? -12.090 -9.681  -17.394 1.00 8.97  ? 335 LEU A O   1 
ATOM 182  C CB  . LEU A 1 23  ? -12.775 -11.736 -19.749 1.00 9.05  ? 335 LEU A CB  1 
ATOM 183  C CG  . LEU A 1 23  ? -14.022 -10.877 -20.040 1.00 7.46  ? 335 LEU A CG  1 
ATOM 184  C CD1 . LEU A 1 23  ? -13.794 -9.996  -21.280 1.00 6.06  ? 335 LEU A CD1 1 
ATOM 185  C CD2 . LEU A 1 23  ? -15.208 -11.790 -20.269 1.00 6.45  ? 335 LEU A CD2 1 
ATOM 186  N N   . ALA A 1 24  ? -11.186 -11.665 -16.865 1.00 9.82  ? 336 ALA A N   1 
ATOM 187  C CA  . ALA A 1 24  ? -11.284 -11.409 -15.436 1.00 10.79 ? 336 ALA A CA  1 
ATOM 188  C C   . ALA A 1 24  ? -10.144 -10.506 -14.978 1.00 12.70 ? 336 ALA A C   1 
ATOM 189  O O   . ALA A 1 24  ? -10.380 -9.434  -14.419 1.00 14.21 ? 336 ALA A O   1 
ATOM 190  C CB  . ALA A 1 24  ? -11.274 -12.722 -14.654 1.00 10.13 ? 336 ALA A CB  1 
ATOM 191  N N   . ASP A 1 25  ? -8.907  -10.929 -15.206 1.00 14.58 ? 337 ASP A N   1 
ATOM 192  C CA  . ASP A 1 25  ? -7.766  -10.111 -14.800 1.00 15.45 ? 337 ASP A CA  1 
ATOM 193  C C   . ASP A 1 25  ? -7.987  -8.678  -15.304 1.00 15.89 ? 337 ASP A C   1 
ATOM 194  O O   . ASP A 1 25  ? -7.772  -7.711  -14.567 1.00 16.36 ? 337 ASP A O   1 
ATOM 195  C CB  . ASP A 1 25  ? -6.455  -10.724 -15.332 1.00 13.75 ? 337 ASP A CB  1 
ATOM 196  C CG  . ASP A 1 25  ? -6.014  -11.964 -14.524 1.00 13.83 ? 337 ASP A CG  1 
ATOM 197  O OD1 . ASP A 1 25  ? -5.108  -12.706 -14.983 1.00 13.52 ? 337 ASP A OD1 1 
ATOM 198  O OD2 . ASP A 1 25  ? -6.569  -12.188 -13.420 1.00 10.47 ? 337 ASP A OD2 1 
ATOM 199  N N   . MET A 1 26  ? -8.458  -8.547  -16.544 1.00 15.70 ? 338 MET A N   1 
ATOM 200  C CA  . MET A 1 26  ? -8.737  -7.233  -17.111 1.00 15.45 ? 338 MET A CA  1 
ATOM 201  C C   . MET A 1 26  ? -9.781  -6.505  -16.268 1.00 16.57 ? 338 MET A C   1 
ATOM 202  O O   . MET A 1 26  ? -10.163 -5.375  -16.586 1.00 18.24 ? 338 MET A O   1 
ATOM 203  C CB  . MET A 1 26  ? -9.277  -7.341  -18.537 1.00 13.83 ? 338 MET A CB  1 
ATOM 204  C CG  . MET A 1 26  ? -8.262  -7.668  -19.591 1.00 14.10 ? 338 MET A CG  1 
ATOM 205  S SD  . MET A 1 26  ? -8.907  -7.110  -21.203 1.00 16.97 ? 338 MET A SD  1 
ATOM 206  C CE  . MET A 1 26  ? -7.397  -7.186  -22.194 1.00 17.72 ? 338 MET A CE  1 
ATOM 207  N N   . ASP A 1 27  ? -10.272 -7.154  -15.215 1.00 16.85 ? 339 ASP A N   1 
ATOM 208  C CA  . ASP A 1 27  ? -11.267 -6.507  -14.371 1.00 17.29 ? 339 ASP A CA  1 
ATOM 209  C C   . ASP A 1 27  ? -10.544 -5.702  -13.303 1.00 18.43 ? 339 ASP A C   1 
ATOM 210  O O   . ASP A 1 27  ? -10.676 -4.476  -13.247 1.00 18.51 ? 339 ASP A O   1 
ATOM 211  C CB  . ASP A 1 27  ? -12.225 -7.532  -13.730 1.00 13.89 ? 339 ASP A CB  1 
ATOM 212  C CG  . ASP A 1 27  ? -13.170 -8.176  -14.748 1.00 12.21 ? 339 ASP A CG  1 
ATOM 213  O OD1 . ASP A 1 27  ? -13.707 -7.459  -15.619 1.00 10.00 ? 339 ASP A OD1 1 
ATOM 214  O OD2 . ASP A 1 27  ? -13.387 -9.401  -14.678 1.00 12.46 ? 339 ASP A OD2 1 
ATOM 215  N N   . LEU A 1 28  ? -9.766  -6.388  -12.468 1.00 19.63 ? 340 LEU A N   1 
ATOM 216  C CA  . LEU A 1 28  ? -9.024  -5.709  -11.416 1.00 20.01 ? 340 LEU A CA  1 
ATOM 217  C C   . LEU A 1 28  ? -8.071  -4.769  -12.141 1.00 20.53 ? 340 LEU A C   1 
ATOM 218  O O   . LEU A 1 28  ? -7.876  -3.624  -11.725 1.00 21.04 ? 340 LEU A O   1 
ATOM 219  C CB  . LEU A 1 28  ? -8.252  -6.723  -10.551 1.00 20.16 ? 340 LEU A CB  1 
ATOM 220  C CG  . LEU A 1 28  ? -8.318  -6.565  -9.014  1.00 21.20 ? 340 LEU A CG  1 
ATOM 221  C CD1 . LEU A 1 28  ? -9.763  -6.787  -8.504  1.00 18.95 ? 340 LEU A CD1 1 
ATOM 222  C CD2 . LEU A 1 28  ? -7.351  -7.559  -8.344  1.00 20.09 ? 340 LEU A CD2 1 
ATOM 223  N N   . ARG A 1 29  ? -7.512  -5.255  -13.249 1.00 21.43 ? 341 ARG A N   1 
ATOM 224  C CA  . ARG A 1 29  ? -6.585  -4.477  -14.069 1.00 22.09 ? 341 ARG A CA  1 
ATOM 225  C C   . ARG A 1 29  ? -7.292  -3.342  -14.794 1.00 21.17 ? 341 ARG A C   1 
ATOM 226  O O   . ARG A 1 29  ? -6.841  -2.872  -15.832 1.00 20.27 ? 341 ARG A O   1 
ATOM 227  C CB  . ARG A 1 29  ? -5.898  -5.374  -15.102 1.00 24.15 ? 341 ARG A CB  1 
ATOM 228  C CG  . ARG A 1 29  ? -4.693  -6.141  -14.566 1.00 27.91 ? 341 ARG A CG  1 
ATOM 229  C CD  . ARG A 1 29  ? -3.889  -6.746  -15.716 1.00 31.16 ? 341 ARG A CD  1 
ATOM 230  N NE  . ARG A 1 29  ? -3.795  -5.841  -16.876 1.00 33.34 ? 341 ARG A NE  1 
ATOM 231  C CZ  . ARG A 1 29  ? -3.184  -6.144  -18.024 1.00 34.13 ? 341 ARG A CZ  1 
ATOM 232  N NH1 . ARG A 1 29  ? -2.597  -7.328  -18.188 1.00 34.07 ? 341 ARG A NH1 1 
ATOM 233  N NH2 . ARG A 1 29  ? -3.172  -5.270  -19.021 1.00 34.12 ? 341 ARG A NH2 1 
ATOM 234  N N   . PHE A 1 30  ? -8.404  -2.901  -14.229 1.00 21.20 ? 342 PHE A N   1 
ATOM 235  C CA  . PHE A 1 30  ? -9.187  -1.831  -14.822 1.00 21.71 ? 342 PHE A CA  1 
ATOM 236  C C   . PHE A 1 30  ? -9.361  -0.724  -13.784 1.00 21.72 ? 342 PHE A C   1 
ATOM 237  O O   . PHE A 1 30  ? -9.692  0.415   -14.131 1.00 21.11 ? 342 PHE A O   1 
ATOM 238  C CB  . PHE A 1 30  ? -10.555 -2.382  -15.252 1.00 22.54 ? 342 PHE A CB  1 
ATOM 239  C CG  . PHE A 1 30  ? -10.940 -2.032  -16.664 1.00 22.02 ? 342 PHE A CG  1 
ATOM 240  C CD1 . PHE A 1 30  ? -10.059 -2.248  -17.715 1.00 20.65 ? 342 PHE A CD1 1 
ATOM 241  C CD2 . PHE A 1 30  ? -12.196 -1.504  -16.944 1.00 22.90 ? 342 PHE A CD2 1 
ATOM 242  C CE1 . PHE A 1 30  ? -10.422 -1.947  -19.022 1.00 19.69 ? 342 PHE A CE1 1 
ATOM 243  C CE2 . PHE A 1 30  ? -12.573 -1.198  -18.252 1.00 21.68 ? 342 PHE A CE2 1 
ATOM 244  C CZ  . PHE A 1 30  ? -11.679 -1.421  -19.291 1.00 20.23 ? 342 PHE A CZ  1 
ATOM 245  N N   . GLN A 1 31  ? -9.148  -1.077  -12.514 1.00 21.39 ? 343 GLN A N   1 
ATOM 246  C CA  . GLN A 1 31  ? -9.262  -0.123  -11.422 1.00 20.46 ? 343 GLN A CA  1 
ATOM 247  C C   . GLN A 1 31  ? -7.933  0.580   -11.320 1.00 19.20 ? 343 GLN A C   1 
ATOM 248  O O   . GLN A 1 31  ? -7.874  1.802   -11.275 1.00 20.23 ? 343 GLN A O   1 
ATOM 249  C CB  . GLN A 1 31  ? -9.548  -0.814  -10.096 1.00 22.56 ? 343 GLN A CB  1 
ATOM 250  C CG  . GLN A 1 31  ? -10.849 -1.592  -10.031 1.00 26.03 ? 343 GLN A CG  1 
ATOM 251  C CD  . GLN A 1 31  ? -10.612 -3.095  -10.023 1.00 28.69 ? 343 GLN A CD  1 
ATOM 252  O OE1 . GLN A 1 31  ? -9.643  -3.575  -9.424  1.00 28.46 ? 343 GLN A OE1 1 
ATOM 253  N NE2 . GLN A 1 31  ? -11.502 -3.846  -10.674 1.00 30.58 ? 343 GLN A NE2 1 
ATOM 254  N N   . VAL A 1 32  ? -6.853  -0.188  -11.273 1.00 17.11 ? 344 VAL A N   1 
ATOM 255  C CA  . VAL A 1 32  ? -5.542  0.443   -11.203 1.00 16.58 ? 344 VAL A CA  1 
ATOM 256  C C   . VAL A 1 32  ? -5.527  1.584   -12.226 1.00 14.73 ? 344 VAL A C   1 
ATOM 257  O O   . VAL A 1 32  ? -5.414  2.759   -11.876 1.00 13.94 ? 344 VAL A O   1 
ATOM 258  C CB  . VAL A 1 32  ? -4.397  -0.565  -11.512 1.00 17.23 ? 344 VAL A CB  1 
ATOM 259  C CG1 . VAL A 1 32  ? -4.157  -1.467  -10.297 1.00 16.28 ? 344 VAL A CG1 1 
ATOM 260  C CG2 . VAL A 1 32  ? -4.748  -1.407  -12.742 1.00 17.51 ? 344 VAL A CG2 1 
ATOM 261  N N   . LEU A 1 33  ? -5.682  1.228   -13.489 1.00 13.39 ? 345 LEU A N   1 
ATOM 262  C CA  . LEU A 1 33  ? -5.706  2.206   -14.552 1.00 13.09 ? 345 LEU A CA  1 
ATOM 263  C C   . LEU A 1 33  ? -7.064  2.894   -14.531 1.00 14.22 ? 345 LEU A C   1 
ATOM 264  O O   . LEU A 1 33  ? -7.687  3.059   -15.570 1.00 14.97 ? 345 LEU A O   1 
ATOM 265  C CB  . LEU A 1 33  ? -5.492  1.506   -15.891 1.00 12.19 ? 345 LEU A CB  1 
ATOM 266  C CG  . LEU A 1 33  ? -5.118  2.244   -17.177 1.00 10.67 ? 345 LEU A CG  1 
ATOM 267  C CD1 . LEU A 1 33  ? -4.467  1.201   -18.088 1.00 10.45 ? 345 LEU A CD1 1 
ATOM 268  C CD2 . LEU A 1 33  ? -6.322  2.903   -17.859 1.00 9.47  ? 345 LEU A CD2 1 
ATOM 269  N N   . GLU A 1 34  ? -7.529  3.276   -13.344 1.00 15.14 ? 346 GLU A N   1 
ATOM 270  C CA  . GLU A 1 34  ? -8.813  3.971   -13.200 1.00 16.70 ? 346 GLU A CA  1 
ATOM 271  C C   . GLU A 1 34  ? -8.811  4.728   -11.866 1.00 17.02 ? 346 GLU A C   1 
ATOM 272  O O   . GLU A 1 34  ? -9.554  5.697   -11.680 1.00 16.34 ? 346 GLU A O   1 
ATOM 273  C CB  . GLU A 1 34  ? -9.985  2.980   -13.240 1.00 17.43 ? 346 GLU A CB  1 
ATOM 274  C CG  . GLU A 1 34  ? -11.332 3.600   -13.615 1.00 18.31 ? 346 GLU A CG  1 
ATOM 275  C CD  . GLU A 1 34  ? -12.523 2.851   -13.014 1.00 19.55 ? 346 GLU A CD  1 
ATOM 276  O OE1 . GLU A 1 34  ? -12.931 3.173   -11.872 1.00 17.29 ? 346 GLU A OE1 1 
ATOM 277  O OE2 . GLU A 1 34  ? -13.046 1.933   -13.684 1.00 21.52 ? 346 GLU A OE2 1 
ATOM 278  N N   . THR A 1 35  ? -7.975  4.258   -10.942 1.00 17.61 ? 347 THR A N   1 
ATOM 279  C CA  . THR A 1 35  ? -7.817  4.870   -9.630  1.00 19.11 ? 347 THR A CA  1 
ATOM 280  C C   . THR A 1 35  ? -6.386  5.386   -9.602  1.00 21.20 ? 347 THR A C   1 
ATOM 281  O O   . THR A 1 35  ? -5.832  5.705   -8.544  1.00 21.91 ? 347 THR A O   1 
ATOM 282  C CB  . THR A 1 35  ? -7.997  3.858   -8.509  1.00 17.88 ? 347 THR A CB  1 
ATOM 283  O OG1 . THR A 1 35  ? -7.327  2.646   -8.863  1.00 18.52 ? 347 THR A OG1 1 
ATOM 284  C CG2 . THR A 1 35  ? -9.461  3.572   -8.276  1.00 18.01 ? 347 THR A CG2 1 
ATOM 285  N N   . ALA A 1 36  ? -5.810  5.465   -10.801 1.00 23.04 ? 348 ALA A N   1 
ATOM 286  C CA  . ALA A 1 36  ? -4.446  5.931   -11.009 1.00 24.03 ? 348 ALA A CA  1 
ATOM 287  C C   . ALA A 1 36  ? -4.262  7.418   -10.694 1.00 24.68 ? 348 ALA A C   1 
ATOM 288  O O   . ALA A 1 36  ? -5.143  8.238   -10.970 1.00 24.11 ? 348 ALA A O   1 
ATOM 289  C CB  . ALA A 1 36  ? -4.039  5.659   -12.448 1.00 23.85 ? 348 ALA A CB  1 
ATOM 290  N N   . SER A 1 37  ? -3.105  7.747   -10.121 1.00 25.30 ? 349 SER A N   1 
ATOM 291  C CA  . SER A 1 37  ? -2.748  9.123   -9.770  1.00 24.78 ? 349 SER A CA  1 
ATOM 292  C C   . SER A 1 37  ? -1.294  9.402   -10.173 1.00 24.70 ? 349 SER A C   1 
ATOM 293  O O   . SER A 1 37  ? -0.363  8.704   -9.750  1.00 24.08 ? 349 SER A O   1 
ATOM 294  C CB  . SER A 1 37  ? -2.936  9.363   -8.265  1.00 25.20 ? 349 SER A CB  1 
ATOM 295  O OG  . SER A 1 37  ? -2.671  10.709  -7.918  1.00 22.56 ? 349 SER A OG  1 
ATOM 296  N N   . TYR A 1 38  ? -1.105  10.433  -10.989 1.00 24.90 ? 350 TYR A N   1 
ATOM 297  C CA  . TYR A 1 38  ? 0.221   10.787  -11.476 1.00 25.52 ? 350 TYR A CA  1 
ATOM 298  C C   . TYR A 1 38  ? 0.816   12.093  -10.967 1.00 23.97 ? 350 TYR A C   1 
ATOM 299  O O   . TYR A 1 38  ? 1.929   12.438  -11.373 1.00 24.11 ? 350 TYR A O   1 
ATOM 300  C CB  . TYR A 1 38  ? 0.219   10.833  -13.005 1.00 27.34 ? 350 TYR A CB  1 
ATOM 301  C CG  . TYR A 1 38  ? -0.240  9.546   -13.656 1.00 30.17 ? 350 TYR A CG  1 
ATOM 302  C CD1 . TYR A 1 38  ? -1.547  9.088   -13.486 1.00 30.42 ? 350 TYR A CD1 1 
ATOM 303  C CD2 . TYR A 1 38  ? 0.629   8.788   -14.447 1.00 30.24 ? 350 TYR A CD2 1 
ATOM 304  C CE1 . TYR A 1 38  ? -1.981  7.917   -14.081 1.00 31.17 ? 350 TYR A CE1 1 
ATOM 305  C CE2 . TYR A 1 38  ? 0.202   7.609   -15.047 1.00 31.37 ? 350 TYR A CE2 1 
ATOM 306  C CZ  . TYR A 1 38  ? -1.108  7.180   -14.858 1.00 32.07 ? 350 TYR A CZ  1 
ATOM 307  O OH  . TYR A 1 38  ? -1.555  6.010   -15.433 1.00 33.47 ? 350 TYR A OH  1 
ATOM 308  N N   . ASN A 1 39  ? 0.111   12.810  -10.086 1.00 21.13 ? 351 ASN A N   1 
ATOM 309  C CA  . ASN A 1 39  ? 0.622   14.094  -9.586  1.00 17.67 ? 351 ASN A CA  1 
ATOM 310  C C   . ASN A 1 39  ? 1.484   14.022  -8.327  1.00 18.62 ? 351 ASN A C   1 
ATOM 311  O O   . ASN A 1 39  ? 2.243   14.952  -8.053  1.00 20.45 ? 351 ASN A O   1 
ATOM 312  C CB  . ASN A 1 39  ? -0.518  15.077  -9.332  1.00 10.80 ? 351 ASN A CB  1 
ATOM 313  C CG  . ASN A 1 39  ? -1.305  14.734  -8.101  1.00 4.30  ? 351 ASN A CG  1 
ATOM 314  O OD1 . ASN A 1 39  ? -0.786  14.115  -7.184  1.00 1.00  ? 351 ASN A OD1 1 
ATOM 315  N ND2 . ASN A 1 39  ? -2.563  15.149  -8.060  1.00 1.97  ? 351 ASN A ND2 1 
ATOM 316  N N   . GLY A 1 40  ? 1.364   12.940  -7.559  1.00 19.40 ? 352 GLY A N   1 
ATOM 317  C CA  . GLY A 1 40  ? 2.157   12.809  -6.343  1.00 19.83 ? 352 GLY A CA  1 
ATOM 318  C C   . GLY A 1 40  ? 1.302   12.468  -5.133  1.00 20.19 ? 352 GLY A C   1 
ATOM 319  O O   . GLY A 1 40  ? 1.762   11.847  -4.163  1.00 19.20 ? 352 GLY A O   1 
ATOM 320  N N   . VAL A 1 41  ? 0.044   12.896  -5.194  1.00 20.42 ? 353 VAL A N   1 
ATOM 321  C CA  . VAL A 1 41  ? -0.916  12.634  -4.141  1.00 20.96 ? 353 VAL A CA  1 
ATOM 322  C C   . VAL A 1 41  ? -1.609  11.329  -4.540  1.00 23.15 ? 353 VAL A C   1 
ATOM 323  O O   . VAL A 1 41  ? -1.127  10.626  -5.429  1.00 24.06 ? 353 VAL A O   1 
ATOM 324  C CB  . VAL A 1 41  ? -1.933  13.783  -4.034  1.00 19.10 ? 353 VAL A CB  1 
ATOM 325  C CG1 . VAL A 1 41  ? -2.948  13.705  -5.152  1.00 18.21 ? 353 VAL A CG1 1 
ATOM 326  C CG2 . VAL A 1 41  ? -2.595  13.752  -2.684  1.00 19.57 ? 353 VAL A CG2 1 
ATOM 327  N N   . LEU A 1 42  ? -2.733  11.010  -3.907  1.00 24.52 ? 354 LEU A N   1 
ATOM 328  C CA  . LEU A 1 42  ? -3.462  9.769   -4.188  1.00 24.63 ? 354 LEU A CA  1 
ATOM 329  C C   . LEU A 1 42  ? -4.386  9.403   -3.028  1.00 24.29 ? 354 LEU A C   1 
ATOM 330  O O   . LEU A 1 42  ? -4.111  9.705   -1.851  1.00 23.66 ? 354 LEU A O   1 
ATOM 331  C CB  . LEU A 1 42  ? -2.467  8.617   -4.430  1.00 25.77 ? 354 LEU A CB  1 
ATOM 332  C CG  . LEU A 1 42  ? -2.773  7.109   -4.294  1.00 26.51 ? 354 LEU A CG  1 
ATOM 333  C CD1 . LEU A 1 42  ? -2.849  6.692   -2.823  1.00 26.25 ? 354 LEU A CD1 1 
ATOM 334  C CD2 . LEU A 1 42  ? -4.057  6.767   -5.026  1.00 26.69 ? 354 LEU A CD2 1 
ATOM 335  N N   . ILE A 1 43  ? -5.483  8.740   -3.358  1.00 24.00 ? 355 ILE A N   1 
ATOM 336  C CA  . ILE A 1 43  ? -6.397  8.332   -2.320  1.00 24.59 ? 355 ILE A CA  1 
ATOM 337  C C   . ILE A 1 43  ? -6.654  6.829   -2.352  1.00 25.09 ? 355 ILE A C   1 
ATOM 338  O O   . ILE A 1 43  ? -7.302  6.307   -3.264  1.00 25.00 ? 355 ILE A O   1 
ATOM 339  C CB  . ILE A 1 43  ? -7.733  9.112   -2.411  1.00 23.70 ? 355 ILE A CB  1 
ATOM 340  C CG1 . ILE A 1 43  ? -7.453  10.611  -2.351  1.00 22.19 ? 355 ILE A CG1 1 
ATOM 341  C CG2 . ILE A 1 43  ? -8.660  8.719   -1.259  1.00 25.07 ? 355 ILE A CG2 1 
ATOM 342  C CD1 . ILE A 1 43  ? -6.693  11.024  -1.111  1.00 20.84 ? 355 ILE A CD1 1 
ATOM 343  N N   . TRP A 1 44  ? -6.103  6.138   -1.357  1.00 24.98 ? 356 TRP A N   1 
ATOM 344  C CA  . TRP A 1 44  ? -6.296  4.706   -1.219  1.00 25.11 ? 356 TRP A CA  1 
ATOM 345  C C   . TRP A 1 44  ? -7.637  4.572   -0.496  1.00 24.27 ? 356 TRP A C   1 
ATOM 346  O O   . TRP A 1 44  ? -7.783  5.021   0.647   1.00 23.11 ? 356 TRP A O   1 
ATOM 347  C CB  . TRP A 1 44  ? -5.166  4.092   -0.378  1.00 27.03 ? 356 TRP A CB  1 
ATOM 348  C CG  . TRP A 1 44  ? -5.314  2.596   -0.080  1.00 28.86 ? 356 TRP A CG  1 
ATOM 349  C CD1 . TRP A 1 44  ? -6.438  1.822   -0.244  1.00 29.39 ? 356 TRP A CD1 1 
ATOM 350  C CD2 . TRP A 1 44  ? -4.339  1.743   0.546   1.00 28.58 ? 356 TRP A CD2 1 
ATOM 351  N NE1 . TRP A 1 44  ? -6.223  0.555   0.250   1.00 29.31 ? 356 TRP A NE1 1 
ATOM 352  C CE2 . TRP A 1 44  ? -4.946  0.480   0.740   1.00 28.40 ? 356 TRP A CE2 1 
ATOM 353  C CE3 . TRP A 1 44  ? -3.014  1.927   0.962   1.00 28.26 ? 356 TRP A CE3 1 
ATOM 354  C CZ2 . TRP A 1 44  ? -4.273  -0.587  1.337   1.00 27.70 ? 356 TRP A CZ2 1 
ATOM 355  C CZ3 . TRP A 1 44  ? -2.348  0.867   1.551   1.00 27.67 ? 356 TRP A CZ3 1 
ATOM 356  C CH2 . TRP A 1 44  ? -2.978  -0.375  1.732   1.00 28.07 ? 356 TRP A CH2 1 
ATOM 357  N N   . LYS A 1 45  ? -8.611  3.971   -1.177  1.00 23.65 ? 357 LYS A N   1 
ATOM 358  C CA  . LYS A 1 45  ? -9.950  3.772   -0.616  1.00 22.01 ? 357 LYS A CA  1 
ATOM 359  C C   . LYS A 1 45  ? -10.130 2.374   -0.008  1.00 20.74 ? 357 LYS A C   1 
ATOM 360  O O   . LYS A 1 45  ? -9.692  1.371   -0.582  1.00 20.95 ? 357 LYS A O   1 
ATOM 361  C CB  . LYS A 1 45  ? -11.012 4.009   -1.701  1.00 20.64 ? 357 LYS A CB  1 
ATOM 362  C CG  . LYS A 1 45  ? -11.987 5.118   -1.357  1.00 19.18 ? 357 LYS A CG  1 
ATOM 363  C CD  . LYS A 1 45  ? -12.614 4.852   -0.001  1.00 18.29 ? 357 LYS A CD  1 
ATOM 364  C CE  . LYS A 1 45  ? -13.741 3.857   -0.103  1.00 16.84 ? 357 LYS A CE  1 
ATOM 365  N NZ  . LYS A 1 45  ? -14.939 4.496   -0.716  1.00 15.62 ? 357 LYS A NZ  1 
ATOM 366  N N   . ILE A 1 46  ? -10.777 2.304   1.153   1.00 19.08 ? 358 ILE A N   1 
ATOM 367  C CA  . ILE A 1 46  ? -10.986 1.014   1.804   1.00 18.28 ? 358 ILE A CA  1 
ATOM 368  C C   . ILE A 1 46  ? -12.377 0.828   2.407   1.00 19.29 ? 358 ILE A C   1 
ATOM 369  O O   . ILE A 1 46  ? -12.701 1.441   3.430   1.00 19.06 ? 358 ILE A O   1 
ATOM 370  C CB  . ILE A 1 46  ? -9.940  0.771   2.922   1.00 16.39 ? 358 ILE A CB  1 
ATOM 371  C CG1 . ILE A 1 46  ? -8.525  0.771   2.327   1.00 15.04 ? 358 ILE A CG1 1 
ATOM 372  C CG2 . ILE A 1 46  ? -10.231 -0.553  3.621   1.00 15.00 ? 358 ILE A CG2 1 
ATOM 373  C CD1 . ILE A 1 46  ? -7.395  0.609   3.354   1.00 12.21 ? 358 ILE A CD1 1 
ATOM 374  N N   . ARG A 1 47  ? -13.187 -0.023  1.767   1.00 20.32 ? 359 ARG A N   1 
ATOM 375  C CA  . ARG A 1 47  ? -14.541 -0.338  2.242   1.00 21.03 ? 359 ARG A CA  1 
ATOM 376  C C   . ARG A 1 47  ? -14.448 -1.682  2.980   1.00 22.64 ? 359 ARG A C   1 
ATOM 377  O O   . ARG A 1 47  ? -13.485 -2.437  2.776   1.00 23.00 ? 359 ARG A O   1 
ATOM 378  C CB  . ARG A 1 47  ? -15.522 -0.500  1.069   1.00 19.33 ? 359 ARG A CB  1 
ATOM 379  C CG  . ARG A 1 47  ? -15.419 0.523   -0.043  1.00 16.75 ? 359 ARG A CG  1 
ATOM 380  C CD  . ARG A 1 47  ? -16.265 0.087   -1.233  1.00 15.27 ? 359 ARG A CD  1 
ATOM 381  N NE  . ARG A 1 47  ? -15.665 0.421   -2.529  1.00 17.36 ? 359 ARG A NE  1 
ATOM 382  C CZ  . ARG A 1 47  ? -14.364 0.306   -2.822  1.00 17.81 ? 359 ARG A CZ  1 
ATOM 383  N NH1 . ARG A 1 47  ? -13.508 -0.126  -1.898  1.00 17.69 ? 359 ARG A NH1 1 
ATOM 384  N NH2 . ARG A 1 47  ? -13.915 0.590   -4.047  1.00 16.35 ? 359 ARG A NH2 1 
ATOM 385  N N   . ASP A 1 48  ? -15.435 -1.985  3.824   1.00 23.69 ? 360 ASP A N   1 
ATOM 386  C CA  . ASP A 1 48  ? -15.450 -3.250  4.573   1.00 25.83 ? 360 ASP A CA  1 
ATOM 387  C C   . ASP A 1 48  ? -14.373 -3.357  5.657   1.00 25.15 ? 360 ASP A C   1 
ATOM 388  O O   . ASP A 1 48  ? -13.639 -4.345  5.732   1.00 23.40 ? 360 ASP A O   1 
ATOM 389  C CB  . ASP A 1 48  ? -15.314 -4.443  3.616   1.00 28.76 ? 360 ASP A CB  1 
ATOM 390  C CG  . ASP A 1 48  ? -16.480 -4.553  2.645   1.00 32.26 ? 360 ASP A CG  1 
ATOM 391  O OD1 . ASP A 1 48  ? -17.647 -4.539  3.107   1.00 35.06 ? 360 ASP A OD1 1 
ATOM 392  O OD2 . ASP A 1 48  ? -16.232 -4.664  1.421   1.00 33.13 ? 360 ASP A OD2 1 
ATOM 393  N N   . TYR A 1 49  ? -14.299 -2.337  6.506   1.00 25.64 ? 361 TYR A N   1 
ATOM 394  C CA  . TYR A 1 49  ? -13.324 -2.299  7.595   1.00 25.97 ? 361 TYR A CA  1 
ATOM 395  C C   . TYR A 1 49  ? -13.464 -3.502  8.541   1.00 25.58 ? 361 TYR A C   1 
ATOM 396  O O   . TYR A 1 49  ? -12.499 -4.245  8.754   1.00 23.71 ? 361 TYR A O   1 
ATOM 397  C CB  . TYR A 1 49  ? -13.469 -0.977  8.375   1.00 26.78 ? 361 TYR A CB  1 
ATOM 398  C CG  . TYR A 1 49  ? -12.566 -0.882  9.585   1.00 26.74 ? 361 TYR A CG  1 
ATOM 399  C CD1 . TYR A 1 49  ? -12.871 -1.572  10.752  1.00 26.82 ? 361 TYR A CD1 1 
ATOM 400  C CD2 . TYR A 1 49  ? -11.370 -0.168  9.533   1.00 24.98 ? 361 TYR A CD2 1 
ATOM 401  C CE1 . TYR A 1 49  ? -12.009 -1.565  11.836  1.00 26.77 ? 361 TYR A CE1 1 
ATOM 402  C CE2 . TYR A 1 49  ? -10.499 -0.157  10.612  1.00 25.61 ? 361 TYR A CE2 1 
ATOM 403  C CZ  . TYR A 1 49  ? -10.824 -0.864  11.762  1.00 26.25 ? 361 TYR A CZ  1 
ATOM 404  O OH  . TYR A 1 49  ? -9.957  -0.915  12.830  1.00 25.69 ? 361 TYR A OH  1 
ATOM 405  N N   . LYS A 1 50  ? -14.660 -3.670  9.109   1.00 25.56 ? 362 LYS A N   1 
ATOM 406  C CA  . LYS A 1 50  ? -14.950 -4.775  10.029  1.00 25.84 ? 362 LYS A CA  1 
ATOM 407  C C   . LYS A 1 50  ? -14.438 -6.092  9.446   1.00 26.10 ? 362 LYS A C   1 
ATOM 408  O O   . LYS A 1 50  ? -13.726 -6.856  10.107  1.00 25.35 ? 362 LYS A O   1 
ATOM 409  C CB  . LYS A 1 50  ? -16.464 -4.890  10.272  1.00 24.77 ? 362 LYS A CB  1 
ATOM 410  C CG  . LYS A 1 50  ? -17.080 -3.806  11.149  1.00 24.69 ? 362 LYS A CG  1 
ATOM 411  C CD  . LYS A 1 50  ? -17.050 -4.163  12.640  1.00 25.05 ? 362 LYS A CD  1 
ATOM 412  C CE  . LYS A 1 50  ? -17.888 -3.168  13.476  1.00 25.98 ? 362 LYS A CE  1 
ATOM 413  N NZ  . LYS A 1 50  ? -18.016 -3.534  14.932  1.00 24.63 ? 362 LYS A NZ  1 
ATOM 414  N N   . ARG A 1 51  ? -14.818 -6.352  8.202   1.00 26.51 ? 363 ARG A N   1 
ATOM 415  C CA  . ARG A 1 51  ? -14.405 -7.571  7.532   1.00 27.50 ? 363 ARG A CA  1 
ATOM 416  C C   . ARG A 1 51  ? -12.881 -7.523  7.447   1.00 28.75 ? 363 ARG A C   1 
ATOM 417  O O   . ARG A 1 51  ? -12.188 -8.408  7.978   1.00 28.53 ? 363 ARG A O   1 
ATOM 418  C CB  . ARG A 1 51  ? -15.044 -7.636  6.138   1.00 27.17 ? 363 ARG A CB  1 
ATOM 419  C CG  . ARG A 1 51  ? -15.563 -9.016  5.745   1.00 26.06 ? 363 ARG A CG  1 
ATOM 420  C CD  . ARG A 1 51  ? -14.574 -9.776  4.873   1.00 25.86 ? 363 ARG A CD  1 
ATOM 421  N NE  . ARG A 1 51  ? -14.373 -9.111  3.591   1.00 26.19 ? 363 ARG A NE  1 
ATOM 422  C CZ  . ARG A 1 51  ? -13.610 -9.577  2.605   1.00 27.13 ? 363 ARG A CZ  1 
ATOM 423  N NH1 . ARG A 1 51  ? -12.961 -10.728 2.740   1.00 28.02 ? 363 ARG A NH1 1 
ATOM 424  N NH2 . ARG A 1 51  ? -13.498 -8.887  1.475   1.00 26.96 ? 363 ARG A NH2 1 
ATOM 425  N N   . ARG A 1 52  ? -12.370 -6.477  6.796   1.00 30.05 ? 364 ARG A N   1 
ATOM 426  C CA  . ARG A 1 52  ? -10.930 -6.278  6.644   1.00 31.17 ? 364 ARG A CA  1 
ATOM 427  C C   . ARG A 1 52  ? -10.255 -6.482  8.006   1.00 31.04 ? 364 ARG A C   1 
ATOM 428  O O   . ARG A 1 52  ? -9.203  -7.126  8.114   1.00 29.51 ? 364 ARG A O   1 
ATOM 429  C CB  . ARG A 1 52  ? -10.648 -4.860  6.121   1.00 31.93 ? 364 ARG A CB  1 
ATOM 430  C CG  . ARG A 1 52  ? -10.483 -4.741  4.598   1.00 31.05 ? 364 ARG A CG  1 
ATOM 431  C CD  . ARG A 1 52  ? -11.761 -5.060  3.849   1.00 29.88 ? 364 ARG A CD  1 
ATOM 432  N NE  . ARG A 1 52  ? -11.604 -4.977  2.393   1.00 29.69 ? 364 ARG A NE  1 
ATOM 433  C CZ  . ARG A 1 52  ? -10.744 -5.706  1.684   1.00 28.14 ? 364 ARG A CZ  1 
ATOM 434  N NH1 . ARG A 1 52  ? -9.944  -6.576  2.290   1.00 27.43 ? 364 ARG A NH1 1 
ATOM 435  N NH2 . ARG A 1 52  ? -10.706 -5.590  0.362   1.00 27.13 ? 364 ARG A NH2 1 
ATOM 436  N N   . LYS A 1 53  ? -10.887 -5.919  9.031   1.00 31.41 ? 365 LYS A N   1 
ATOM 437  C CA  . LYS A 1 53  ? -10.432 -6.010  10.413  1.00 32.90 ? 365 LYS A CA  1 
ATOM 438  C C   . LYS A 1 53  ? -10.094 -7.453  10.788  1.00 33.79 ? 365 LYS A C   1 
ATOM 439  O O   . LYS A 1 53  ? -8.921  -7.855  10.874  1.00 32.65 ? 365 LYS A O   1 
ATOM 440  C CB  . LYS A 1 53  ? -11.545 -5.482  11.332  1.00 33.26 ? 365 LYS A CB  1 
ATOM 441  C CG  . LYS A 1 53  ? -11.550 -5.997  12.785  1.00 33.53 ? 365 LYS A CG  1 
ATOM 442  C CD  . LYS A 1 53  ? -10.442 -5.376  13.632  1.00 34.79 ? 365 LYS A CD  1 
ATOM 443  C CE  . LYS A 1 53  ? -10.688 -5.575  15.130  1.00 35.29 ? 365 LYS A CE  1 
ATOM 444  N NZ  . LYS A 1 53  ? -11.890 -4.834  15.648  1.00 36.00 ? 365 LYS A NZ  1 
ATOM 445  N N   . GLN A 1 54  ? -11.155 -8.217  11.009  1.00 35.11 ? 366 GLN A N   1 
ATOM 446  C CA  . GLN A 1 54  ? -11.056 -9.611  11.396  1.00 35.96 ? 366 GLN A CA  1 
ATOM 447  C C   . GLN A 1 54  ? -9.987  -10.373 10.620  1.00 35.75 ? 366 GLN A C   1 
ATOM 448  O O   . GLN A 1 54  ? -8.942  -10.719 11.182  1.00 34.57 ? 366 GLN A O   1 
ATOM 449  C CB  . GLN A 1 54  ? -12.424 -10.270 11.230  1.00 36.54 ? 366 GLN A CB  1 
ATOM 450  C CG  . GLN A 1 54  ? -13.546 -9.476  11.892  1.00 37.02 ? 366 GLN A CG  1 
ATOM 451  C CD  . GLN A 1 54  ? -13.375 -9.336  13.397  1.00 37.50 ? 366 GLN A CD  1 
ATOM 452  O OE1 . GLN A 1 54  ? -14.057 -8.532  14.030  1.00 38.25 ? 366 GLN A OE1 1 
ATOM 453  N NE2 . GLN A 1 54  ? -12.475 -10.127 13.977  1.00 37.52 ? 366 GLN A NE2 1 
ATOM 454  N N   . GLU A 1 55  ? -10.249 -10.622 9.336   1.00 35.38 ? 367 GLU A N   1 
ATOM 455  C CA  . GLU A 1 55  ? -9.311  -11.350 8.474   1.00 35.43 ? 367 GLU A CA  1 
ATOM 456  C C   . GLU A 1 55  ? -7.849  -11.077 8.870   1.00 36.12 ? 367 GLU A C   1 
ATOM 457  O O   . GLU A 1 55  ? -6.972  -11.934 8.684   1.00 36.09 ? 367 GLU A O   1 
ATOM 458  C CB  . GLU A 1 55  ? -9.490  -10.938 7.007   1.00 34.46 ? 367 GLU A CB  1 
ATOM 459  C CG  . GLU A 1 55  ? -10.894 -11.021 6.428   1.00 32.17 ? 367 GLU A CG  1 
ATOM 460  C CD  . GLU A 1 55  ? -10.946 -10.429 5.017   1.00 31.84 ? 367 GLU A CD  1 
ATOM 461  O OE1 . GLU A 1 55  ? -10.106 -10.826 4.174   1.00 30.26 ? 367 GLU A OE1 1 
ATOM 462  O OE2 . GLU A 1 55  ? -11.814 -9.566  4.752   1.00 30.49 ? 367 GLU A OE2 1 
ATOM 463  N N   . ALA A 1 56  ? -7.610  -9.873  9.404   1.00 35.91 ? 368 ALA A N   1 
ATOM 464  C CA  . ALA A 1 56  ? -6.287  -9.419  9.823   1.00 34.58 ? 368 ALA A CA  1 
ATOM 465  C C   . ALA A 1 56  ? -5.907  -9.904  11.212  1.00 33.76 ? 368 ALA A C   1 
ATOM 466  O O   . ALA A 1 56  ? -4.797  -10.402 11.423  1.00 32.78 ? 368 ALA A O   1 
ATOM 467  C CB  . ALA A 1 56  ? -6.224  -7.892  9.765   1.00 35.19 ? 368 ALA A CB  1 
ATOM 468  N N   . VAL A 1 57  ? -6.822  -9.739  12.163  1.00 33.10 ? 369 VAL A N   1 
ATOM 469  C CA  . VAL A 1 57  ? -6.581  -10.174 13.539  1.00 33.72 ? 369 VAL A CA  1 
ATOM 470  C C   . VAL A 1 57  ? -6.541  -11.694 13.543  1.00 34.65 ? 369 VAL A C   1 
ATOM 471  O O   . VAL A 1 57  ? -6.052  -12.324 14.489  1.00 33.89 ? 369 VAL A O   1 
ATOM 472  C CB  . VAL A 1 57  ? -7.711  -9.676  14.494  1.00 33.53 ? 369 VAL A CB  1 
ATOM 473  C CG1 . VAL A 1 57  ? -8.850  -9.059  13.683  1.00 32.42 ? 369 VAL A CG1 1 
ATOM 474  C CG2 . VAL A 1 57  ? -8.230  -10.827 15.362  1.00 32.08 ? 369 VAL A CG2 1 
ATOM 475  N N   . MET A 1 58  ? -7.058  -12.257 12.449  1.00 35.81 ? 370 MET A N   1 
ATOM 476  C CA  . MET A 1 58  ? -7.149  -13.697 12.232  1.00 35.63 ? 370 MET A CA  1 
ATOM 477  C C   . MET A 1 58  ? -5.868  -14.303 11.660  1.00 34.45 ? 370 MET A C   1 
ATOM 478  O O   . MET A 1 58  ? -5.260  -15.173 12.271  1.00 34.03 ? 370 MET A O   1 
ATOM 479  C CB  . MET A 1 58  ? -8.317  -13.993 11.291  1.00 37.16 ? 370 MET A CB  1 
ATOM 480  C CG  . MET A 1 58  ? -9.126  -15.187 11.713  1.00 39.92 ? 370 MET A CG  1 
ATOM 481  S SD  . MET A 1 58  ? -9.719  -14.925 13.392  1.00 42.95 ? 370 MET A SD  1 
ATOM 482  C CE  . MET A 1 58  ? -11.300 -14.043 13.052  1.00 43.66 ? 370 MET A CE  1 
ATOM 483  N N   . GLY A 1 59  ? -5.470  -13.852 10.479  1.00 33.32 ? 371 GLY A N   1 
ATOM 484  C CA  . GLY A 1 59  ? -4.259  -14.377 9.883   1.00 33.92 ? 371 GLY A CA  1 
ATOM 485  C C   . GLY A 1 59  ? -4.387  -14.587 8.393   1.00 34.64 ? 371 GLY A C   1 
ATOM 486  O O   . GLY A 1 59  ? -3.397  -14.539 7.652   1.00 34.19 ? 371 GLY A O   1 
ATOM 487  N N   . LYS A 1 60  ? -5.613  -14.822 7.945   1.00 36.42 ? 372 LYS A N   1 
ATOM 488  C CA  . LYS A 1 60  ? -5.861  -15.044 6.528   1.00 38.40 ? 372 LYS A CA  1 
ATOM 489  C C   . LYS A 1 60  ? -5.324  -13.868 5.737   1.00 38.80 ? 372 LYS A C   1 
ATOM 490  O O   . LYS A 1 60  ? -4.477  -14.032 4.858   1.00 40.05 ? 372 LYS A O   1 
ATOM 491  C CB  . LYS A 1 60  ? -7.364  -15.193 6.262   1.00 40.00 ? 372 LYS A CB  1 
ATOM 492  C CG  . LYS A 1 60  ? -8.210  -14.031 6.781   1.00 41.41 ? 372 LYS A CG  1 
ATOM 493  C CD  . LYS A 1 60  ? -9.692  -14.189 6.437   1.00 43.33 ? 372 LYS A CD  1 
ATOM 494  C CE  . LYS A 1 60  ? -10.401 -15.273 7.269   1.00 44.44 ? 372 LYS A CE  1 
ATOM 495  N NZ  . LYS A 1 60  ? -9.952  -16.692 7.024   1.00 45.23 ? 372 LYS A NZ  1 
ATOM 496  N N   . THR A 1 61  ? -5.806  -12.678 6.079   1.00 38.39 ? 373 THR A N   1 
ATOM 497  C CA  . THR A 1 61  ? -5.406  -11.464 5.385   1.00 37.15 ? 373 THR A CA  1 
ATOM 498  C C   . THR A 1 61  ? -4.828  -10.426 6.340   1.00 35.19 ? 373 THR A C   1 
ATOM 499  O O   . THR A 1 61  ? -5.436  -10.095 7.356   1.00 34.00 ? 373 THR A O   1 
ATOM 500  C CB  . THR A 1 61  ? -6.618  -10.834 4.650   1.00 38.33 ? 373 THR A CB  1 
ATOM 501  O OG1 . THR A 1 61  ? -7.300  -11.840 3.885   1.00 37.53 ? 373 THR A OG1 1 
ATOM 502  C CG2 . THR A 1 61  ? -6.153  -9.712  3.722   1.00 39.78 ? 373 THR A CG2 1 
ATOM 503  N N   . LEU A 1 62  ? -3.648  -9.917  6.004   1.00 33.58 ? 374 LEU A N   1 
ATOM 504  C CA  . LEU A 1 62  ? -2.991  -8.893  6.807   1.00 31.75 ? 374 LEU A CA  1 
ATOM 505  C C   . LEU A 1 62  ? -1.785  -8.297  6.084   1.00 31.19 ? 374 LEU A C   1 
ATOM 506  O O   . LEU A 1 62  ? -0.639  -8.623  6.388   1.00 30.20 ? 374 LEU A O   1 
ATOM 507  C CB  . LEU A 1 62  ? -2.596  -9.451  8.189   1.00 30.58 ? 374 LEU A CB  1 
ATOM 508  C CG  . LEU A 1 62  ? -2.057  -10.869 8.421   1.00 29.00 ? 374 LEU A CG  1 
ATOM 509  C CD1 . LEU A 1 62  ? -0.695  -11.059 7.759   1.00 27.96 ? 374 LEU A CD1 1 
ATOM 510  C CD2 . LEU A 1 62  ? -1.956  -11.105 9.932   1.00 26.02 ? 374 LEU A CD2 1 
ATOM 511  N N   . SER A 1 63  ? -2.074  -7.420  5.119   1.00 31.74 ? 375 SER A N   1 
ATOM 512  C CA  . SER A 1 63  ? -1.050  -6.754  4.306   1.00 32.94 ? 375 SER A CA  1 
ATOM 513  C C   . SER A 1 63  ? -1.630  -6.166  3.007   1.00 33.13 ? 375 SER A C   1 
ATOM 514  O O   . SER A 1 63  ? -1.252  -6.578  1.906   1.00 33.27 ? 375 SER A O   1 
ATOM 515  C CB  . SER A 1 63  ? 0.073   -7.745  3.955   1.00 33.64 ? 375 SER A CB  1 
ATOM 516  O OG  . SER A 1 63  ? 0.939   -7.218  2.967   1.00 34.85 ? 375 SER A OG  1 
ATOM 517  N N   . LEU A 1 64  ? -2.540  -5.200  3.130   1.00 32.64 ? 376 LEU A N   1 
ATOM 518  C CA  . LEU A 1 64  ? -3.149  -4.591  1.942   1.00 31.78 ? 376 LEU A CA  1 
ATOM 519  C C   . LEU A 1 64  ? -2.235  -3.540  1.310   1.00 31.57 ? 376 LEU A C   1 
ATOM 520  O O   . LEU A 1 64  ? -1.435  -2.910  1.998   1.00 33.04 ? 376 LEU A O   1 
ATOM 521  C CB  . LEU A 1 64  ? -4.493  -3.946  2.300   1.00 29.91 ? 376 LEU A CB  1 
ATOM 522  C CG  . LEU A 1 64  ? -5.453  -4.762  3.172   1.00 29.00 ? 376 LEU A CG  1 
ATOM 523  C CD1 . LEU A 1 64  ? -6.872  -4.258  2.942   1.00 27.09 ? 376 LEU A CD1 1 
ATOM 524  C CD2 . LEU A 1 64  ? -5.363  -6.252  2.829   1.00 29.57 ? 376 LEU A CD2 1 
ATOM 525  N N   . TYR A 1 65  ? -2.349  -3.361  -0.004  1.00 30.52 ? 377 TYR A N   1 
ATOM 526  C CA  . TYR A 1 65  ? -1.543  -2.377  -0.725  1.00 28.36 ? 377 TYR A CA  1 
ATOM 527  C C   . TYR A 1 65  ? -2.444  -1.356  -1.423  1.00 27.06 ? 377 TYR A C   1 
ATOM 528  O O   . TYR A 1 65  ? -3.562  -1.101  -0.993  1.00 25.56 ? 377 TYR A O   1 
ATOM 529  C CB  . TYR A 1 65  ? -0.664  -3.069  -1.761  1.00 29.06 ? 377 TYR A CB  1 
ATOM 530  C CG  . TYR A 1 65  ? 0.496   -3.844  -1.184  1.00 31.06 ? 377 TYR A CG  1 
ATOM 531  C CD1 . TYR A 1 65  ? 0.294   -5.000  -0.419  1.00 32.13 ? 377 TYR A CD1 1 
ATOM 532  C CD2 . TYR A 1 65  ? 1.811   -3.443  -1.436  1.00 32.76 ? 377 TYR A CD2 1 
ATOM 533  C CE1 . TYR A 1 65  ? 1.388   -5.743  0.073   1.00 32.72 ? 377 TYR A CE1 1 
ATOM 534  C CE2 . TYR A 1 65  ? 2.903   -4.170  -0.953  1.00 32.86 ? 377 TYR A CE2 1 
ATOM 535  C CZ  . TYR A 1 65  ? 2.688   -5.314  -0.207  1.00 33.03 ? 377 TYR A CZ  1 
ATOM 536  O OH  . TYR A 1 65  ? 3.781   -6.021  0.227   1.00 32.76 ? 377 TYR A OH  1 
ATOM 537  N N   . SER A 1 66  ? -1.971  -0.765  -2.509  1.00 26.07 ? 378 SER A N   1 
ATOM 538  C CA  . SER A 1 66  ? -2.814  0.202   -3.183  1.00 25.70 ? 378 SER A CA  1 
ATOM 539  C C   . SER A 1 66  ? -2.445  0.533   -4.623  1.00 25.25 ? 378 SER A C   1 
ATOM 540  O O   . SER A 1 66  ? -1.379  0.157   -5.134  1.00 23.91 ? 378 SER A O   1 
ATOM 541  C CB  . SER A 1 66  ? -2.901  1.492   -2.353  1.00 26.19 ? 378 SER A CB  1 
ATOM 542  O OG  . SER A 1 66  ? -1.630  2.100   -2.174  1.00 27.68 ? 378 SER A OG  1 
ATOM 543  N N   . GLN A 1 67  ? -3.374  1.239   -5.262  1.00 24.75 ? 379 GLN A N   1 
ATOM 544  C CA  . GLN A 1 67  ? -3.253  1.667   -6.637  1.00 24.28 ? 379 GLN A CA  1 
ATOM 545  C C   . GLN A 1 67  ? -1.885  2.259   -6.830  1.00 25.37 ? 379 GLN A C   1 
ATOM 546  O O   . GLN A 1 67  ? -1.540  3.244   -6.182  1.00 26.37 ? 379 GLN A O   1 
ATOM 547  C CB  . GLN A 1 67  ? -4.286  2.738   -6.929  1.00 23.15 ? 379 GLN A CB  1 
ATOM 548  C CG  . GLN A 1 67  ? -5.619  2.462   -6.301  1.00 24.88 ? 379 GLN A CG  1 
ATOM 549  C CD  . GLN A 1 67  ? -6.165  3.660   -5.544  1.00 26.07 ? 379 GLN A CD  1 
ATOM 550  O OE1 . GLN A 1 67  ? -6.363  4.740   -6.114  1.00 26.68 ? 379 GLN A OE1 1 
ATOM 551  N NE2 . GLN A 1 67  ? -6.423  3.473   -4.250  1.00 26.70 ? 379 GLN A NE2 1 
ATOM 552  N N   . PRO A 1 68  ? -1.067  1.650   -7.700  1.00 26.65 ? 380 PRO A N   1 
ATOM 553  C CA  . PRO A 1 68  ? 0.266   2.212   -7.920  1.00 28.30 ? 380 PRO A CA  1 
ATOM 554  C C   . PRO A 1 68  ? 0.127   3.622   -8.519  1.00 28.94 ? 380 PRO A C   1 
ATOM 555  O O   . PRO A 1 68  ? -0.193  3.779   -9.707  1.00 28.64 ? 380 PRO A O   1 
ATOM 556  C CB  . PRO A 1 68  ? 0.894   1.216   -8.894  1.00 27.76 ? 380 PRO A CB  1 
ATOM 557  C CG  . PRO A 1 68  ? 0.284   -0.083  -8.461  1.00 27.09 ? 380 PRO A CG  1 
ATOM 558  C CD  . PRO A 1 68  ? -1.172  0.301   -8.284  1.00 27.46 ? 380 PRO A CD  1 
ATOM 559  N N   . PHE A 1 69  ? 0.339   4.635   -7.677  1.00 29.30 ? 381 PHE A N   1 
ATOM 560  C CA  . PHE A 1 69  ? 0.247   6.028   -8.099  1.00 29.44 ? 381 PHE A CA  1 
ATOM 561  C C   . PHE A 1 69  ? 1.654   6.557   -8.294  1.00 28.23 ? 381 PHE A C   1 
ATOM 562  O O   . PHE A 1 69  ? 2.537   6.353   -7.449  1.00 26.57 ? 381 PHE A O   1 
ATOM 563  C CB  . PHE A 1 69  ? -0.491  6.867   -7.056  1.00 32.68 ? 381 PHE A CB  1 
ATOM 564  C CG  . PHE A 1 69  ? 0.275   7.067   -5.780  1.00 35.99 ? 381 PHE A CG  1 
ATOM 565  C CD1 . PHE A 1 69  ? 0.786   5.974   -5.076  1.00 37.89 ? 381 PHE A CD1 1 
ATOM 566  C CD2 . PHE A 1 69  ? 0.461   8.348   -5.263  1.00 37.25 ? 381 PHE A CD2 1 
ATOM 567  C CE1 . PHE A 1 69  ? 1.468   6.153   -3.874  1.00 39.06 ? 381 PHE A CE1 1 
ATOM 568  C CE2 . PHE A 1 69  ? 1.139   8.545   -4.064  1.00 38.78 ? 381 PHE A CE2 1 
ATOM 569  C CZ  . PHE A 1 69  ? 1.646   7.442   -3.366  1.00 39.59 ? 381 PHE A CZ  1 
ATOM 570  N N   . TYR A 1 70  ? 1.853   7.243   -9.414  1.00 27.11 ? 382 TYR A N   1 
ATOM 571  C CA  . TYR A 1 70  ? 3.167   7.760   -9.765  1.00 26.12 ? 382 TYR A CA  1 
ATOM 572  C C   . TYR A 1 70  ? 3.286   9.273   -9.583  1.00 25.72 ? 382 TYR A C   1 
ATOM 573  O O   . TYR A 1 70  ? 2.290   9.965   -9.345  1.00 25.62 ? 382 TYR A O   1 
ATOM 574  C CB  . TYR A 1 70  ? 3.498   7.350   -11.217 1.00 24.65 ? 382 TYR A CB  1 
ATOM 575  C CG  . TYR A 1 70  ? 2.855   6.032   -11.626 1.00 22.39 ? 382 TYR A CG  1 
ATOM 576  C CD1 . TYR A 1 70  ? 1.588   6.010   -12.206 1.00 21.93 ? 382 TYR A CD1 1 
ATOM 577  C CD2 . TYR A 1 70  ? 3.465   4.803   -11.342 1.00 21.08 ? 382 TYR A CD2 1 
ATOM 578  C CE1 . TYR A 1 70  ? 0.939   4.797   -12.486 1.00 20.97 ? 382 TYR A CE1 1 
ATOM 579  C CE2 . TYR A 1 70  ? 2.820   3.587   -11.618 1.00 19.01 ? 382 TYR A CE2 1 
ATOM 580  C CZ  . TYR A 1 70  ? 1.558   3.595   -12.187 1.00 19.26 ? 382 TYR A CZ  1 
ATOM 581  O OH  . TYR A 1 70  ? 0.896   2.421   -12.445 1.00 17.62 ? 382 TYR A OH  1 
ATOM 582  N N   . THR A 1 71  ? 4.519   9.768   -9.677  1.00 24.34 ? 383 THR A N   1 
ATOM 583  C CA  . THR A 1 71  ? 4.799   11.189  -9.532  1.00 22.21 ? 383 THR A CA  1 
ATOM 584  C C   . THR A 1 71  ? 5.000   11.822  -10.901 1.00 21.25 ? 383 THR A C   1 
ATOM 585  O O   . THR A 1 71  ? 5.932   12.611  -11.088 1.00 22.77 ? 383 THR A O   1 
ATOM 586  C CB  . THR A 1 71  ? 6.078   11.438  -8.681  1.00 21.39 ? 383 THR A CB  1 
ATOM 587  O OG1 . THR A 1 71  ? 7.193   10.734  -9.248  1.00 18.31 ? 383 THR A OG1 1 
ATOM 588  C CG2 . THR A 1 71  ? 5.859   10.976  -7.253  1.00 21.01 ? 383 THR A CG2 1 
ATOM 589  N N   . GLY A 1 72  ? 4.132   11.470  -11.851 1.00 18.91 ? 384 GLY A N   1 
ATOM 590  C CA  . GLY A 1 72  ? 4.233   12.010  -13.200 1.00 17.36 ? 384 GLY A CA  1 
ATOM 591  C C   . GLY A 1 72  ? 4.408   10.916  -14.237 1.00 16.09 ? 384 GLY A C   1 
ATOM 592  O O   . GLY A 1 72  ? 5.293   10.069  -14.099 1.00 17.15 ? 384 GLY A O   1 
ATOM 593  N N   . TYR A 1 73  ? 3.576   10.951  -15.279 1.00 13.78 ? 385 TYR A N   1 
ATOM 594  C CA  . TYR A 1 73  ? 3.573   9.961   -16.357 1.00 10.73 ? 385 TYR A CA  1 
ATOM 595  C C   . TYR A 1 73  ? 4.771   9.023   -16.445 1.00 12.05 ? 385 TYR A C   1 
ATOM 596  O O   . TYR A 1 73  ? 4.579   7.815   -16.461 1.00 15.75 ? 385 TYR A O   1 
ATOM 597  C CB  . TYR A 1 73  ? 3.333   10.636  -17.708 1.00 6.26  ? 385 TYR A CB  1 
ATOM 598  C CG  . TYR A 1 73  ? 2.015   11.381  -17.789 1.00 2.21  ? 385 TYR A CG  1 
ATOM 599  C CD1 . TYR A 1 73  ? 1.686   12.121  -18.912 1.00 1.94  ? 385 TYR A CD1 1 
ATOM 600  C CD2 . TYR A 1 73  ? 1.136   11.414  -16.705 1.00 2.57  ? 385 TYR A CD2 1 
ATOM 601  C CE1 . TYR A 1 73  ? 0.525   12.890  -18.960 1.00 1.41  ? 385 TYR A CE1 1 
ATOM 602  C CE2 . TYR A 1 73  ? -0.036  12.186  -16.739 1.00 2.12  ? 385 TYR A CE2 1 
ATOM 603  C CZ  . TYR A 1 73  ? -0.335  12.928  -17.875 1.00 1.93  ? 385 TYR A CZ  1 
ATOM 604  O OH  . TYR A 1 73  ? -1.473  13.727  -17.921 1.00 1.00  ? 385 TYR A OH  1 
ATOM 605  N N   . PHE A 1 74  ? 6.000   9.521   -16.498 1.00 12.05 ? 386 PHE A N   1 
ATOM 606  C CA  . PHE A 1 74  ? 7.124   8.587   -16.555 1.00 13.12 ? 386 PHE A CA  1 
ATOM 607  C C   . PHE A 1 74  ? 8.085   8.756   -15.396 1.00 13.66 ? 386 PHE A C   1 
ATOM 608  O O   . PHE A 1 74  ? 9.284   8.962   -15.597 1.00 13.05 ? 386 PHE A O   1 
ATOM 609  C CB  . PHE A 1 74  ? 7.873   8.727   -17.874 1.00 14.22 ? 386 PHE A CB  1 
ATOM 610  C CG  . PHE A 1 74  ? 6.991   8.610   -19.065 1.00 17.30 ? 386 PHE A CG  1 
ATOM 611  C CD1 . PHE A 1 74  ? 6.178   9.670   -19.449 1.00 19.34 ? 386 PHE A CD1 1 
ATOM 612  C CD2 . PHE A 1 74  ? 6.934   7.430   -19.786 1.00 19.23 ? 386 PHE A CD2 1 
ATOM 613  C CE1 . PHE A 1 74  ? 5.315   9.554   -20.539 1.00 19.78 ? 386 PHE A CE1 1 
ATOM 614  C CE2 . PHE A 1 74  ? 6.076   7.297   -20.879 1.00 19.92 ? 386 PHE A CE2 1 
ATOM 615  C CZ  . PHE A 1 74  ? 5.267   8.363   -21.254 1.00 20.20 ? 386 PHE A CZ  1 
ATOM 616  N N   . GLY A 1 75  ? 7.559   8.644   -14.178 1.00 14.22 ? 387 GLY A N   1 
ATOM 617  C CA  . GLY A 1 75  ? 8.402   8.815   -13.006 1.00 15.36 ? 387 GLY A CA  1 
ATOM 618  C C   . GLY A 1 75  ? 8.542   7.645   -12.045 1.00 15.29 ? 387 GLY A C   1 
ATOM 619  O O   . GLY A 1 75  ? 8.691   6.490   -12.443 1.00 16.07 ? 387 GLY A O   1 
ATOM 620  N N   . TYR A 1 76  ? 8.531   7.960   -10.760 1.00 15.14 ? 388 TYR A N   1 
ATOM 621  C CA  . TYR A 1 76  ? 8.644   6.941   -9.738  1.00 14.76 ? 388 TYR A CA  1 
ATOM 622  C C   . TYR A 1 76  ? 7.275   6.274   -9.645  1.00 14.36 ? 388 TYR A C   1 
ATOM 623  O O   . TYR A 1 76  ? 6.269   6.845   -10.071 1.00 13.31 ? 388 TYR A O   1 
ATOM 624  C CB  . TYR A 1 76  ? 9.041   7.592   -8.397  1.00 15.34 ? 388 TYR A CB  1 
ATOM 625  C CG  . TYR A 1 76  ? 10.477  8.071   -8.364  1.00 15.37 ? 388 TYR A CG  1 
ATOM 626  C CD1 . TYR A 1 76  ? 11.471  7.330   -7.713  1.00 15.90 ? 388 TYR A CD1 1 
ATOM 627  C CD2 . TYR A 1 76  ? 10.867  9.209   -9.070  1.00 15.89 ? 388 TYR A CD2 1 
ATOM 628  C CE1 . TYR A 1 76  ? 12.830  7.709   -7.776  1.00 15.74 ? 388 TYR A CE1 1 
ATOM 629  C CE2 . TYR A 1 76  ? 12.216  9.599   -9.143  1.00 14.93 ? 388 TYR A CE2 1 
ATOM 630  C CZ  . TYR A 1 76  ? 13.192  8.845   -8.498  1.00 15.29 ? 388 TYR A CZ  1 
ATOM 631  O OH  . TYR A 1 76  ? 14.516  9.221   -8.587  1.00 11.90 ? 388 TYR A OH  1 
ATOM 632  N N   . LYS A 1 77  ? 7.254   5.058   -9.115  1.00 14.57 ? 389 LYS A N   1 
ATOM 633  C CA  . LYS A 1 77  ? 6.026   4.294   -8.930  1.00 15.34 ? 389 LYS A CA  1 
ATOM 634  C C   . LYS A 1 77  ? 6.050   3.883   -7.463  1.00 15.22 ? 389 LYS A C   1 
ATOM 635  O O   . LYS A 1 77  ? 6.755   2.957   -7.068  1.00 15.98 ? 389 LYS A O   1 
ATOM 636  C CB  . LYS A 1 77  ? 6.037   3.058   -9.839  1.00 17.25 ? 389 LYS A CB  1 
ATOM 637  C CG  . LYS A 1 77  ? 4.857   2.089   -9.676  1.00 18.21 ? 389 LYS A CG  1 
ATOM 638  C CD  . LYS A 1 77  ? 5.098   0.810   -10.488 1.00 18.71 ? 389 LYS A CD  1 
ATOM 639  C CE  . LYS A 1 77  ? 3.970   -0.203  -10.345 1.00 18.07 ? 389 LYS A CE  1 
ATOM 640  N NZ  . LYS A 1 77  ? 4.311   -1.474  -11.039 1.00 15.55 ? 389 LYS A NZ  1 
ATOM 641  N N   . MET A 1 78  ? 5.297   4.589   -6.642  1.00 15.32 ? 390 MET A N   1 
ATOM 642  C CA  . MET A 1 78  ? 5.290   4.277   -5.231  1.00 16.37 ? 390 MET A CA  1 
ATOM 643  C C   . MET A 1 78  ? 3.926   3.703   -4.894  1.00 16.71 ? 390 MET A C   1 
ATOM 644  O O   . MET A 1 78  ? 3.042   3.640   -5.758  1.00 15.59 ? 390 MET A O   1 
ATOM 645  C CB  . MET A 1 78  ? 5.540   5.547   -4.399  1.00 18.85 ? 390 MET A CB  1 
ATOM 646  C CG  . MET A 1 78  ? 6.378   6.669   -5.061  1.00 17.50 ? 390 MET A CG  1 
ATOM 647  S SD  . MET A 1 78  ? 5.494   7.606   -6.369  1.00 20.01 ? 390 MET A SD  1 
ATOM 648  C CE  . MET A 1 78  ? 4.153   8.359   -5.462  1.00 17.69 ? 390 MET A CE  1 
ATOM 649  N N   . CYS A 1 79  ? 3.751   3.307   -3.633  1.00 17.56 ? 391 CYS A N   1 
ATOM 650  C CA  . CYS A 1 79  ? 2.486   2.737   -3.170  1.00 18.34 ? 391 CYS A CA  1 
ATOM 651  C C   . CYS A 1 79  ? 2.411   2.653   -1.645  1.00 17.30 ? 391 CYS A C   1 
ATOM 652  O O   . CYS A 1 79  ? 3.422   2.810   -0.961  1.00 16.37 ? 391 CYS A O   1 
ATOM 653  C CB  . CYS A 1 79  ? 2.307   1.342   -3.770  1.00 19.35 ? 391 CYS A CB  1 
ATOM 654  S SG  . CYS A 1 79  ? 1.004   0.369   -3.019  1.00 21.53 ? 391 CYS A SG  1 
ATOM 655  N N   . ALA A 1 80  ? 1.211   2.414   -1.122  1.00 17.06 ? 392 ALA A N   1 
ATOM 656  C CA  . ALA A 1 80  ? 1.016   2.299   0.322   1.00 18.30 ? 392 ALA A CA  1 
ATOM 657  C C   . ALA A 1 80  ? 0.697   0.865   0.727   1.00 18.83 ? 392 ALA A C   1 
ATOM 658  O O   . ALA A 1 80  ? 0.432   0.011   -0.124  1.00 19.38 ? 392 ALA A O   1 
ATOM 659  C CB  . ALA A 1 80  ? -0.096  3.212   0.778   1.00 18.96 ? 392 ALA A CB  1 
ATOM 660  N N   . ARG A 1 81  ? 0.723   0.610   2.034   1.00 19.11 ? 393 ARG A N   1 
ATOM 661  C CA  . ARG A 1 81  ? 0.449   -0.720  2.579   1.00 19.01 ? 393 ARG A CA  1 
ATOM 662  C C   . ARG A 1 81  ? -0.078  -0.588  4.003   1.00 17.57 ? 393 ARG A C   1 
ATOM 663  O O   . ARG A 1 81  ? 0.666   -0.238  4.919   1.00 17.49 ? 393 ARG A O   1 
ATOM 664  C CB  . ARG A 1 81  ? 1.728   -1.578  2.566   1.00 21.87 ? 393 ARG A CB  1 
ATOM 665  C CG  . ARG A 1 81  ? 1.529   -3.062  2.927   1.00 25.38 ? 393 ARG A CG  1 
ATOM 666  C CD  . ARG A 1 81  ? 2.827   -3.857  2.729   1.00 29.10 ? 393 ARG A CD  1 
ATOM 667  N NE  . ARG A 1 81  ? 2.670   -5.294  2.984   1.00 32.37 ? 393 ARG A NE  1 
ATOM 668  C CZ  . ARG A 1 81  ? 3.651   -6.193  2.862   1.00 33.65 ? 393 ARG A CZ  1 
ATOM 669  N NH1 . ARG A 1 81  ? 4.862   -5.803  2.483   1.00 34.35 ? 393 ARG A NH1 1 
ATOM 670  N NH2 . ARG A 1 81  ? 3.434   -7.482  3.131   1.00 32.79 ? 393 ARG A NH2 1 
ATOM 671  N N   . VAL A 1 82  ? -1.368  -0.868  4.172   1.00 16.26 ? 394 VAL A N   1 
ATOM 672  C CA  . VAL A 1 82  ? -2.023  -0.780  5.467   1.00 14.30 ? 394 VAL A CA  1 
ATOM 673  C C   . VAL A 1 82  ? -1.988  -2.103  6.189   1.00 14.06 ? 394 VAL A C   1 
ATOM 674  O O   . VAL A 1 82  ? -1.967  -3.165  5.568   1.00 14.35 ? 394 VAL A O   1 
ATOM 675  C CB  . VAL A 1 82  ? -3.501  -0.381  5.329   1.00 13.65 ? 394 VAL A CB  1 
ATOM 676  C CG1 . VAL A 1 82  ? -4.232  -1.406  4.476   1.00 13.02 ? 394 VAL A CG1 1 
ATOM 677  C CG2 . VAL A 1 82  ? -4.150  -0.282  6.713   1.00 13.59 ? 394 VAL A CG2 1 
ATOM 678  N N   . TYR A 1 83  ? -1.984  -2.023  7.513   1.00 13.70 ? 395 TYR A N   1 
ATOM 679  C CA  . TYR A 1 83  ? -1.981  -3.196  8.371   1.00 13.86 ? 395 TYR A CA  1 
ATOM 680  C C   . TYR A 1 83  ? -3.004  -2.992  9.469   1.00 14.14 ? 395 TYR A C   1 
ATOM 681  O O   . TYR A 1 83  ? -2.653  -2.890  10.643  1.00 13.42 ? 395 TYR A O   1 
ATOM 682  C CB  . TYR A 1 83  ? -0.605  -3.407  8.990   1.00 14.56 ? 395 TYR A CB  1 
ATOM 683  C CG  . TYR A 1 83  ? 0.370   -4.103  8.075   1.00 16.88 ? 395 TYR A CG  1 
ATOM 684  C CD1 . TYR A 1 83  ? 0.625   -3.623  6.780   1.00 17.99 ? 395 TYR A CD1 1 
ATOM 685  C CD2 . TYR A 1 83  ? 1.072   -5.224  8.512   1.00 17.65 ? 395 TYR A CD2 1 
ATOM 686  C CE1 . TYR A 1 83  ? 1.556   -4.242  5.948   1.00 17.67 ? 395 TYR A CE1 1 
ATOM 687  C CE2 . TYR A 1 83  ? 2.010   -5.847  7.689   1.00 19.08 ? 395 TYR A CE2 1 
ATOM 688  C CZ  . TYR A 1 83  ? 2.242   -5.348  6.416   1.00 18.62 ? 395 TYR A CZ  1 
ATOM 689  O OH  . TYR A 1 83  ? 3.171   -5.966  5.632   1.00 21.96 ? 395 TYR A OH  1 
ATOM 690  N N   . LEU A 1 84  ? -4.268  -2.902  9.067   1.00 15.20 ? 396 LEU A N   1 
ATOM 691  C CA  . LEU A 1 84  ? -5.389  -2.722  9.989   1.00 17.20 ? 396 LEU A CA  1 
ATOM 692  C C   . LEU A 1 84  ? -5.035  -3.053  11.463  1.00 18.17 ? 396 LEU A C   1 
ATOM 693  O O   . LEU A 1 84  ? -4.953  -2.157  12.310  1.00 18.27 ? 396 LEU A O   1 
ATOM 694  C CB  . LEU A 1 84  ? -6.565  -3.597  9.521   1.00 17.33 ? 396 LEU A CB  1 
ATOM 695  C CG  . LEU A 1 84  ? -7.277  -3.330  8.181   1.00 16.30 ? 396 LEU A CG  1 
ATOM 696  C CD1 . LEU A 1 84  ? -8.459  -2.379  8.380   1.00 15.86 ? 396 LEU A CD1 1 
ATOM 697  C CD2 . LEU A 1 84  ? -6.289  -2.787  7.173   1.00 15.50 ? 396 LEU A CD2 1 
ATOM 698  N N   . ASN A 1 85  ? -4.816  -4.337  11.762  1.00 18.42 ? 397 ASN A N   1 
ATOM 699  C CA  . ASN A 1 85  ? -4.474  -4.747  13.121  1.00 17.57 ? 397 ASN A CA  1 
ATOM 700  C C   . ASN A 1 85  ? -3.129  -4.178  13.539  1.00 17.65 ? 397 ASN A C   1 
ATOM 701  O O   . ASN A 1 85  ? -2.970  -3.732  14.678  1.00 19.23 ? 397 ASN A O   1 
ATOM 702  C CB  . ASN A 1 85  ? -4.426  -6.264  13.242  1.00 16.46 ? 397 ASN A CB  1 
ATOM 703  C CG  . ASN A 1 85  ? -4.447  -6.724  14.690  1.00 16.40 ? 397 ASN A CG  1 
ATOM 704  O OD1 . ASN A 1 85  ? -5.320  -6.324  15.470  1.00 15.71 ? 397 ASN A OD1 1 
ATOM 705  N ND2 . ASN A 1 85  ? -3.496  -7.571  15.055  1.00 15.39 ? 397 ASN A ND2 1 
ATOM 706  N N   . GLY A 1 86  ? -2.164  -4.211  12.624  1.00 16.27 ? 398 GLY A N   1 
ATOM 707  C CA  . GLY A 1 86  ? -0.847  -3.667  12.911  1.00 14.00 ? 398 GLY A CA  1 
ATOM 708  C C   . GLY A 1 86  ? 0.221   -4.723  13.056  1.00 12.83 ? 398 GLY A C   1 
ATOM 709  O O   . GLY A 1 86  ? -0.086  -5.846  13.419  1.00 12.48 ? 398 GLY A O   1 
ATOM 710  N N   . ASP A 1 87  ? 1.471   -4.365  12.774  1.00 12.40 ? 399 ASP A N   1 
ATOM 711  C CA  . ASP A 1 87  ? 2.575   -5.316  12.882  1.00 13.76 ? 399 ASP A CA  1 
ATOM 712  C C   . ASP A 1 87  ? 3.783   -4.735  13.615  1.00 14.75 ? 399 ASP A C   1 
ATOM 713  O O   . ASP A 1 87  ? 3.638   -3.843  14.460  1.00 15.58 ? 399 ASP A O   1 
ATOM 714  C CB  . ASP A 1 87  ? 3.016   -5.784  11.492  1.00 12.24 ? 399 ASP A CB  1 
ATOM 715  C CG  . ASP A 1 87  ? 3.835   -4.740  10.755  1.00 10.77 ? 399 ASP A CG  1 
ATOM 716  O OD1 . ASP A 1 87  ? 4.999   -4.491  11.131  1.00 7.47  ? 399 ASP A OD1 1 
ATOM 717  O OD2 . ASP A 1 87  ? 3.309   -4.160  9.793   1.00 11.55 ? 399 ASP A OD2 1 
ATOM 718  N N   . GLY A 1 88  ? 4.967   -5.256  13.279  1.00 15.01 ? 400 GLY A N   1 
ATOM 719  C CA  . GLY A 1 88  ? 6.206   -4.806  13.887  1.00 13.96 ? 400 GLY A CA  1 
ATOM 720  C C   . GLY A 1 88  ? 6.040   -4.390  15.334  1.00 13.69 ? 400 GLY A C   1 
ATOM 721  O O   . GLY A 1 88  ? 5.847   -5.219  16.236  1.00 12.59 ? 400 GLY A O   1 
ATOM 722  N N   . MET A 1 89  ? 6.079   -3.083  15.558  1.00 14.38 ? 401 MET A N   1 
ATOM 723  C CA  . MET A 1 89  ? 5.955   -2.568  16.912  1.00 14.34 ? 401 MET A CA  1 
ATOM 724  C C   . MET A 1 89  ? 4.528   -2.382  17.452  1.00 15.06 ? 401 MET A C   1 
ATOM 725  O O   . MET A 1 89  ? 4.339   -1.873  18.561  1.00 15.16 ? 401 MET A O   1 
ATOM 726  C CB  . MET A 1 89  ? 6.741   -1.262  17.035  1.00 10.88 ? 401 MET A CB  1 
ATOM 727  C CG  . MET A 1 89  ? 7.422   -1.152  18.367  1.00 5.87  ? 401 MET A CG  1 
ATOM 728  S SD  . MET A 1 89  ? 7.952   -2.802  18.889  1.00 1.00  ? 401 MET A SD  1 
ATOM 729  C CE  . MET A 1 89  ? 6.587   -3.269  20.069  1.00 1.00  ? 401 MET A CE  1 
ATOM 730  N N   . GLY A 1 90  ? 3.526   -2.813  16.695  1.00 15.85 ? 402 GLY A N   1 
ATOM 731  C CA  . GLY A 1 90  ? 2.167   -2.661  17.176  1.00 17.52 ? 402 GLY A CA  1 
ATOM 732  C C   . GLY A 1 90  ? 1.169   -3.721  16.740  1.00 19.08 ? 402 GLY A C   1 
ATOM 733  O O   . GLY A 1 90  ? -0.044  -3.469  16.773  1.00 19.13 ? 402 GLY A O   1 
ATOM 734  N N   . LYS A 1 91  ? 1.664   -4.900  16.351  1.00 19.01 ? 403 LYS A N   1 
ATOM 735  C CA  . LYS A 1 91  ? 0.798   -5.983  15.885  1.00 18.66 ? 403 LYS A CA  1 
ATOM 736  C C   . LYS A 1 91  ? -0.592  -5.887  16.513  1.00 17.96 ? 403 LYS A C   1 
ATOM 737  O O   . LYS A 1 91  ? -1.571  -5.574  15.833  1.00 16.59 ? 403 LYS A O   1 
ATOM 738  C CB  . LYS A 1 91  ? 1.417   -7.358  16.188  1.00 19.59 ? 403 LYS A CB  1 
ATOM 739  C CG  . LYS A 1 91  ? 1.018   -8.466  15.191  1.00 19.29 ? 403 LYS A CG  1 
ATOM 740  C CD  . LYS A 1 91  ? 1.647   -8.178  13.816  1.00 20.24 ? 403 LYS A CD  1 
ATOM 741  C CE  . LYS A 1 91  ? 1.070   -9.009  12.655  1.00 19.10 ? 403 LYS A CE  1 
ATOM 742  N NZ  . LYS A 1 91  ? 1.721   -8.640  11.344  1.00 15.75 ? 403 LYS A NZ  1 
ATOM 743  N N   . GLY A 1 92  ? -0.676  -6.143  17.814  1.00 17.94 ? 404 GLY A N   1 
ATOM 744  C CA  . GLY A 1 92  ? -1.961  -6.065  18.479  1.00 19.94 ? 404 GLY A CA  1 
ATOM 745  C C   . GLY A 1 92  ? -2.354  -4.612  18.660  1.00 20.99 ? 404 GLY A C   1 
ATOM 746  O O   . GLY A 1 92  ? -3.397  -4.164  18.164  1.00 21.67 ? 404 GLY A O   1 
ATOM 747  N N   . THR A 1 93  ? -1.482  -3.886  19.362  1.00 22.20 ? 405 THR A N   1 
ATOM 748  C CA  . THR A 1 93  ? -1.629  -2.461  19.694  1.00 21.38 ? 405 THR A CA  1 
ATOM 749  C C   . THR A 1 93  ? -2.568  -1.610  18.848  1.00 19.77 ? 405 THR A C   1 
ATOM 750  O O   . THR A 1 93  ? -3.610  -1.163  19.333  1.00 19.23 ? 405 THR A O   1 
ATOM 751  C CB  . THR A 1 93  ? -0.274  -1.741  19.662  1.00 22.28 ? 405 THR A CB  1 
ATOM 752  O OG1 . THR A 1 93  ? 0.045   -1.406  18.303  1.00 22.48 ? 405 THR A OG1 1 
ATOM 753  C CG2 . THR A 1 93  ? 0.829   -2.640  20.230  1.00 23.36 ? 405 THR A CG2 1 
ATOM 754  N N   . HIS A 1 94  ? -2.201  -1.376  17.589  1.00 17.81 ? 406 HIS A N   1 
ATOM 755  C CA  . HIS A 1 94  ? -3.019  -0.519  16.749  1.00 17.52 ? 406 HIS A CA  1 
ATOM 756  C C   . HIS A 1 94  ? -2.612  -0.461  15.282  1.00 15.27 ? 406 HIS A C   1 
ATOM 757  O O   . HIS A 1 94  ? -1.562  -0.988  14.915  1.00 15.39 ? 406 HIS A O   1 
ATOM 758  C CB  . HIS A 1 94  ? -3.007  0.888   17.354  1.00 21.68 ? 406 HIS A CB  1 
ATOM 759  C CG  . HIS A 1 94  ? -1.706  1.258   18.009  1.00 25.92 ? 406 HIS A CG  1 
ATOM 760  N ND1 . HIS A 1 94  ? -0.556  1.527   17.296  1.00 26.97 ? 406 HIS A ND1 1 
ATOM 761  C CD2 . HIS A 1 94  ? -1.367  1.365   19.319  1.00 26.96 ? 406 HIS A CD2 1 
ATOM 762  C CE1 . HIS A 1 94  ? 0.433   1.783   18.136  1.00 26.81 ? 406 HIS A CE1 1 
ATOM 763  N NE2 . HIS A 1 94  ? -0.033  1.691   19.370  1.00 26.64 ? 406 HIS A NE2 1 
ATOM 764  N N   . LEU A 1 95  ? -3.448  0.194   14.467  1.00 11.98 ? 407 LEU A N   1 
ATOM 765  C CA  . LEU A 1 95  ? -3.229  0.358   13.023  1.00 9.72  ? 407 LEU A CA  1 
ATOM 766  C C   . LEU A 1 95  ? -1.844  0.876   12.671  1.00 9.70  ? 407 LEU A C   1 
ATOM 767  O O   . LEU A 1 95  ? -1.373  1.842   13.253  1.00 11.27 ? 407 LEU A O   1 
ATOM 768  C CB  . LEU A 1 95  ? -4.264  1.328   12.432  1.00 8.46  ? 407 LEU A CB  1 
ATOM 769  C CG  . LEU A 1 95  ? -4.240  1.675   10.924  1.00 7.75  ? 407 LEU A CG  1 
ATOM 770  C CD1 . LEU A 1 95  ? -5.438  2.569   10.572  1.00 5.67  ? 407 LEU A CD1 1 
ATOM 771  C CD2 . LEU A 1 95  ? -2.952  2.379   10.544  1.00 6.22  ? 407 LEU A CD2 1 
ATOM 772  N N   . SER A 1 96  ? -1.202  0.248   11.699  1.00 8.90  ? 408 SER A N   1 
ATOM 773  C CA  . SER A 1 96  ? 0.120   0.677   11.264  1.00 10.09 ? 408 SER A CA  1 
ATOM 774  C C   . SER A 1 96  ? -0.030  1.132   9.815   1.00 10.91 ? 408 SER A C   1 
ATOM 775  O O   . SER A 1 96  ? -1.039  0.825   9.185   1.00 10.85 ? 408 SER A O   1 
ATOM 776  C CB  . SER A 1 96  ? 1.117   -0.485  11.358  1.00 10.28 ? 408 SER A CB  1 
ATOM 777  O OG  . SER A 1 96  ? 2.403   -0.101  10.899  1.00 10.41 ? 408 SER A OG  1 
ATOM 778  N N   . LEU A 1 97  ? 0.952   1.868   9.289   1.00 11.57 ? 409 LEU A N   1 
ATOM 779  C CA  . LEU A 1 97  ? 0.886   2.339   7.901   1.00 10.99 ? 409 LEU A CA  1 
ATOM 780  C C   . LEU A 1 97  ? 2.255   2.499   7.249   1.00 11.25 ? 409 LEU A C   1 
ATOM 781  O O   . LEU A 1 97  ? 3.224   2.871   7.908   1.00 12.15 ? 409 LEU A O   1 
ATOM 782  C CB  . LEU A 1 97  ? 0.115   3.658   7.830   1.00 8.65  ? 409 LEU A CB  1 
ATOM 783  C CG  . LEU A 1 97  ? -0.004  4.305   6.448   1.00 7.85  ? 409 LEU A CG  1 
ATOM 784  C CD1 . LEU A 1 97  ? -0.157  3.257   5.344   1.00 6.76  ? 409 LEU A CD1 1 
ATOM 785  C CD2 . LEU A 1 97  ? -1.193  5.270   6.479   1.00 5.01  ? 409 LEU A CD2 1 
ATOM 786  N N   . PHE A 1 98  ? 2.343   2.204   5.956   1.00 11.91 ? 410 PHE A N   1 
ATOM 787  C CA  . PHE A 1 98  ? 3.623   2.310   5.255   1.00 13.29 ? 410 PHE A CA  1 
ATOM 788  C C   . PHE A 1 98  ? 3.550   2.840   3.822   1.00 14.62 ? 410 PHE A C   1 
ATOM 789  O O   . PHE A 1 98  ? 2.522   2.753   3.139   1.00 14.60 ? 410 PHE A O   1 
ATOM 790  C CB  . PHE A 1 98  ? 4.334   0.948   5.204   1.00 11.63 ? 410 PHE A CB  1 
ATOM 791  C CG  . PHE A 1 98  ? 4.656   0.359   6.551   1.00 9.45  ? 410 PHE A CG  1 
ATOM 792  C CD1 . PHE A 1 98  ? 3.643   0.072   7.474   1.00 8.39  ? 410 PHE A CD1 1 
ATOM 793  C CD2 . PHE A 1 98  ? 5.972   0.061   6.889   1.00 7.73  ? 410 PHE A CD2 1 
ATOM 794  C CE1 . PHE A 1 98  ? 3.935   -0.499  8.708   1.00 6.72  ? 410 PHE A CE1 1 
ATOM 795  C CE2 . PHE A 1 98  ? 6.278   -0.517  8.128   1.00 6.63  ? 410 PHE A CE2 1 
ATOM 796  C CZ  . PHE A 1 98  ? 5.260   -0.796  9.038   1.00 6.50  ? 410 PHE A CZ  1 
ATOM 797  N N   . PHE A 1 99  ? 4.680   3.387   3.386   1.00 15.84 ? 411 PHE A N   1 
ATOM 798  C CA  . PHE A 1 99  ? 4.857   3.920   2.043   1.00 17.92 ? 411 PHE A CA  1 
ATOM 799  C C   . PHE A 1 99  ? 5.617   2.789   1.347   1.00 20.41 ? 411 PHE A C   1 
ATOM 800  O O   . PHE A 1 99  ? 5.957   1.798   2.004   1.00 21.79 ? 411 PHE A O   1 
ATOM 801  C CB  . PHE A 1 99  ? 5.718   5.195   2.108   1.00 15.25 ? 411 PHE A CB  1 
ATOM 802  C CG  . PHE A 1 99  ? 6.124   5.742   0.761   1.00 11.56 ? 411 PHE A CG  1 
ATOM 803  C CD1 . PHE A 1 99  ? 5.186   6.336   -0.082  1.00 10.50 ? 411 PHE A CD1 1 
ATOM 804  C CD2 . PHE A 1 99  ? 7.450   5.673   0.347   1.00 9.74  ? 411 PHE A CD2 1 
ATOM 805  C CE1 . PHE A 1 99  ? 5.564   6.855   -1.311  1.00 8.84  ? 411 PHE A CE1 1 
ATOM 806  C CE2 . PHE A 1 99  ? 7.836   6.189   -0.876  1.00 8.54  ? 411 PHE A CE2 1 
ATOM 807  C CZ  . PHE A 1 99  ? 6.895   6.783   -1.710  1.00 8.50  ? 411 PHE A CZ  1 
ATOM 808  N N   . VAL A 1 100 ? 5.876   2.912   0.043   1.00 21.69 ? 412 VAL A N   1 
ATOM 809  C CA  . VAL A 1 100 ? 6.621   1.875   -0.669  1.00 21.35 ? 412 VAL A CA  1 
ATOM 810  C C   . VAL A 1 100 ? 6.870   2.166   -2.141  1.00 19.93 ? 412 VAL A C   1 
ATOM 811  O O   . VAL A 1 100 ? 6.026   2.752   -2.830  1.00 16.85 ? 412 VAL A O   1 
ATOM 812  C CB  . VAL A 1 100 ? 5.927   0.484   -0.558  1.00 23.44 ? 412 VAL A CB  1 
ATOM 813  C CG1 . VAL A 1 100 ? 4.697   0.413   -1.467  1.00 24.78 ? 412 VAL A CG1 1 
ATOM 814  C CG2 . VAL A 1 100 ? 6.927   -0.616  -0.910  1.00 25.08 ? 412 VAL A CG2 1 
ATOM 815  N N   . ILE A 1 101 ? 8.042   1.730   -2.607  1.00 20.14 ? 413 ILE A N   1 
ATOM 816  C CA  . ILE A 1 101 ? 8.461   1.913   -3.996  1.00 20.77 ? 413 ILE A CA  1 
ATOM 817  C C   . ILE A 1 101 ? 8.487   0.577   -4.763  1.00 20.90 ? 413 ILE A C   1 
ATOM 818  O O   . ILE A 1 101 ? 9.161   -0.379  -4.361  1.00 20.20 ? 413 ILE A O   1 
ATOM 819  C CB  . ILE A 1 101 ? 9.892   2.542   -4.091  1.00 19.98 ? 413 ILE A CB  1 
ATOM 820  C CG1 . ILE A 1 101 ? 10.059  3.691   -3.092  1.00 17.44 ? 413 ILE A CG1 1 
ATOM 821  C CG2 . ILE A 1 101 ? 10.127  3.079   -5.508  1.00 20.22 ? 413 ILE A CG2 1 
ATOM 822  C CD1 . ILE A 1 101 ? 9.392   4.974   -3.511  1.00 16.84 ? 413 ILE A CD1 1 
ATOM 823  N N   . MET A 1 102 ? 7.749   0.528   -5.870  1.00 21.40 ? 414 MET A N   1 
ATOM 824  C CA  . MET A 1 102 ? 7.683   -0.660  -6.714  1.00 22.16 ? 414 MET A CA  1 
ATOM 825  C C   . MET A 1 102 ? 8.786   -0.523  -7.747  1.00 23.52 ? 414 MET A C   1 
ATOM 826  O O   . MET A 1 102 ? 9.672   0.319   -7.599  1.00 24.41 ? 414 MET A O   1 
ATOM 827  C CB  . MET A 1 102 ? 6.319   -0.742  -7.419  1.00 20.38 ? 414 MET A CB  1 
ATOM 828  C CG  . MET A 1 102 ? 5.122   -0.817  -6.455  1.00 20.16 ? 414 MET A CG  1 
ATOM 829  S SD  . MET A 1 102 ? 3.471   -0.795  -7.222  1.00 17.11 ? 414 MET A SD  1 
ATOM 830  C CE  . MET A 1 102 ? 2.419   -1.129  -5.807  1.00 19.58 ? 414 MET A CE  1 
ATOM 831  N N   . ARG A 1 103 ? 8.749   -1.362  -8.778  1.00 25.41 ? 415 ARG A N   1 
ATOM 832  C CA  . ARG A 1 103 ? 9.736   -1.266  -9.851  1.00 27.03 ? 415 ARG A CA  1 
ATOM 833  C C   . ARG A 1 103 ? 8.932   -0.765  -11.041 1.00 26.55 ? 415 ARG A C   1 
ATOM 834  O O   . ARG A 1 103 ? 7.827   -1.253  -11.300 1.00 25.75 ? 415 ARG A O   1 
ATOM 835  C CB  . ARG A 1 103 ? 10.373  -2.624  -10.177 1.00 29.02 ? 415 ARG A CB  1 
ATOM 836  C CG  . ARG A 1 103 ? 9.498   -3.562  -11.001 1.00 31.82 ? 415 ARG A CG  1 
ATOM 837  C CD  . ARG A 1 103 ? 10.304  -4.719  -11.589 1.00 33.06 ? 415 ARG A CD  1 
ATOM 838  N NE  . ARG A 1 103 ? 9.489   -5.548  -12.473 1.00 34.44 ? 415 ARG A NE  1 
ATOM 839  C CZ  . ARG A 1 103 ? 8.929   -5.124  -13.603 1.00 35.32 ? 415 ARG A CZ  1 
ATOM 840  N NH1 . ARG A 1 103 ? 9.094   -3.870  -14.008 1.00 35.48 ? 415 ARG A NH1 1 
ATOM 841  N NH2 . ARG A 1 103 ? 8.185   -5.954  -14.324 1.00 37.02 ? 415 ARG A NH2 1 
ATOM 842  N N   . GLY A 1 104 ? 9.473   0.225   -11.741 1.00 26.50 ? 416 GLY A N   1 
ATOM 843  C CA  . GLY A 1 104 ? 8.766   0.791   -12.877 1.00 26.35 ? 416 GLY A CA  1 
ATOM 844  C C   . GLY A 1 104 ? 9.410   0.449   -14.203 1.00 26.31 ? 416 GLY A C   1 
ATOM 845  O O   . GLY A 1 104 ? 10.442  -0.231  -14.251 1.00 26.59 ? 416 GLY A O   1 
ATOM 846  N N   . GLU A 1 105 ? 8.803   0.917   -15.285 1.00 25.76 ? 417 GLU A N   1 
ATOM 847  C CA  . GLU A 1 105 ? 9.342   0.635   -16.604 1.00 25.82 ? 417 GLU A CA  1 
ATOM 848  C C   . GLU A 1 105 ? 10.277  1.768   -17.007 1.00 25.58 ? 417 GLU A C   1 
ATOM 849  O O   . GLU A 1 105 ? 11.245  1.562   -17.744 1.00 25.22 ? 417 GLU A O   1 
ATOM 850  C CB  . GLU A 1 105 ? 8.195   0.472   -17.612 1.00 26.11 ? 417 GLU A CB  1 
ATOM 851  C CG  . GLU A 1 105 ? 7.158   -0.592  -17.214 1.00 24.72 ? 417 GLU A CG  1 
ATOM 852  C CD  . GLU A 1 105 ? 7.749   -1.995  -17.007 1.00 23.46 ? 417 GLU A CD  1 
ATOM 853  O OE1 . GLU A 1 105 ? 7.026   -2.853  -16.452 1.00 21.89 ? 417 GLU A OE1 1 
ATOM 854  O OE2 . GLU A 1 105 ? 8.919   -2.241  -17.396 1.00 21.37 ? 417 GLU A OE2 1 
ATOM 855  N N   . TYR A 1 106 ? 9.979   2.963   -16.498 1.00 25.24 ? 418 TYR A N   1 
ATOM 856  C CA  . TYR A 1 106 ? 10.772  4.161   -16.766 1.00 24.92 ? 418 TYR A CA  1 
ATOM 857  C C   . TYR A 1 106 ? 11.670  4.382   -15.538 1.00 24.05 ? 418 TYR A C   1 
ATOM 858  O O   . TYR A 1 106 ? 12.602  5.191   -15.535 1.00 22.85 ? 418 TYR A O   1 
ATOM 859  C CB  . TYR A 1 106 ? 9.818   5.327   -17.035 1.00 24.92 ? 418 TYR A CB  1 
ATOM 860  C CG  . TYR A 1 106 ? 8.803   4.958   -18.101 1.00 25.72 ? 418 TYR A CG  1 
ATOM 861  C CD1 . TYR A 1 106 ? 7.528   4.488   -17.765 1.00 26.15 ? 418 TYR A CD1 1 
ATOM 862  C CD2 . TYR A 1 106 ? 9.147   4.996   -19.448 1.00 27.60 ? 418 TYR A CD2 1 
ATOM 863  C CE1 . TYR A 1 106 ? 6.619   4.059   -18.753 1.00 26.01 ? 418 TYR A CE1 1 
ATOM 864  C CE2 . TYR A 1 106 ? 8.253   4.567   -20.446 1.00 28.20 ? 418 TYR A CE2 1 
ATOM 865  C CZ  . TYR A 1 106 ? 6.993   4.103   -20.095 1.00 27.38 ? 418 TYR A CZ  1 
ATOM 866  O OH  . TYR A 1 106 ? 6.130   3.704   -21.098 1.00 26.95 ? 418 TYR A OH  1 
ATOM 867  N N   . ASP A 1 107 ? 11.360  3.592   -14.517 1.00 24.01 ? 419 ASP A N   1 
ATOM 868  C CA  . ASP A 1 107 ? 12.044  3.511   -13.227 1.00 23.54 ? 419 ASP A CA  1 
ATOM 869  C C   . ASP A 1 107 ? 13.584  3.501   -13.380 1.00 23.29 ? 419 ASP A C   1 
ATOM 870  O O   . ASP A 1 107 ? 14.327  3.826   -12.449 1.00 23.37 ? 419 ASP A O   1 
ATOM 871  C CB  . ASP A 1 107 ? 11.565  2.205   -12.579 1.00 23.59 ? 419 ASP A CB  1 
ATOM 872  C CG  . ASP A 1 107 ? 12.103  1.986   -11.195 1.00 23.34 ? 419 ASP A CG  1 
ATOM 873  O OD1 . ASP A 1 107 ? 11.691  2.735   -10.284 1.00 24.76 ? 419 ASP A OD1 1 
ATOM 874  O OD2 . ASP A 1 107 ? 12.923  1.051   -11.021 1.00 22.46 ? 419 ASP A OD2 1 
ATOM 875  N N   . ALA A 1 108 ? 14.056  3.130   -14.564 1.00 22.68 ? 420 ALA A N   1 
ATOM 876  C CA  . ALA A 1 108 ? 15.485  3.048   -14.814 1.00 22.25 ? 420 ALA A CA  1 
ATOM 877  C C   . ALA A 1 108 ? 16.186  4.395   -14.828 1.00 21.51 ? 420 ALA A C   1 
ATOM 878  O O   . ALA A 1 108 ? 17.168  4.584   -14.111 1.00 21.49 ? 420 ALA A O   1 
ATOM 879  C CB  . ALA A 1 108 ? 15.738  2.315   -16.135 1.00 24.10 ? 420 ALA A CB  1 
ATOM 880  N N   . LEU A 1 109 ? 15.689  5.320   -15.650 1.00 20.58 ? 421 LEU A N   1 
ATOM 881  C CA  . LEU A 1 109 ? 16.277  6.661   -15.781 1.00 20.17 ? 421 LEU A CA  1 
ATOM 882  C C   . LEU A 1 109 ? 16.310  7.450   -14.463 1.00 20.68 ? 421 LEU A C   1 
ATOM 883  O O   . LEU A 1 109 ? 17.222  8.249   -14.232 1.00 20.42 ? 421 LEU A O   1 
ATOM 884  C CB  . LEU A 1 109 ? 15.518  7.468   -16.846 1.00 17.63 ? 421 LEU A CB  1 
ATOM 885  C CG  . LEU A 1 109 ? 15.440  6.862   -18.251 1.00 14.42 ? 421 LEU A CG  1 
ATOM 886  C CD1 . LEU A 1 109 ? 14.661  7.786   -19.167 1.00 12.61 ? 421 LEU A CD1 1 
ATOM 887  C CD2 . LEU A 1 109 ? 16.842  6.632   -18.789 1.00 13.22 ? 421 LEU A CD2 1 
ATOM 888  N N   . LEU A 1 110 ? 15.307  7.208   -13.619 1.00 21.14 ? 422 LEU A N   1 
ATOM 889  C CA  . LEU A 1 110 ? 15.158  7.843   -12.312 1.00 21.50 ? 422 LEU A CA  1 
ATOM 890  C C   . LEU A 1 110 ? 16.426  7.802   -11.447 1.00 22.77 ? 422 LEU A C   1 
ATOM 891  O O   . LEU A 1 110 ? 17.224  6.863   -11.537 1.00 22.40 ? 422 LEU A O   1 
ATOM 892  C CB  . LEU A 1 110 ? 13.996  7.181   -11.555 1.00 20.59 ? 422 LEU A CB  1 
ATOM 893  C CG  . LEU A 1 110 ? 12.558  7.680   -11.808 1.00 20.54 ? 422 LEU A CG  1 
ATOM 894  C CD1 . LEU A 1 110 ? 12.416  8.204   -13.233 1.00 20.56 ? 422 LEU A CD1 1 
ATOM 895  C CD2 . LEU A 1 110 ? 11.554  6.555   -11.525 1.00 19.40 ? 422 LEU A CD2 1 
ATOM 896  N N   . PRO A 1 111 ? 16.636  8.846   -10.614 1.00 24.00 ? 423 PRO A N   1 
ATOM 897  C CA  . PRO A 1 111 ? 17.795  8.966   -9.713  1.00 24.63 ? 423 PRO A CA  1 
ATOM 898  C C   . PRO A 1 111 ? 17.578  8.221   -8.386  1.00 24.85 ? 423 PRO A C   1 
ATOM 899  O O   . PRO A 1 111 ? 16.548  8.403   -7.730  1.00 23.89 ? 423 PRO A O   1 
ATOM 900  C CB  . PRO A 1 111 ? 17.914  10.481  -9.506  1.00 24.46 ? 423 PRO A CB  1 
ATOM 901  C CG  . PRO A 1 111 ? 17.169  11.083  -10.703 1.00 23.05 ? 423 PRO A CG  1 
ATOM 902  C CD  . PRO A 1 111 ? 15.997  10.166  -10.796 1.00 24.22 ? 423 PRO A CD  1 
ATOM 903  N N   . TRP A 1 112 ? 18.552  7.398   -7.988  1.00 26.25 ? 424 TRP A N   1 
ATOM 904  C CA  . TRP A 1 112 ? 18.438  6.624   -6.745  1.00 28.02 ? 424 TRP A CA  1 
ATOM 905  C C   . TRP A 1 112 ? 19.540  6.879   -5.698  1.00 27.75 ? 424 TRP A C   1 
ATOM 906  O O   . TRP A 1 112 ? 20.662  7.270   -6.035  1.00 27.49 ? 424 TRP A O   1 
ATOM 907  C CB  . TRP A 1 112 ? 18.367  5.118   -7.072  1.00 28.88 ? 424 TRP A CB  1 
ATOM 908  C CG  . TRP A 1 112 ? 17.365  4.824   -8.138  1.00 30.49 ? 424 TRP A CG  1 
ATOM 909  C CD1 . TRP A 1 112 ? 17.564  4.885   -9.494  1.00 31.45 ? 424 TRP A CD1 1 
ATOM 910  C CD2 . TRP A 1 112 ? 15.963  4.615   -7.951  1.00 30.32 ? 424 TRP A CD2 1 
ATOM 911  N NE1 . TRP A 1 112 ? 16.364  4.744   -10.158 1.00 30.84 ? 424 TRP A NE1 1 
ATOM 912  C CE2 . TRP A 1 112 ? 15.367  4.578   -9.234  1.00 29.72 ? 424 TRP A CE2 1 
ATOM 913  C CE3 . TRP A 1 112 ? 15.152  4.465   -6.824  1.00 30.46 ? 424 TRP A CE3 1 
ATOM 914  C CZ2 . TRP A 1 112 ? 13.999  4.399   -9.416  1.00 29.22 ? 424 TRP A CZ2 1 
ATOM 915  C CZ3 . TRP A 1 112 ? 13.789  4.288   -7.009  1.00 30.85 ? 424 TRP A CZ3 1 
ATOM 916  C CH2 . TRP A 1 112 ? 13.227  4.258   -8.296  1.00 29.86 ? 424 TRP A CH2 1 
ATOM 917  N N   . PRO A 1 113 ? 19.228  6.633   -4.408  1.00 27.04 ? 425 PRO A N   1 
ATOM 918  C CA  . PRO A 1 113 ? 17.917  6.143   -3.968  1.00 26.73 ? 425 PRO A CA  1 
ATOM 919  C C   . PRO A 1 113 ? 16.848  7.217   -3.940  1.00 25.54 ? 425 PRO A C   1 
ATOM 920  O O   . PRO A 1 113 ? 16.996  8.287   -4.531  1.00 25.07 ? 425 PRO A O   1 
ATOM 921  C CB  . PRO A 1 113 ? 18.204  5.579   -2.579  1.00 26.37 ? 425 PRO A CB  1 
ATOM 922  C CG  . PRO A 1 113 ? 19.257  6.484   -2.073  1.00 27.23 ? 425 PRO A CG  1 
ATOM 923  C CD  . PRO A 1 113 ? 20.179  6.643   -3.280  1.00 27.60 ? 425 PRO A CD  1 
ATOM 924  N N   . PHE A 1 114 ? 15.761  6.915   -3.244  1.00 25.20 ? 426 PHE A N   1 
ATOM 925  C CA  . PHE A 1 114 ? 14.648  7.839   -3.137  1.00 24.23 ? 426 PHE A CA  1 
ATOM 926  C C   . PHE A 1 114 ? 15.018  9.017   -2.232  1.00 24.60 ? 426 PHE A C   1 
ATOM 927  O O   . PHE A 1 114 ? 16.046  8.995   -1.541  1.00 24.90 ? 426 PHE A O   1 
ATOM 928  C CB  . PHE A 1 114 ? 13.418  7.116   -2.583  1.00 21.17 ? 426 PHE A CB  1 
ATOM 929  C CG  . PHE A 1 114 ? 12.123  7.779   -2.941  1.00 19.06 ? 426 PHE A CG  1 
ATOM 930  C CD1 . PHE A 1 114 ? 11.121  7.953   -1.978  1.00 17.47 ? 426 PHE A CD1 1 
ATOM 931  C CD2 . PHE A 1 114 ? 11.898  8.225   -4.246  1.00 17.47 ? 426 PHE A CD2 1 
ATOM 932  C CE1 . PHE A 1 114 ? 9.911   8.560   -2.302  1.00 15.60 ? 426 PHE A CE1 1 
ATOM 933  C CE2 . PHE A 1 114 ? 10.693  8.835   -4.587  1.00 17.25 ? 426 PHE A CE2 1 
ATOM 934  C CZ  . PHE A 1 114 ? 9.693   9.003   -3.608  1.00 17.47 ? 426 PHE A CZ  1 
ATOM 935  N N   . LYS A 1 115 ? 14.171  10.044  -2.241  1.00 24.53 ? 427 LYS A N   1 
ATOM 936  C CA  . LYS A 1 115 ? 14.393  11.238  -1.442  1.00 23.51 ? 427 LYS A CA  1 
ATOM 937  C C   . LYS A 1 115 ? 13.277  12.240  -1.688  1.00 22.28 ? 427 LYS A C   1 
ATOM 938  O O   . LYS A 1 115 ? 13.475  13.218  -2.389  1.00 23.20 ? 427 LYS A O   1 
ATOM 939  C CB  . LYS A 1 115 ? 15.757  11.855  -1.801  1.00 24.39 ? 427 LYS A CB  1 
ATOM 940  C CG  . LYS A 1 115 ? 15.992  12.031  -3.303  1.00 25.42 ? 427 LYS A CG  1 
ATOM 941  C CD  . LYS A 1 115 ? 17.456  12.384  -3.658  1.00 26.78 ? 427 LYS A CD  1 
ATOM 942  C CE  . LYS A 1 115 ? 18.421  11.190  -3.502  1.00 26.87 ? 427 LYS A CE  1 
ATOM 943  N NZ  . LYS A 1 115 ? 19.744  11.382  -4.194  1.00 24.79 ? 427 LYS A NZ  1 
ATOM 944  N N   . GLN A 1 116 ? 12.101  11.990  -1.121  1.00 21.56 ? 428 GLN A N   1 
ATOM 945  C CA  . GLN A 1 116 ? 10.963  12.895  -1.295  1.00 23.51 ? 428 GLN A CA  1 
ATOM 946  C C   . GLN A 1 116 ? 9.995   12.792  -0.105  1.00 24.64 ? 428 GLN A C   1 
ATOM 947  O O   . GLN A 1 116 ? 9.819   11.714  0.469   1.00 24.87 ? 428 GLN A O   1 
ATOM 948  C CB  . GLN A 1 116 ? 10.223  12.573  -2.603  1.00 23.44 ? 428 GLN A CB  1 
ATOM 949  C CG  . GLN A 1 116 ? 11.130  12.465  -3.841  1.00 24.23 ? 428 GLN A CG  1 
ATOM 950  C CD  . GLN A 1 116 ? 11.572  13.815  -4.399  1.00 24.72 ? 428 GLN A CD  1 
ATOM 951  O OE1 . GLN A 1 116 ? 12.561  13.903  -5.139  1.00 24.24 ? 428 GLN A OE1 1 
ATOM 952  N NE2 . GLN A 1 116 ? 10.832  14.870  -4.061  1.00 24.38 ? 428 GLN A NE2 1 
ATOM 953  N N   . LYS A 1 117 ? 9.365   13.910  0.262   1.00 26.07 ? 429 LYS A N   1 
ATOM 954  C CA  . LYS A 1 117 ? 8.446   13.931  1.407   1.00 25.94 ? 429 LYS A CA  1 
ATOM 955  C C   . LYS A 1 117 ? 7.323   12.919  1.218   1.00 26.30 ? 429 LYS A C   1 
ATOM 956  O O   . LYS A 1 117 ? 7.067   12.468  0.101   1.00 26.52 ? 429 LYS A O   1 
ATOM 957  C CB  . LYS A 1 117 ? 7.841   15.338  1.610   1.00 25.24 ? 429 LYS A CB  1 
ATOM 958  C CG  . LYS A 1 117 ? 6.643   15.685  0.700   1.00 22.55 ? 429 LYS A CG  1 
ATOM 959  C CD  . LYS A 1 117 ? 5.909   16.928  1.209   1.00 18.70 ? 429 LYS A CD  1 
ATOM 960  C CE  . LYS A 1 117 ? 4.567   17.178  0.511   1.00 14.83 ? 429 LYS A CE  1 
ATOM 961  N NZ  . LYS A 1 117 ? 4.671   17.854  -0.806  1.00 10.29 ? 429 LYS A NZ  1 
ATOM 962  N N   . VAL A 1 118 ? 6.660   12.562  2.314   1.00 26.00 ? 430 VAL A N   1 
ATOM 963  C CA  . VAL A 1 118 ? 5.566   11.607  2.254   1.00 25.36 ? 430 VAL A CA  1 
ATOM 964  C C   . VAL A 1 118 ? 4.618   11.782  3.436   1.00 25.07 ? 430 VAL A C   1 
ATOM 965  O O   . VAL A 1 118 ? 4.707   11.073  4.440   1.00 23.75 ? 430 VAL A O   1 
ATOM 966  C CB  . VAL A 1 118 ? 6.086   10.130  2.217   1.00 26.12 ? 430 VAL A CB  1 
ATOM 967  C CG1 . VAL A 1 118 ? 6.862   9.864   0.924   1.00 24.10 ? 430 VAL A CG1 1 
ATOM 968  C CG2 . VAL A 1 118 ? 6.957   9.847   3.435   1.00 25.69 ? 430 VAL A CG2 1 
ATOM 969  N N   . THR A 1 119 ? 3.700   12.731  3.325   1.00 25.60 ? 431 THR A N   1 
ATOM 970  C CA  . THR A 1 119 ? 2.761   12.935  4.418   1.00 27.06 ? 431 THR A CA  1 
ATOM 971  C C   . THR A 1 119 ? 1.617   11.922  4.349   1.00 27.19 ? 431 THR A C   1 
ATOM 972  O O   . THR A 1 119 ? 0.463   12.296  4.106   1.00 28.72 ? 431 THR A O   1 
ATOM 973  C CB  . THR A 1 119 ? 2.153   14.362  4.414   1.00 26.72 ? 431 THR A CB  1 
ATOM 974  O OG1 . THR A 1 119 ? 3.202   15.330  4.304   1.00 26.87 ? 431 THR A OG1 1 
ATOM 975  C CG2 . THR A 1 119 ? 1.389   14.618  5.712   1.00 25.41 ? 431 THR A CG2 1 
ATOM 976  N N   . LEU A 1 120 ? 1.932   10.640  4.542   1.00 26.02 ? 432 LEU A N   1 
ATOM 977  C CA  . LEU A 1 120 ? 0.892   9.616   4.530   1.00 24.22 ? 432 LEU A CA  1 
ATOM 978  C C   . LEU A 1 120 ? 0.043   9.925   5.764   1.00 23.89 ? 432 LEU A C   1 
ATOM 979  O O   . LEU A 1 120 ? 0.558   10.027  6.877   1.00 23.47 ? 432 LEU A O   1 
ATOM 980  C CB  . LEU A 1 120 ? 1.506   8.211   4.602   1.00 22.93 ? 432 LEU A CB  1 
ATOM 981  C CG  . LEU A 1 120 ? 2.202   7.678   5.854   1.00 21.92 ? 432 LEU A CG  1 
ATOM 982  C CD1 . LEU A 1 120 ? 2.897   6.364   5.507   1.00 20.19 ? 432 LEU A CD1 1 
ATOM 983  C CD2 . LEU A 1 120 ? 3.213   8.681   6.362   1.00 23.40 ? 432 LEU A CD2 1 
ATOM 984  N N   . MET A 1 121 ? -1.257  10.084  5.571   1.00 23.65 ? 433 MET A N   1 
ATOM 985  C CA  . MET A 1 121 ? -2.116  10.455  6.683   1.00 23.34 ? 433 MET A CA  1 
ATOM 986  C C   . MET A 1 121 ? -3.536  9.881   6.613   1.00 22.64 ? 433 MET A C   1 
ATOM 987  O O   . MET A 1 121 ? -4.150  9.800   5.539   1.00 22.54 ? 433 MET A O   1 
ATOM 988  C CB  . MET A 1 121 ? -2.181  11.978  6.719   1.00 24.03 ? 433 MET A CB  1 
ATOM 989  C CG  . MET A 1 121 ? -2.723  12.546  5.406   1.00 24.85 ? 433 MET A CG  1 
ATOM 990  S SD  . MET A 1 121 ? -2.126  14.183  5.013   1.00 25.08 ? 433 MET A SD  1 
ATOM 991  C CE  . MET A 1 121 ? -3.483  15.175  5.596   1.00 25.78 ? 433 MET A CE  1 
ATOM 992  N N   . LEU A 1 122 ? -4.056  9.503   7.774   1.00 20.81 ? 434 LEU A N   1 
ATOM 993  C CA  . LEU A 1 122 ? -5.395  8.944   7.873   1.00 20.43 ? 434 LEU A CA  1 
ATOM 994  C C   . LEU A 1 122 ? -6.352  10.127  7.865   1.00 20.91 ? 434 LEU A C   1 
ATOM 995  O O   . LEU A 1 122 ? -6.215  11.013  8.697   1.00 21.95 ? 434 LEU A O   1 
ATOM 996  C CB  . LEU A 1 122 ? -5.513  8.172   9.192   1.00 19.45 ? 434 LEU A CB  1 
ATOM 997  C CG  . LEU A 1 122 ? -6.512  7.026   9.343   1.00 16.95 ? 434 LEU A CG  1 
ATOM 998  C CD1 . LEU A 1 122 ? -7.912  7.560   9.574   1.00 16.33 ? 434 LEU A CD1 1 
ATOM 999  C CD2 . LEU A 1 122 ? -6.428  6.154   8.092   1.00 16.61 ? 434 LEU A CD2 1 
ATOM 1000 N N   . MET A 1 123 ? -7.308  10.152  6.938   1.00 21.73 ? 435 MET A N   1 
ATOM 1001 C CA  . MET A 1 123 ? -8.261  11.264  6.862   1.00 23.09 ? 435 MET A CA  1 
ATOM 1002 C C   . MET A 1 123 ? -9.240  11.313  8.025   1.00 24.43 ? 435 MET A C   1 
ATOM 1003 O O   . MET A 1 123 ? -8.951  10.838  9.121   1.00 23.96 ? 435 MET A O   1 
ATOM 1004 C CB  . MET A 1 123 ? -9.060  11.219  5.558   1.00 22.99 ? 435 MET A CB  1 
ATOM 1005 C CG  . MET A 1 123 ? -8.251  11.539  4.315   1.00 25.51 ? 435 MET A CG  1 
ATOM 1006 S SD  . MET A 1 123 ? -7.162  12.982  4.514   1.00 27.50 ? 435 MET A SD  1 
ATOM 1007 C CE  . MET A 1 123 ? -8.387  14.297  4.763   1.00 28.21 ? 435 MET A CE  1 
ATOM 1008 N N   . ASP A 1 124 ? -10.386 11.938  7.782   1.00 27.16 ? 436 ASP A N   1 
ATOM 1009 C CA  . ASP A 1 124 ? -11.438 12.042  8.787   1.00 30.71 ? 436 ASP A CA  1 
ATOM 1010 C C   . ASP A 1 124 ? -12.700 12.606  8.147   1.00 32.55 ? 436 ASP A C   1 
ATOM 1011 O O   . ASP A 1 124 ? -12.835 13.818  7.968   1.00 32.14 ? 436 ASP A O   1 
ATOM 1012 C CB  . ASP A 1 124 ? -11.019 12.946  9.949   1.00 31.04 ? 436 ASP A CB  1 
ATOM 1013 C CG  . ASP A 1 124 ? -12.026 12.921  11.099  1.00 31.57 ? 436 ASP A CG  1 
ATOM 1014 O OD1 . ASP A 1 124 ? -13.210 12.594  10.848  1.00 32.25 ? 436 ASP A OD1 1 
ATOM 1015 O OD2 . ASP A 1 124 ? -11.638 13.239  12.248  1.00 30.88 ? 436 ASP A OD2 1 
ATOM 1016 N N   . GLN A 1 125 ? -13.622 11.710  7.804   1.00 35.10 ? 437 GLN A N   1 
ATOM 1017 C CA  . GLN A 1 125 ? -14.889 12.089  7.184   1.00 36.17 ? 437 GLN A CA  1 
ATOM 1018 C C   . GLN A 1 125 ? -15.950 12.266  8.260   1.00 36.39 ? 437 GLN A C   1 
ATOM 1019 O O   . GLN A 1 125 ? -17.048 11.723  8.154   1.00 35.76 ? 437 GLN A O   1 
ATOM 1020 C CB  . GLN A 1 125 ? -15.311 11.004  6.183   1.00 36.46 ? 437 GLN A CB  1 
ATOM 1021 C CG  . GLN A 1 125 ? -15.258 9.579   6.733   1.00 35.79 ? 437 GLN A CG  1 
ATOM 1022 C CD  . GLN A 1 125 ? -15.301 8.522   5.635   1.00 36.04 ? 437 GLN A CD  1 
ATOM 1023 O OE1 . GLN A 1 125 ? -16.280 8.410   4.888   1.00 35.56 ? 437 GLN A OE1 1 
ATOM 1024 N NE2 . GLN A 1 125 ? -14.233 7.743   5.533   1.00 36.01 ? 437 GLN A NE2 1 
ATOM 1025 N N   . GLY A 1 126 ? -15.602 13.031  9.294   1.00 37.34 ? 438 GLY A N   1 
ATOM 1026 C CA  . GLY A 1 126 ? -16.518 13.267  10.397  1.00 39.21 ? 438 GLY A CA  1 
ATOM 1027 C C   . GLY A 1 126 ? -17.324 14.553  10.296  1.00 39.98 ? 438 GLY A C   1 
ATOM 1028 O O   . GLY A 1 126 ? -18.519 14.524  9.971   1.00 40.68 ? 438 GLY A O   1 
ATOM 1029 N N   . SER A 1 127 ? -16.673 15.681  10.582  1.00 39.69 ? 439 SER A N   1 
ATOM 1030 C CA  . SER A 1 127 ? -17.313 16.999  10.530  1.00 37.85 ? 439 SER A CA  1 
ATOM 1031 C C   . SER A 1 127 ? -16.380 18.079  11.068  1.00 36.31 ? 439 SER A C   1 
ATOM 1032 O O   . SER A 1 127 ? -16.809 19.196  11.340  1.00 35.77 ? 439 SER A O   1 
ATOM 1033 C CB  . SER A 1 127 ? -18.607 16.995  11.358  1.00 37.96 ? 439 SER A CB  1 
ATOM 1034 O OG  . SER A 1 127 ? -18.357 16.609  12.698  1.00 35.97 ? 439 SER A OG  1 
ATOM 1035 N N   . SER A 1 128 ? -15.100 17.752  11.201  1.00 35.28 ? 440 SER A N   1 
ATOM 1036 C CA  . SER A 1 128 ? -14.152 18.711  11.743  1.00 34.91 ? 440 SER A CA  1 
ATOM 1037 C C   . SER A 1 128 ? -12.746 18.566  11.164  1.00 34.66 ? 440 SER A C   1 
ATOM 1038 O O   . SER A 1 128 ? -11.893 19.426  11.369  1.00 33.85 ? 440 SER A O   1 
ATOM 1039 C CB  . SER A 1 128 ? -14.116 18.560  13.267  1.00 35.80 ? 440 SER A CB  1 
ATOM 1040 O OG  . SER A 1 128 ? -15.435 18.506  13.806  1.00 34.62 ? 440 SER A OG  1 
ATOM 1041 N N   . ARG A 1 129 ? -12.508 17.465  10.458  1.00 34.78 ? 441 ARG A N   1 
ATOM 1042 C CA  . ARG A 1 129 ? -11.214 17.195  9.818   1.00 35.07 ? 441 ARG A CA  1 
ATOM 1043 C C   . ARG A 1 129 ? -9.982  17.250  10.746  1.00 34.37 ? 441 ARG A C   1 
ATOM 1044 O O   . ARG A 1 129 ? -9.038  17.984  10.473  1.00 33.53 ? 441 ARG A O   1 
ATOM 1045 C CB  . ARG A 1 129 ? -11.007 18.174  8.649   1.00 35.99 ? 441 ARG A CB  1 
ATOM 1046 C CG  . ARG A 1 129 ? -12.303 18.719  8.049   1.00 38.35 ? 441 ARG A CG  1 
ATOM 1047 C CD  . ARG A 1 129 ? -12.211 20.232  7.813   1.00 42.12 ? 441 ARG A CD  1 
ATOM 1048 N NE  . ARG A 1 129 ? -13.517 20.869  7.596   1.00 44.98 ? 441 ARG A NE  1 
ATOM 1049 C CZ  . ARG A 1 129 ? -13.706 22.183  7.443   1.00 45.59 ? 441 ARG A CZ  1 
ATOM 1050 N NH1 . ARG A 1 129 ? -12.676 23.025  7.480   1.00 45.77 ? 441 ARG A NH1 1 
ATOM 1051 N NH2 . ARG A 1 129 ? -14.933 22.662  7.255   1.00 45.73 ? 441 ARG A NH2 1 
ATOM 1052 N N   . ARG A 1 130 ? -9.981  16.483  11.832  1.00 34.51 ? 442 ARG A N   1 
ATOM 1053 C CA  . ARG A 1 130 ? -8.824  16.484  12.731  1.00 35.58 ? 442 ARG A CA  1 
ATOM 1054 C C   . ARG A 1 130 ? -8.061  15.181  12.506  1.00 34.67 ? 442 ARG A C   1 
ATOM 1055 O O   . ARG A 1 130 ? -7.644  14.502  13.452  1.00 34.10 ? 442 ARG A O   1 
ATOM 1056 C CB  . ARG A 1 130 ? -9.272  16.588  14.195  1.00 39.34 ? 442 ARG A CB  1 
ATOM 1057 C CG  . ARG A 1 130 ? -8.473  17.618  15.037  1.00 42.83 ? 442 ARG A CG  1 
ATOM 1058 C CD  . ARG A 1 130 ? -8.680  19.067  14.538  1.00 45.20 ? 442 ARG A CD  1 
ATOM 1059 N NE  . ARG A 1 130 ? -10.092 19.471  14.574  1.00 47.25 ? 442 ARG A NE  1 
ATOM 1060 C CZ  . ARG A 1 130 ? -10.562 20.650  14.168  1.00 46.92 ? 442 ARG A CZ  1 
ATOM 1061 N NH1 . ARG A 1 130 ? -9.742  21.577  13.679  1.00 45.71 ? 442 ARG A NH1 1 
ATOM 1062 N NH2 . ARG A 1 130 ? -11.861 20.903  14.258  1.00 46.93 ? 442 ARG A NH2 1 
ATOM 1063 N N   . HIS A 1 131 ? -7.869  14.872  11.227  1.00 33.61 ? 443 HIS A N   1 
ATOM 1064 C CA  . HIS A 1 131 ? -7.220  13.648  10.763  1.00 32.89 ? 443 HIS A CA  1 
ATOM 1065 C C   . HIS A 1 131 ? -5.716  13.506  10.891  1.00 31.88 ? 443 HIS A C   1 
ATOM 1066 O O   . HIS A 1 131 ? -4.959  14.167  10.185  1.00 31.17 ? 443 HIS A O   1 
ATOM 1067 C CB  . HIS A 1 131 ? -7.593  13.422  9.311   1.00 34.70 ? 443 HIS A CB  1 
ATOM 1068 C CG  . HIS A 1 131 ? -7.449  14.640  8.455   1.00 35.57 ? 443 HIS A CG  1 
ATOM 1069 N ND1 . HIS A 1 131 ? -8.527  15.415  8.077   1.00 35.17 ? 443 HIS A ND1 1 
ATOM 1070 C CD2 . HIS A 1 131 ? -6.358  15.211  7.894   1.00 35.23 ? 443 HIS A CD2 1 
ATOM 1071 C CE1 . HIS A 1 131 ? -8.103  16.410  7.319   1.00 36.48 ? 443 HIS A CE1 1 
ATOM 1072 N NE2 . HIS A 1 131 ? -6.790  16.308  7.192   1.00 36.63 ? 443 HIS A NE2 1 
ATOM 1073 N N   . LEU A 1 132 ? -5.304  12.579  11.753  1.00 31.21 ? 444 LEU A N   1 
ATOM 1074 C CA  . LEU A 1 132 ? -3.893  12.299  12.022  1.00 31.11 ? 444 LEU A CA  1 
ATOM 1075 C C   . LEU A 1 132 ? -3.044  12.033  10.767  1.00 29.35 ? 444 LEU A C   1 
ATOM 1076 O O   . LEU A 1 132 ? -3.513  11.425  9.798   1.00 30.64 ? 444 LEU A O   1 
ATOM 1077 C CB  . LEU A 1 132 ? -3.791  11.106  12.986  1.00 32.16 ? 444 LEU A CB  1 
ATOM 1078 C CG  . LEU A 1 132 ? -2.615  11.046  13.979  1.00 33.81 ? 444 LEU A CG  1 
ATOM 1079 C CD1 . LEU A 1 132 ? -2.878  9.909   14.989  1.00 33.65 ? 444 LEU A CD1 1 
ATOM 1080 C CD2 . LEU A 1 132 ? -1.268  10.856  13.236  1.00 32.60 ? 444 LEU A CD2 1 
ATOM 1081 N N   . GLY A 1 133 ? -1.791  12.491  10.799  1.00 27.27 ? 445 GLY A N   1 
ATOM 1082 C CA  . GLY A 1 133 ? -0.892  12.293  9.672   1.00 25.24 ? 445 GLY A CA  1 
ATOM 1083 C C   . GLY A 1 133 ? 0.568   12.560  10.008  1.00 23.75 ? 445 GLY A C   1 
ATOM 1084 O O   . GLY A 1 133 ? 0.881   13.023  11.105  1.00 24.18 ? 445 GLY A O   1 
ATOM 1085 N N   . ASP A 1 134 ? 1.468   12.269  9.069   1.00 22.11 ? 446 ASP A N   1 
ATOM 1086 C CA  . ASP A 1 134 ? 2.898   12.493  9.284   1.00 20.18 ? 446 ASP A CA  1 
ATOM 1087 C C   . ASP A 1 134 ? 3.805   12.111  8.112   1.00 19.89 ? 446 ASP A C   1 
ATOM 1088 O O   . ASP A 1 134 ? 3.497   11.215  7.332   1.00 18.23 ? 446 ASP A O   1 
ATOM 1089 C CB  . ASP A 1 134 ? 3.361   11.760  10.534  1.00 18.93 ? 446 ASP A CB  1 
ATOM 1090 C CG  . ASP A 1 134 ? 4.850   11.615  10.581  1.00 19.32 ? 446 ASP A CG  1 
ATOM 1091 O OD1 . ASP A 1 134 ? 5.546   12.649  10.478  1.00 20.12 ? 446 ASP A OD1 1 
ATOM 1092 O OD2 . ASP A 1 134 ? 5.321   10.466  10.713  1.00 19.44 ? 446 ASP A OD2 1 
ATOM 1093 N N   . ALA A 1 135 ? 4.936   12.806  8.006   1.00 21.15 ? 447 ALA A N   1 
ATOM 1094 C CA  . ALA A 1 135 ? 5.896   12.571  6.926   1.00 22.76 ? 447 ALA A CA  1 
ATOM 1095 C C   . ALA A 1 135 ? 7.343   12.477  7.416   1.00 22.54 ? 447 ALA A C   1 
ATOM 1096 O O   . ALA A 1 135 ? 7.642   12.836  8.552   1.00 22.08 ? 447 ALA A O   1 
ATOM 1097 C CB  . ALA A 1 135 ? 5.777   13.680  5.881   1.00 23.68 ? 447 ALA A CB  1 
ATOM 1098 N N   . PHE A 1 136 ? 8.230   11.982  6.558   1.00 23.60 ? 448 PHE A N   1 
ATOM 1099 C CA  . PHE A 1 136 ? 9.635   11.848  6.915   1.00 26.98 ? 448 PHE A CA  1 
ATOM 1100 C C   . PHE A 1 136 ? 10.508  11.931  5.695   1.00 28.92 ? 448 PHE A C   1 
ATOM 1101 O O   . PHE A 1 136 ? 10.038  12.289  4.609   1.00 29.69 ? 448 PHE A O   1 
ATOM 1102 C CB  . PHE A 1 136 ? 9.922   10.526  7.652   1.00 29.25 ? 448 PHE A CB  1 
ATOM 1103 C CG  . PHE A 1 136 ? 9.477   9.275   6.909   1.00 31.72 ? 448 PHE A CG  1 
ATOM 1104 C CD1 . PHE A 1 136 ? 9.005   8.168   7.624   1.00 31.51 ? 448 PHE A CD1 1 
ATOM 1105 C CD2 . PHE A 1 136 ? 9.535   9.192   5.514   1.00 32.01 ? 448 PHE A CD2 1 
ATOM 1106 C CE1 . PHE A 1 136 ? 8.598   7.008   6.966   1.00 30.72 ? 448 PHE A CE1 1 
ATOM 1107 C CE2 . PHE A 1 136 ? 9.130   8.029   4.844   1.00 31.18 ? 448 PHE A CE2 1 
ATOM 1108 C CZ  . PHE A 1 136 ? 8.661   6.939   5.571   1.00 31.00 ? 448 PHE A CZ  1 
ATOM 1109 N N   . LYS A 1 137 ? 11.778  11.575  5.880   1.00 30.75 ? 449 LYS A N   1 
ATOM 1110 C CA  . LYS A 1 137 ? 12.765  11.620  4.810   1.00 32.95 ? 449 LYS A CA  1 
ATOM 1111 C C   . LYS A 1 137 ? 13.376  10.256  4.518   1.00 34.05 ? 449 LYS A C   1 
ATOM 1112 O O   . LYS A 1 137 ? 13.610  9.461   5.428   1.00 34.91 ? 449 LYS A O   1 
ATOM 1113 C CB  . LYS A 1 137 ? 13.883  12.602  5.182   1.00 32.20 ? 449 LYS A CB  1 
ATOM 1114 C CG  . LYS A 1 137 ? 13.457  14.062  5.198   1.00 31.09 ? 449 LYS A CG  1 
ATOM 1115 C CD  . LYS A 1 137 ? 13.474  14.646  3.789   1.00 30.62 ? 449 LYS A CD  1 
ATOM 1116 C CE  . LYS A 1 137 ? 14.905  14.810  3.276   1.00 30.33 ? 449 LYS A CE  1 
ATOM 1117 N NZ  . LYS A 1 137 ? 15.706  15.774  4.099   1.00 28.89 ? 449 LYS A NZ  1 
ATOM 1118 N N   . PRO A 1 138 ? 13.622  9.961   3.233   1.00 34.80 ? 450 PRO A N   1 
ATOM 1119 C CA  . PRO A 1 138 ? 14.218  8.686   2.823   1.00 36.53 ? 450 PRO A CA  1 
ATOM 1120 C C   . PRO A 1 138 ? 15.693  8.653   3.226   1.00 38.13 ? 450 PRO A C   1 
ATOM 1121 O O   . PRO A 1 138 ? 16.483  9.472   2.750   1.00 38.71 ? 450 PRO A O   1 
ATOM 1122 C CB  . PRO A 1 138 ? 14.047  8.697   1.303   1.00 35.56 ? 450 PRO A CB  1 
ATOM 1123 C CG  . PRO A 1 138 ? 12.824  9.521   1.104   1.00 34.55 ? 450 PRO A CG  1 
ATOM 1124 C CD  . PRO A 1 138 ? 13.043  10.656  2.073   1.00 34.79 ? 450 PRO A CD  1 
ATOM 1125 N N   . ASP A 1 139 ? 16.065  7.713   4.093   1.00 40.24 ? 451 ASP A N   1 
ATOM 1126 C CA  . ASP A 1 139 ? 17.454  7.610   4.539   1.00 42.69 ? 451 ASP A CA  1 
ATOM 1127 C C   . ASP A 1 139 ? 18.227  6.621   3.687   1.00 43.17 ? 451 ASP A C   1 
ATOM 1128 O O   . ASP A 1 139 ? 18.069  5.400   3.843   1.00 42.78 ? 451 ASP A O   1 
ATOM 1129 C CB  . ASP A 1 139 ? 17.518  7.153   5.987   1.00 45.39 ? 451 ASP A CB  1 
ATOM 1130 C CG  . ASP A 1 139 ? 16.213  7.357   6.713   1.00 49.08 ? 451 ASP A CG  1 
ATOM 1131 O OD1 . ASP A 1 139 ? 15.710  8.507   6.725   1.00 49.76 ? 451 ASP A OD1 1 
ATOM 1132 O OD2 . ASP A 1 139 ? 15.696  6.363   7.271   1.00 50.72 ? 451 ASP A OD2 1 
ATOM 1133 N N   . PRO A 1 140 ? 19.090  7.133   2.785   1.00 43.24 ? 452 PRO A N   1 
ATOM 1134 C CA  . PRO A 1 140 ? 19.912  6.311   1.884   1.00 43.93 ? 452 PRO A CA  1 
ATOM 1135 C C   . PRO A 1 140 ? 20.561  5.099   2.562   1.00 44.71 ? 452 PRO A C   1 
ATOM 1136 O O   . PRO A 1 140 ? 20.460  3.975   2.060   1.00 44.80 ? 452 PRO A O   1 
ATOM 1137 C CB  . PRO A 1 140 ? 20.941  7.310   1.340   1.00 43.54 ? 452 PRO A CB  1 
ATOM 1138 C CG  . PRO A 1 140 ? 20.959  8.410   2.382   1.00 43.29 ? 452 PRO A CG  1 
ATOM 1139 C CD  . PRO A 1 140 ? 19.507  8.544   2.720   1.00 42.28 ? 452 PRO A CD  1 
ATOM 1140 N N   . ASN A 1 141 ? 21.217  5.337   3.698   1.00 45.59 ? 453 ASN A N   1 
ATOM 1141 C CA  . ASN A 1 141 ? 21.879  4.278   4.460   1.00 45.92 ? 453 ASN A CA  1 
ATOM 1142 C C   . ASN A 1 141 ? 21.027  3.020   4.524   1.00 46.07 ? 453 ASN A C   1 
ATOM 1143 O O   . ASN A 1 141 ? 21.359  2.004   3.906   1.00 46.03 ? 453 ASN A O   1 
ATOM 1144 C CB  . ASN A 1 141 ? 22.168  4.750   5.888   1.00 45.75 ? 453 ASN A CB  1 
ATOM 1145 C CG  . ASN A 1 141 ? 22.717  3.639   6.776   1.00 45.50 ? 453 ASN A CG  1 
ATOM 1146 O OD1 . ASN A 1 141 ? 23.776  3.065   6.495   1.00 44.36 ? 453 ASN A OD1 1 
ATOM 1147 N ND2 . ASN A 1 141 ? 21.996  3.331   7.856   1.00 43.98 ? 453 ASN A ND2 1 
ATOM 1148 N N   . SER A 1 142 ? 19.928  3.095   5.274   1.00 46.19 ? 454 SER A N   1 
ATOM 1149 C CA  . SER A 1 142 ? 19.034  1.950   5.428   1.00 45.92 ? 454 SER A CA  1 
ATOM 1150 C C   . SER A 1 142 ? 18.349  1.628   4.102   1.00 45.23 ? 454 SER A C   1 
ATOM 1151 O O   . SER A 1 142 ? 17.652  2.465   3.511   1.00 44.44 ? 454 SER A O   1 
ATOM 1152 C CB  . SER A 1 142 ? 17.988  2.211   6.529   1.00 46.01 ? 454 SER A CB  1 
ATOM 1153 O OG  . SER A 1 142 ? 17.582  0.997   7.156   1.00 43.52 ? 454 SER A OG  1 
ATOM 1154 N N   . SER A 1 143 ? 18.580  0.399   3.655   1.00 44.38 ? 455 SER A N   1 
ATOM 1155 C CA  . SER A 1 143 ? 18.054  -0.137  2.407   1.00 43.52 ? 455 SER A CA  1 
ATOM 1156 C C   . SER A 1 143 ? 16.525  -0.248  2.338   1.00 42.81 ? 455 SER A C   1 
ATOM 1157 O O   . SER A 1 143 ? 15.931  -1.115  2.982   1.00 43.32 ? 455 SER A O   1 
ATOM 1158 C CB  . SER A 1 143 ? 18.690  -1.508  2.178   1.00 43.84 ? 455 SER A CB  1 
ATOM 1159 O OG  . SER A 1 143 ? 18.845  -2.196  3.411   1.00 43.21 ? 455 SER A OG  1 
ATOM 1160 N N   . SER A 1 144 ? 15.897  0.622   1.544   1.00 41.57 ? 456 SER A N   1 
ATOM 1161 C CA  . SER A 1 144 ? 14.440  0.614   1.393   1.00 40.48 ? 456 SER A CA  1 
ATOM 1162 C C   . SER A 1 144 ? 13.936  1.639   0.364   1.00 39.83 ? 456 SER A C   1 
ATOM 1163 O O   . SER A 1 144 ? 12.747  1.645   0.007   1.00 39.29 ? 456 SER A O   1 
ATOM 1164 C CB  . SER A 1 144 ? 13.766  0.876   2.747   1.00 40.35 ? 456 SER A CB  1 
ATOM 1165 O OG  . SER A 1 144 ? 12.359  0.735   2.655   1.00 39.25 ? 456 SER A OG  1 
ATOM 1166 N N   . PHE A 1 145 ? 14.842  2.495   -0.111  1.00 38.30 ? 457 PHE A N   1 
ATOM 1167 C CA  . PHE A 1 145 ? 14.512  3.529   -1.098  1.00 36.61 ? 457 PHE A CA  1 
ATOM 1168 C C   . PHE A 1 145 ? 15.512  3.512   -2.258  1.00 37.76 ? 457 PHE A C   1 
ATOM 1169 O O   . PHE A 1 145 ? 15.459  4.355   -3.155  1.00 37.47 ? 457 PHE A O   1 
ATOM 1170 C CB  . PHE A 1 145 ? 14.523  4.911   -0.437  1.00 32.02 ? 457 PHE A CB  1 
ATOM 1171 C CG  . PHE A 1 145 ? 13.432  5.112   0.573   1.00 26.19 ? 457 PHE A CG  1 
ATOM 1172 C CD1 . PHE A 1 145 ? 12.148  5.446   0.171   1.00 24.25 ? 457 PHE A CD1 1 
ATOM 1173 C CD2 . PHE A 1 145 ? 13.693  4.984   1.928   1.00 24.27 ? 457 PHE A CD2 1 
ATOM 1174 C CE1 . PHE A 1 145 ? 11.136  5.655   1.105   1.00 21.19 ? 457 PHE A CE1 1 
ATOM 1175 C CE2 . PHE A 1 145 ? 12.688  5.191   2.865   1.00 22.54 ? 457 PHE A CE2 1 
ATOM 1176 C CZ  . PHE A 1 145 ? 11.406  5.529   2.450   1.00 20.55 ? 457 PHE A CZ  1 
ATOM 1177 N N   . LYS A 1 146 ? 16.422  2.543   -2.226  1.00 39.68 ? 458 LYS A N   1 
ATOM 1178 C CA  . LYS A 1 146 ? 17.445  2.397   -3.257  1.00 42.40 ? 458 LYS A CA  1 
ATOM 1179 C C   . LYS A 1 146 ? 16.868  1.694   -4.497  1.00 43.66 ? 458 LYS A C   1 
ATOM 1180 O O   . LYS A 1 146 ? 16.008  0.807   -4.369  1.00 44.73 ? 458 LYS A O   1 
ATOM 1181 C CB  . LYS A 1 146 ? 18.607  1.592   -2.677  1.00 42.57 ? 458 LYS A CB  1 
ATOM 1182 C CG  . LYS A 1 146 ? 19.846  1.468   -3.557  1.00 43.92 ? 458 LYS A CG  1 
ATOM 1183 C CD  . LYS A 1 146 ? 20.902  0.660   -2.790  1.00 45.15 ? 458 LYS A CD  1 
ATOM 1184 C CE  . LYS A 1 146 ? 22.220  0.509   -3.527  1.00 44.61 ? 458 LYS A CE  1 
ATOM 1185 N NZ  . LYS A 1 146 ? 23.210  -0.174  -2.646  1.00 43.10 ? 458 LYS A NZ  1 
ATOM 1186 N N   . LYS A 1 147 ? 17.338  2.088   -5.685  1.00 43.66 ? 459 LYS A N   1 
ATOM 1187 C CA  . LYS A 1 147 ? 16.868  1.498   -6.944  1.00 43.37 ? 459 LYS A CA  1 
ATOM 1188 C C   . LYS A 1 147 ? 16.421  0.053   -6.765  1.00 43.52 ? 459 LYS A C   1 
ATOM 1189 O O   . LYS A 1 147 ? 17.223  -0.812  -6.414  1.00 42.89 ? 459 LYS A O   1 
ATOM 1190 C CB  . LYS A 1 147 ? 17.966  1.547   -8.002  1.00 43.79 ? 459 LYS A CB  1 
ATOM 1191 C CG  . LYS A 1 147 ? 17.514  1.104   -9.386  1.00 44.62 ? 459 LYS A CG  1 
ATOM 1192 C CD  . LYS A 1 147 ? 17.193  -0.389  -9.463  1.00 45.61 ? 459 LYS A CD  1 
ATOM 1193 C CE  . LYS A 1 147 ? 16.560  -0.759  -10.810 1.00 46.73 ? 459 LYS A CE  1 
ATOM 1194 N NZ  . LYS A 1 147 ? 16.222  -2.216  -10.940 1.00 46.46 ? 459 LYS A NZ  1 
ATOM 1195 N N   . PRO A 1 148 ? 15.132  -0.223  -7.039  1.00 44.30 ? 460 PRO A N   1 
ATOM 1196 C CA  . PRO A 1 148 ? 14.422  -1.513  -6.952  1.00 44.12 ? 460 PRO A CA  1 
ATOM 1197 C C   . PRO A 1 148 ? 15.082  -2.743  -7.590  1.00 43.57 ? 460 PRO A C   1 
ATOM 1198 O O   . PRO A 1 148 ? 15.726  -2.650  -8.632  1.00 42.99 ? 460 PRO A O   1 
ATOM 1199 C CB  . PRO A 1 148 ? 13.071  -1.202  -7.605  1.00 44.25 ? 460 PRO A CB  1 
ATOM 1200 C CG  . PRO A 1 148 ? 12.859  0.235   -7.262  1.00 44.18 ? 460 PRO A CG  1 
ATOM 1201 C CD  . PRO A 1 148 ? 14.225  0.828   -7.537  1.00 43.93 ? 460 PRO A CD  1 
ATOM 1202 N N   . THR A 1 149 ? 14.904  -3.900  -6.953  1.00 42.91 ? 461 THR A N   1 
ATOM 1203 C CA  . THR A 1 149 ? 15.441  -5.167  -7.464  1.00 42.53 ? 461 THR A CA  1 
ATOM 1204 C C   . THR A 1 149 ? 14.281  -6.036  -7.957  1.00 41.71 ? 461 THR A C   1 
ATOM 1205 O O   . THR A 1 149 ? 14.174  -6.348  -9.149  1.00 40.99 ? 461 THR A O   1 
ATOM 1206 C CB  . THR A 1 149 ? 16.224  -5.955  -6.372  1.00 42.66 ? 461 THR A CB  1 
ATOM 1207 O OG1 . THR A 1 149 ? 16.014  -7.366  -6.552  1.00 41.77 ? 461 THR A OG1 1 
ATOM 1208 C CG2 . THR A 1 149 ? 15.773  -5.535  -4.966  1.00 42.62 ? 461 THR A CG2 1 
ATOM 1209 N N   . GLY A 1 150 ? 13.415  -6.416  -7.022  1.00 40.88 ? 462 GLY A N   1 
ATOM 1210 C CA  . GLY A 1 150 ? 12.264  -7.226  -7.360  1.00 39.28 ? 462 GLY A CA  1 
ATOM 1211 C C   . GLY A 1 150 ? 11.228  -6.406  -8.099  1.00 38.02 ? 462 GLY A C   1 
ATOM 1212 O O   . GLY A 1 150 ? 11.468  -5.939  -9.214  1.00 37.81 ? 462 GLY A O   1 
ATOM 1213 N N   . GLU A 1 151 ? 10.075  -6.216  -7.469  1.00 36.98 ? 463 GLU A N   1 
ATOM 1214 C CA  . GLU A 1 151 ? 8.992   -5.457  -8.075  1.00 36.77 ? 463 GLU A CA  1 
ATOM 1215 C C   . GLU A 1 151 ? 8.489   -4.396  -7.091  1.00 35.97 ? 463 GLU A C   1 
ATOM 1216 O O   . GLU A 1 151 ? 7.763   -3.475  -7.473  1.00 35.96 ? 463 GLU A O   1 
ATOM 1217 C CB  . GLU A 1 151 ? 7.852   -6.410  -8.452  1.00 37.94 ? 463 GLU A CB  1 
ATOM 1218 C CG  . GLU A 1 151 ? 6.848   -5.861  -9.463  1.00 39.73 ? 463 GLU A CG  1 
ATOM 1219 C CD  . GLU A 1 151 ? 7.194   -6.220  -10.899 1.00 39.42 ? 463 GLU A CD  1 
ATOM 1220 O OE1 . GLU A 1 151 ? 6.467   -5.771  -11.815 1.00 39.34 ? 463 GLU A OE1 1 
ATOM 1221 O OE2 . GLU A 1 151 ? 8.186   -6.954  -11.107 1.00 39.79 ? 463 GLU A OE2 1 
ATOM 1222 N N   . MET A 1 152 ? 8.872   -4.552  -5.821  1.00 35.08 ? 464 MET A N   1 
ATOM 1223 C CA  . MET A 1 152 ? 8.501   -3.638  -4.731  1.00 33.17 ? 464 MET A CA  1 
ATOM 1224 C C   . MET A 1 152 ? 9.445   -3.926  -3.560  1.00 32.50 ? 464 MET A C   1 
ATOM 1225 O O   . MET A 1 152 ? 9.592   -5.079  -3.152  1.00 32.71 ? 464 MET A O   1 
ATOM 1226 C CB  . MET A 1 152 ? 7.056   -3.882  -4.306  1.00 31.85 ? 464 MET A CB  1 
ATOM 1227 C CG  . MET A 1 152 ? 6.174   -4.341  -5.442  1.00 30.43 ? 464 MET A CG  1 
ATOM 1228 S SD  . MET A 1 152 ? 4.459   -4.084  -5.111  1.00 34.13 ? 464 MET A SD  1 
ATOM 1229 C CE  . MET A 1 152 ? 4.186   -5.266  -3.710  1.00 32.44 ? 464 MET A CE  1 
ATOM 1230 N N   . ASN A 1 153 ? 10.078  -2.890  -3.015  1.00 31.91 ? 465 ASN A N   1 
ATOM 1231 C CA  . ASN A 1 153 ? 11.036  -3.081  -1.920  1.00 31.21 ? 465 ASN A CA  1 
ATOM 1232 C C   . ASN A 1 153 ? 10.456  -3.149  -0.496  1.00 29.87 ? 465 ASN A C   1 
ATOM 1233 O O   . ASN A 1 153 ? 9.236   -3.153  -0.302  1.00 28.51 ? 465 ASN A O   1 
ATOM 1234 C CB  . ASN A 1 153 ? 12.121  -1.997  -1.987  1.00 32.46 ? 465 ASN A CB  1 
ATOM 1235 C CG  . ASN A 1 153 ? 12.828  -1.948  -3.345  1.00 33.91 ? 465 ASN A CG  1 
ATOM 1236 O OD1 . ASN A 1 153 ? 13.484  -2.912  -3.763  1.00 33.45 ? 465 ASN A OD1 1 
ATOM 1237 N ND2 . ASN A 1 153 ? 12.693  -0.815  -4.037  1.00 34.33 ? 465 ASN A ND2 1 
ATOM 1238 N N   . ILE A 1 154 ? 11.349  -3.203  0.495   1.00 28.73 ? 466 ILE A N   1 
ATOM 1239 C CA  . ILE A 1 154 ? 10.946  -3.302  1.897   1.00 28.35 ? 466 ILE A CA  1 
ATOM 1240 C C   . ILE A 1 154 ? 10.032  -2.157  2.273   1.00 27.74 ? 466 ILE A C   1 
ATOM 1241 O O   . ILE A 1 154 ? 10.492  -1.109  2.735   1.00 27.59 ? 466 ILE A O   1 
ATOM 1242 C CB  . ILE A 1 154 ? 12.157  -3.274  2.863   1.00 28.97 ? 466 ILE A CB  1 
ATOM 1243 C CG1 . ILE A 1 154 ? 13.324  -4.068  2.277   1.00 29.98 ? 466 ILE A CG1 1 
ATOM 1244 C CG2 . ILE A 1 154 ? 11.761  -3.896  4.206   1.00 28.71 ? 466 ILE A CG2 1 
ATOM 1245 C CD1 . ILE A 1 154 ? 14.594  -4.024  3.122   1.00 30.81 ? 466 ILE A CD1 1 
ATOM 1246 N N   . ALA A 1 155 ? 8.735   -2.362  2.077   1.00 26.96 ? 467 ALA A N   1 
ATOM 1247 C CA  . ALA A 1 155 ? 7.746   -1.337  2.385   1.00 27.25 ? 467 ALA A CA  1 
ATOM 1248 C C   . ALA A 1 155 ? 8.109   -0.508  3.620   1.00 26.71 ? 467 ALA A C   1 
ATOM 1249 O O   . ALA A 1 155 ? 7.803   -0.893  4.746   1.00 26.63 ? 467 ALA A O   1 
ATOM 1250 C CB  . ALA A 1 155 ? 6.369   -1.985  2.571   1.00 27.26 ? 467 ALA A CB  1 
ATOM 1251 N N   . SER A 1 156 ? 8.766   0.629   3.419   1.00 26.30 ? 468 SER A N   1 
ATOM 1252 C CA  . SER A 1 156 ? 9.111   1.451   4.571   1.00 27.29 ? 468 SER A CA  1 
ATOM 1253 C C   . SER A 1 156 ? 7.921   2.331   4.931   1.00 28.57 ? 468 SER A C   1 
ATOM 1254 O O   . SER A 1 156 ? 7.149   2.744   4.061   1.00 27.87 ? 468 SER A O   1 
ATOM 1255 C CB  . SER A 1 156 ? 10.343  2.326   4.297   1.00 26.68 ? 468 SER A CB  1 
ATOM 1256 O OG  . SER A 1 156 ? 10.753  3.005   5.475   1.00 22.94 ? 468 SER A OG  1 
ATOM 1257 N N   . GLY A 1 157 ? 7.777   2.604   6.224   1.00 29.80 ? 469 GLY A N   1 
ATOM 1258 C CA  . GLY A 1 157 ? 6.682   3.425   6.696   1.00 30.50 ? 469 GLY A CA  1 
ATOM 1259 C C   . GLY A 1 157 ? 6.811   3.676   8.181   1.00 31.28 ? 469 GLY A C   1 
ATOM 1260 O O   . GLY A 1 157 ? 7.714   3.146   8.843   1.00 29.82 ? 469 GLY A O   1 
ATOM 1261 N N   . CYS A 1 158 ? 5.900   4.495   8.694   1.00 32.74 ? 470 CYS A N   1 
ATOM 1262 C CA  . CYS A 1 158 ? 5.866   4.851   10.105  1.00 34.86 ? 470 CYS A CA  1 
ATOM 1263 C C   . CYS A 1 158 ? 4.871   3.966   10.879  1.00 35.70 ? 470 CYS A C   1 
ATOM 1264 O O   . CYS A 1 158 ? 3.703   4.326   11.043  1.00 36.33 ? 470 CYS A O   1 
ATOM 1265 C CB  . CYS A 1 158 ? 5.482   6.332   10.241  1.00 35.72 ? 470 CYS A CB  1 
ATOM 1266 S SG  . CYS A 1 158 ? 3.945   6.835   9.341   1.00 36.94 ? 470 CYS A SG  1 
ATOM 1267 N N   . PRO A 1 159 ? 5.326   2.798   11.368  1.00 35.99 ? 471 PRO A N   1 
ATOM 1268 C CA  . PRO A 1 159 ? 4.491   1.860   12.122  1.00 36.72 ? 471 PRO A CA  1 
ATOM 1269 C C   . PRO A 1 159 ? 3.399   2.545   12.921  1.00 37.01 ? 471 PRO A C   1 
ATOM 1270 O O   . PRO A 1 159 ? 2.333   2.837   12.376  1.00 38.66 ? 471 PRO A O   1 
ATOM 1271 C CB  . PRO A 1 159 ? 5.500   1.142   13.007  1.00 36.66 ? 471 PRO A CB  1 
ATOM 1272 C CG  . PRO A 1 159 ? 6.648   0.994   12.086  1.00 36.91 ? 471 PRO A CG  1 
ATOM 1273 C CD  . PRO A 1 159 ? 6.731   2.355   11.391  1.00 36.99 ? 471 PRO A CD  1 
ATOM 1274 N N   . VAL A 1 160 ? 3.657   2.808   14.202  1.00 36.14 ? 472 VAL A N   1 
ATOM 1275 C CA  . VAL A 1 160 ? 2.651   3.456   15.033  1.00 35.12 ? 472 VAL A CA  1 
ATOM 1276 C C   . VAL A 1 160 ? 2.096   4.687   14.324  1.00 34.50 ? 472 VAL A C   1 
ATOM 1277 O O   . VAL A 1 160 ? 2.834   5.613   13.984  1.00 33.99 ? 472 VAL A O   1 
ATOM 1278 C CB  . VAL A 1 160 ? 3.209   3.872   16.413  1.00 34.70 ? 472 VAL A CB  1 
ATOM 1279 C CG1 . VAL A 1 160 ? 2.155   4.670   17.167  1.00 35.25 ? 472 VAL A CG1 1 
ATOM 1280 C CG2 . VAL A 1 160 ? 3.593   2.641   17.226  1.00 32.84 ? 472 VAL A CG2 1 
ATOM 1281 N N   . PHE A 1 161 ? 0.788   4.659   14.091  1.00 33.87 ? 473 PHE A N   1 
ATOM 1282 C CA  . PHE A 1 161 ? 0.071   5.731   13.421  1.00 33.59 ? 473 PHE A CA  1 
ATOM 1283 C C   . PHE A 1 161 ? -1.267  5.786   14.143  1.00 33.85 ? 473 PHE A C   1 
ATOM 1284 O O   . PHE A 1 161 ? -1.305  5.905   15.364  1.00 34.42 ? 473 PHE A O   1 
ATOM 1285 C CB  . PHE A 1 161 ? -0.129  5.382   11.945  1.00 33.89 ? 473 PHE A CB  1 
ATOM 1286 C CG  . PHE A 1 161 ? -0.277  6.581   11.045  1.00 35.10 ? 473 PHE A CG  1 
ATOM 1287 C CD1 . PHE A 1 161 ? 0.618   6.791   9.992   1.00 34.90 ? 473 PHE A CD1 1 
ATOM 1288 C CD2 . PHE A 1 161 ? -1.316  7.499   11.239  1.00 35.08 ? 473 PHE A CD2 1 
ATOM 1289 C CE1 . PHE A 1 161 ? 0.480   7.895   9.143   1.00 34.36 ? 473 PHE A CE1 1 
ATOM 1290 C CE2 . PHE A 1 161 ? -1.466  8.610   10.397  1.00 34.36 ? 473 PHE A CE2 1 
ATOM 1291 C CZ  . PHE A 1 161 ? -0.569  8.808   9.348   1.00 34.68 ? 473 PHE A CZ  1 
ATOM 1292 N N   . VAL A 1 162 ? -2.361  5.681   13.401  1.00 34.59 ? 474 VAL A N   1 
ATOM 1293 C CA  . VAL A 1 162 ? -3.694  5.703   14.002  1.00 36.35 ? 474 VAL A CA  1 
ATOM 1294 C C   . VAL A 1 162 ? -3.909  4.488   14.929  1.00 36.45 ? 474 VAL A C   1 
ATOM 1295 O O   . VAL A 1 162 ? -3.920  3.337   14.474  1.00 36.49 ? 474 VAL A O   1 
ATOM 1296 C CB  . VAL A 1 162 ? -4.780  5.700   12.901  1.00 37.73 ? 474 VAL A CB  1 
ATOM 1297 C CG1 . VAL A 1 162 ? -6.161  5.645   13.529  1.00 38.90 ? 474 VAL A CG1 1 
ATOM 1298 C CG2 . VAL A 1 162 ? -4.639  6.942   12.032  1.00 38.53 ? 474 VAL A CG2 1 
ATOM 1299 N N   . ALA A 1 163 ? -4.098  4.749   16.223  1.00 35.94 ? 475 ALA A N   1 
ATOM 1300 C CA  . ALA A 1 163 ? -4.274  3.682   17.210  1.00 34.90 ? 475 ALA A CA  1 
ATOM 1301 C C   . ALA A 1 163 ? -5.676  3.070   17.337  1.00 34.87 ? 475 ALA A C   1 
ATOM 1302 O O   . ALA A 1 163 ? -6.642  3.765   17.662  1.00 34.63 ? 475 ALA A O   1 
ATOM 1303 C CB  . ALA A 1 163 ? -3.796  4.170   18.569  1.00 34.04 ? 475 ALA A CB  1 
ATOM 1304 N N   . GLN A 1 164 ? -5.759  1.759   17.089  1.00 34.66 ? 476 GLN A N   1 
ATOM 1305 C CA  . GLN A 1 164 ? -7.000  0.980   17.165  1.00 34.07 ? 476 GLN A CA  1 
ATOM 1306 C C   . GLN A 1 164 ? -8.204  1.777   17.648  1.00 34.03 ? 476 GLN A C   1 
ATOM 1307 O O   . GLN A 1 164 ? -8.878  2.449   16.872  1.00 32.93 ? 476 GLN A O   1 
ATOM 1308 C CB  . GLN A 1 164 ? -6.821  -0.204  18.116  1.00 35.10 ? 476 GLN A CB  1 
ATOM 1309 C CG  . GLN A 1 164 ? -5.834  -1.266  17.691  1.00 37.14 ? 476 GLN A CG  1 
ATOM 1310 C CD  . GLN A 1 164 ? -6.281  -2.029  16.461  1.00 38.78 ? 476 GLN A CD  1 
ATOM 1311 O OE1 . GLN A 1 164 ? -7.483  -2.178  16.213  1.00 38.95 ? 476 GLN A OE1 1 
ATOM 1312 N NE2 . GLN A 1 164 ? -5.315  -2.538  15.692  1.00 38.73 ? 476 GLN A NE2 1 
ATOM 1313 N N   . THR A 1 165 ? -8.453  1.681   18.953  1.00 34.73 ? 477 THR A N   1 
ATOM 1314 C CA  . THR A 1 165 ? -9.566  2.346   19.632  1.00 34.58 ? 477 THR A CA  1 
ATOM 1315 C C   . THR A 1 165 ? -9.823  3.781   19.171  1.00 35.12 ? 477 THR A C   1 
ATOM 1316 O O   . THR A 1 165 ? -10.963 4.142   18.861  1.00 34.45 ? 477 THR A O   1 
ATOM 1317 C CB  . THR A 1 165 ? -9.359  2.314   21.182  1.00 33.51 ? 477 THR A CB  1 
ATOM 1318 O OG1 . THR A 1 165 ? -10.323 3.162   21.822  1.00 31.90 ? 477 THR A OG1 1 
ATOM 1319 C CG2 . THR A 1 165 ? -7.954  2.766   21.552  1.00 33.30 ? 477 THR A CG2 1 
ATOM 1320 N N   . VAL A 1 166 ? -8.772  4.595   19.116  1.00 35.88 ? 478 VAL A N   1 
ATOM 1321 C CA  . VAL A 1 166 ? -8.938  5.984   18.690  1.00 35.92 ? 478 VAL A CA  1 
ATOM 1322 C C   . VAL A 1 166 ? -9.551  6.004   17.283  1.00 35.02 ? 478 VAL A C   1 
ATOM 1323 O O   . VAL A 1 166 ? -10.386 6.854   16.968  1.00 34.48 ? 478 VAL A O   1 
ATOM 1324 C CB  . VAL A 1 166 ? -7.581  6.749   18.720  1.00 36.65 ? 478 VAL A CB  1 
ATOM 1325 C CG1 . VAL A 1 166 ? -6.790  6.345   19.969  1.00 35.59 ? 478 VAL A CG1 1 
ATOM 1326 C CG2 . VAL A 1 166 ? -6.780  6.488   17.450  1.00 36.53 ? 478 VAL A CG2 1 
ATOM 1327 N N   . LEU A 1 167 ? -9.137  5.044   16.457  1.00 33.59 ? 479 LEU A N   1 
ATOM 1328 C CA  . LEU A 1 167 ? -9.639  4.906   15.096  1.00 32.34 ? 479 LEU A CA  1 
ATOM 1329 C C   . LEU A 1 167 ? -11.005 4.236   15.101  1.00 34.34 ? 479 LEU A C   1 
ATOM 1330 O O   . LEU A 1 167 ? -11.927 4.691   14.424  1.00 35.57 ? 479 LEU A O   1 
ATOM 1331 C CB  . LEU A 1 167 ? -8.674  4.065   14.259  1.00 28.16 ? 479 LEU A CB  1 
ATOM 1332 C CG  . LEU A 1 167 ? -9.231  3.271   13.071  1.00 24.80 ? 479 LEU A CG  1 
ATOM 1333 C CD1 . LEU A 1 167 ? -9.946  4.180   12.107  1.00 22.90 ? 479 LEU A CD1 1 
ATOM 1334 C CD2 . LEU A 1 167 ? -8.090  2.556   12.375  1.00 23.23 ? 479 LEU A CD2 1 
ATOM 1335 N N   . GLU A 1 168 ? -11.129 3.150   15.862  1.00 35.90 ? 480 GLU A N   1 
ATOM 1336 C CA  . GLU A 1 168 ? -12.383 2.403   15.941  1.00 37.38 ? 480 GLU A CA  1 
ATOM 1337 C C   . GLU A 1 168 ? -13.472 3.159   16.694  1.00 37.73 ? 480 GLU A C   1 
ATOM 1338 O O   . GLU A 1 168 ? -14.651 3.077   16.348  1.00 37.67 ? 480 GLU A O   1 
ATOM 1339 C CB  . GLU A 1 168 ? -12.149 1.029   16.595  1.00 38.17 ? 480 GLU A CB  1 
ATOM 1340 C CG  . GLU A 1 168 ? -11.506 -0.018  15.676  1.00 38.89 ? 480 GLU A CG  1 
ATOM 1341 C CD  . GLU A 1 168 ? -11.254 -1.349  16.375  1.00 40.02 ? 480 GLU A CD  1 
ATOM 1342 O OE1 . GLU A 1 168 ? -12.219 -1.931  16.916  1.00 39.92 ? 480 GLU A OE1 1 
ATOM 1343 O OE2 . GLU A 1 168 ? -10.092 -1.816  16.381  1.00 40.43 ? 480 GLU A OE2 1 
ATOM 1344 N N   . ASN A 1 169 ? -13.075 3.900   17.722  1.00 38.78 ? 481 ASN A N   1 
ATOM 1345 C CA  . ASN A 1 169 ? -14.034 4.660   18.512  1.00 40.36 ? 481 ASN A CA  1 
ATOM 1346 C C   . ASN A 1 169 ? -13.913 6.161   18.226  1.00 40.95 ? 481 ASN A C   1 
ATOM 1347 O O   . ASN A 1 169 ? -13.500 6.932   19.098  1.00 41.50 ? 481 ASN A O   1 
ATOM 1348 C CB  . ASN A 1 169 ? -13.817 4.390   20.011  1.00 39.84 ? 481 ASN A CB  1 
ATOM 1349 C CG  . ASN A 1 169 ? -14.048 2.925   20.392  1.00 38.89 ? 481 ASN A CG  1 
ATOM 1350 O OD1 . ASN A 1 169 ? -13.324 2.031   19.947  1.00 38.16 ? 481 ASN A OD1 1 
ATOM 1351 N ND2 . ASN A 1 169 ? -15.059 2.680   21.224  1.00 37.91 ? 481 ASN A ND2 1 
ATOM 1352 N N   . GLY A 1 170 ? -14.283 6.566   17.008  1.00 41.49 ? 482 GLY A N   1 
ATOM 1353 C CA  . GLY A 1 170 ? -14.195 7.969   16.631  1.00 41.79 ? 482 GLY A CA  1 
ATOM 1354 C C   . GLY A 1 170 ? -15.054 8.443   15.465  1.00 41.91 ? 482 GLY A C   1 
ATOM 1355 O O   . GLY A 1 170 ? -16.169 7.960   15.244  1.00 41.70 ? 482 GLY A O   1 
ATOM 1356 N N   . THR A 1 171 ? -14.523 9.411   14.723  1.00 42.29 ? 483 THR A N   1 
ATOM 1357 C CA  . THR A 1 171 ? -15.205 9.999   13.568  1.00 42.28 ? 483 THR A CA  1 
ATOM 1358 C C   . THR A 1 171 ? -14.368 9.811   12.296  1.00 42.56 ? 483 THR A C   1 
ATOM 1359 O O   . THR A 1 171 ? -14.449 10.605  11.346  1.00 41.36 ? 483 THR A O   1 
ATOM 1360 C CB  . THR A 1 171 ? -15.449 11.514  13.795  1.00 42.44 ? 483 THR A CB  1 
ATOM 1361 O OG1 . THR A 1 171 ? -14.196 12.189  13.993  1.00 41.12 ? 483 THR A OG1 1 
ATOM 1362 C CG2 . THR A 1 171 ? -16.317 11.727  15.026  1.00 43.28 ? 483 THR A CG2 1 
ATOM 1363 N N   . TYR A 1 172 ? -13.565 8.749   12.288  1.00 42.65 ? 484 TYR A N   1 
ATOM 1364 C CA  . TYR A 1 172 ? -12.696 8.442   11.162  1.00 42.15 ? 484 TYR A CA  1 
ATOM 1365 C C   . TYR A 1 172 ? -13.276 7.374   10.239  1.00 42.15 ? 484 TYR A C   1 
ATOM 1366 O O   . TYR A 1 172 ? -13.076 7.434   9.022   1.00 42.68 ? 484 TYR A O   1 
ATOM 1367 C CB  . TYR A 1 172 ? -11.325 8.006   11.683  1.00 42.10 ? 484 TYR A CB  1 
ATOM 1368 C CG  . TYR A 1 172 ? -10.586 9.116   12.397  1.00 42.58 ? 484 TYR A CG  1 
ATOM 1369 C CD1 . TYR A 1 172 ? -10.070 10.210  11.696  1.00 42.59 ? 484 TYR A CD1 1 
ATOM 1370 C CD2 . TYR A 1 172 ? -10.429 9.092   13.774  1.00 43.09 ? 484 TYR A CD2 1 
ATOM 1371 C CE1 . TYR A 1 172 ? -9.416  11.250  12.354  1.00 42.48 ? 484 TYR A CE1 1 
ATOM 1372 C CE2 . TYR A 1 172 ? -9.777  10.131  14.444  1.00 43.76 ? 484 TYR A CE2 1 
ATOM 1373 C CZ  . TYR A 1 172 ? -9.275  11.206  13.734  1.00 43.04 ? 484 TYR A CZ  1 
ATOM 1374 O OH  . TYR A 1 172 ? -8.648  12.231  14.419  1.00 42.79 ? 484 TYR A OH  1 
ATOM 1375 N N   . ILE A 1 173 ? -13.991 6.403   10.813  1.00 40.91 ? 485 ILE A N   1 
ATOM 1376 C CA  . ILE A 1 173 ? -14.597 5.344   10.006  1.00 39.06 ? 485 ILE A CA  1 
ATOM 1377 C C   . ILE A 1 173 ? -16.048 5.688   9.665   1.00 38.72 ? 485 ILE A C   1 
ATOM 1378 O O   . ILE A 1 173 ? -16.828 6.090   10.538  1.00 37.46 ? 485 ILE A O   1 
ATOM 1379 C CB  . ILE A 1 173 ? -14.587 3.962   10.730  1.00 38.43 ? 485 ILE A CB  1 
ATOM 1380 C CG1 . ILE A 1 173 ? -13.164 3.562   11.126  1.00 37.30 ? 485 ILE A CG1 1 
ATOM 1381 C CG2 . ILE A 1 173 ? -15.156 2.890   9.799   1.00 38.97 ? 485 ILE A CG2 1 
ATOM 1382 C CD1 . ILE A 1 173 ? -13.057 2.156   11.701  1.00 34.94 ? 485 ILE A CD1 1 
ATOM 1383 N N   . LYS A 1 174 ? -16.400 5.531   8.390   1.00 38.58 ? 486 LYS A N   1 
ATOM 1384 C CA  . LYS A 1 174 ? -17.756 5.811   7.928   1.00 38.90 ? 486 LYS A CA  1 
ATOM 1385 C C   . LYS A 1 174 ? -18.255 4.776   6.925   1.00 39.16 ? 486 LYS A C   1 
ATOM 1386 O O   . LYS A 1 174 ? -17.553 4.439   5.970   1.00 38.72 ? 486 LYS A O   1 
ATOM 1387 C CB  . LYS A 1 174 ? -17.832 7.206   7.314   1.00 38.40 ? 486 LYS A CB  1 
ATOM 1388 C CG  . LYS A 1 174 ? -17.934 8.315   8.351   1.00 37.91 ? 486 LYS A CG  1 
ATOM 1389 C CD  . LYS A 1 174 ? -18.800 9.463   7.851   1.00 38.34 ? 486 LYS A CD  1 
ATOM 1390 C CE  . LYS A 1 174 ? -20.229 9.005   7.497   1.00 38.58 ? 486 LYS A CE  1 
ATOM 1391 N NZ  . LYS A 1 174 ? -20.297 8.054   6.338   1.00 37.59 ? 486 LYS A NZ  1 
ATOM 1392 N N   . ASP A 1 175 ? -19.481 4.296   7.147   1.00 39.62 ? 487 ASP A N   1 
ATOM 1393 C CA  . ASP A 1 175 ? -20.097 3.272   6.296   1.00 39.35 ? 487 ASP A CA  1 
ATOM 1394 C C   . ASP A 1 175 ? -19.088 2.144   6.101   1.00 38.22 ? 487 ASP A C   1 
ATOM 1395 O O   . ASP A 1 175 ? -18.890 1.660   4.980   1.00 37.13 ? 487 ASP A O   1 
ATOM 1396 C CB  . ASP A 1 175 ? -20.506 3.848   4.931   1.00 40.69 ? 487 ASP A CB  1 
ATOM 1397 C CG  . ASP A 1 175 ? -21.503 4.996   5.049   1.00 41.85 ? 487 ASP A CG  1 
ATOM 1398 O OD1 . ASP A 1 175 ? -22.218 5.058   6.075   1.00 42.58 ? 487 ASP A OD1 1 
ATOM 1399 O OD2 . ASP A 1 175 ? -21.583 5.826   4.112   1.00 42.05 ? 487 ASP A OD2 1 
ATOM 1400 N N   . ASP A 1 176 ? -18.456 1.745   7.206   1.00 37.40 ? 488 ASP A N   1 
ATOM 1401 C CA  . ASP A 1 176 ? -17.449 0.689   7.199   1.00 36.71 ? 488 ASP A CA  1 
ATOM 1402 C C   . ASP A 1 176 ? -16.494 1.005   6.057   1.00 35.67 ? 488 ASP A C   1 
ATOM 1403 O O   . ASP A 1 176 ? -16.303 0.203   5.127   1.00 34.61 ? 488 ASP A O   1 
ATOM 1404 C CB  . ASP A 1 176 ? -18.097 -0.672  6.962   1.00 37.74 ? 488 ASP A CB  1 
ATOM 1405 C CG  . ASP A 1 176 ? -17.193 -1.818  7.363   1.00 38.41 ? 488 ASP A CG  1 
ATOM 1406 O OD1 . ASP A 1 176 ? -17.379 -2.938  6.831   1.00 39.10 ? 488 ASP A OD1 1 
ATOM 1407 O OD2 . ASP A 1 176 ? -16.305 -1.593  8.219   1.00 37.83 ? 488 ASP A OD2 1 
ATOM 1408 N N   . THR A 1 177 ? -15.905 2.193   6.141   1.00 34.17 ? 489 THR A N   1 
ATOM 1409 C CA  . THR A 1 177 ? -14.993 2.680   5.118   1.00 31.96 ? 489 THR A CA  1 
ATOM 1410 C C   . THR A 1 177 ? -14.112 3.810   5.668   1.00 29.75 ? 489 THR A C   1 
ATOM 1411 O O   . THR A 1 177 ? -14.521 4.556   6.568   1.00 29.83 ? 489 THR A O   1 
ATOM 1412 C CB  . THR A 1 177 ? -15.801 3.225   3.902   1.00 32.78 ? 489 THR A CB  1 
ATOM 1413 O OG1 . THR A 1 177 ? -16.797 2.267   3.508   1.00 33.16 ? 489 THR A OG1 1 
ATOM 1414 C CG2 . THR A 1 177 ? -14.880 3.515   2.729   1.00 32.05 ? 489 THR A CG2 1 
ATOM 1415 N N   . ILE A 1 178 ? -12.902 3.925   5.127   1.00 26.10 ? 490 ILE A N   1 
ATOM 1416 C CA  . ILE A 1 178 ? -11.976 4.980   5.525   1.00 22.42 ? 490 ILE A CA  1 
ATOM 1417 C C   . ILE A 1 178 ? -11.040 5.277   4.364   1.00 20.29 ? 490 ILE A C   1 
ATOM 1418 O O   . ILE A 1 178 ? -10.758 4.401   3.546   1.00 20.35 ? 490 ILE A O   1 
ATOM 1419 C CB  . ILE A 1 178 ? -11.143 4.581   6.769   1.00 22.00 ? 490 ILE A CB  1 
ATOM 1420 C CG1 . ILE A 1 178 ? -10.497 3.210   6.554   1.00 22.42 ? 490 ILE A CG1 1 
ATOM 1421 C CG2 . ILE A 1 178 ? -12.017 4.594   8.011   1.00 20.37 ? 490 ILE A CG2 1 
ATOM 1422 C CD1 . ILE A 1 178 ? -9.266  3.223   5.650   1.00 21.02 ? 490 ILE A CD1 1 
ATOM 1423 N N   . PHE A 1 179 ? -10.564 6.513   4.287   1.00 18.53 ? 491 PHE A N   1 
ATOM 1424 C CA  . PHE A 1 179 ? -9.665  6.911   3.206   1.00 17.29 ? 491 PHE A CA  1 
ATOM 1425 C C   . PHE A 1 179 ? -8.275  7.279   3.730   1.00 17.00 ? 491 PHE A C   1 
ATOM 1426 O O   . PHE A 1 179 ? -8.146  7.944   4.755   1.00 17.07 ? 491 PHE A O   1 
ATOM 1427 C CB  . PHE A 1 179 ? -10.239 8.105   2.443   1.00 14.72 ? 491 PHE A CB  1 
ATOM 1428 C CG  . PHE A 1 179 ? -11.652 7.909   1.953   1.00 11.26 ? 491 PHE A CG  1 
ATOM 1429 C CD1 . PHE A 1 179 ? -12.674 7.568   2.839   1.00 8.66  ? 491 PHE A CD1 1 
ATOM 1430 C CD2 . PHE A 1 179 ? -11.976 8.179   0.627   1.00 9.34  ? 491 PHE A CD2 1 
ATOM 1431 C CE1 . PHE A 1 179 ? -13.992 7.511   2.416   1.00 7.30  ? 491 PHE A CE1 1 
ATOM 1432 C CE2 . PHE A 1 179 ? -13.292 8.125   0.194   1.00 7.27  ? 491 PHE A CE2 1 
ATOM 1433 C CZ  . PHE A 1 179 ? -14.304 7.793   1.090   1.00 7.44  ? 491 PHE A CZ  1 
ATOM 1434 N N   . ILE A 1 180 ? -7.244  6.845   3.010   1.00 16.38 ? 492 ILE A N   1 
ATOM 1435 C CA  . ILE A 1 180 ? -5.865  7.116   3.393   1.00 15.66 ? 492 ILE A CA  1 
ATOM 1436 C C   . ILE A 1 180 ? -5.236  8.030   2.355   1.00 16.06 ? 492 ILE A C   1 
ATOM 1437 O O   . ILE A 1 180 ? -5.602  7.973   1.176   1.00 16.33 ? 492 ILE A O   1 
ATOM 1438 C CB  . ILE A 1 180 ? -5.051  5.781   3.529   1.00 15.50 ? 492 ILE A CB  1 
ATOM 1439 C CG1 . ILE A 1 180 ? -4.862  5.453   5.021   1.00 14.08 ? 492 ILE A CG1 1 
ATOM 1440 C CG2 . ILE A 1 180 ? -3.711  5.869   2.776   1.00 14.15 ? 492 ILE A CG2 1 
ATOM 1441 C CD1 . ILE A 1 180 ? -4.126  4.146   5.304   1.00 10.81 ? 492 ILE A CD1 1 
ATOM 1442 N N   . LYS A 1 181 ? -4.299  8.876   2.799   1.00 16.45 ? 493 LYS A N   1 
ATOM 1443 C CA  . LYS A 1 181 ? -3.618  9.821   1.908   1.00 14.52 ? 493 LYS A CA  1 
ATOM 1444 C C   . LYS A 1 181 ? -2.117  9.941   2.166   1.00 12.21 ? 493 LYS A C   1 
ATOM 1445 O O   . LYS A 1 181 ? -1.706  10.433  3.212   1.00 9.34  ? 493 LYS A O   1 
ATOM 1446 C CB  . LYS A 1 181 ? -4.268  11.204  2.035   1.00 16.05 ? 493 LYS A CB  1 
ATOM 1447 C CG  . LYS A 1 181 ? -4.033  12.123  0.836   1.00 18.10 ? 493 LYS A CG  1 
ATOM 1448 C CD  . LYS A 1 181 ? -5.158  13.155  0.718   1.00 18.58 ? 493 LYS A CD  1 
ATOM 1449 C CE  . LYS A 1 181 ? -5.008  14.025  -0.530  1.00 18.55 ? 493 LYS A CE  1 
ATOM 1450 N NZ  . LYS A 1 181 ? -6.235  14.845  -0.791  1.00 18.70 ? 493 LYS A NZ  1 
ATOM 1451 N N   . VAL A 1 182 ? -1.312  9.469   1.214   1.00 11.29 ? 494 VAL A N   1 
ATOM 1452 C CA  . VAL A 1 182 ? 0.153   9.562   1.308   1.00 11.08 ? 494 VAL A CA  1 
ATOM 1453 C C   . VAL A 1 182 ? 0.536   10.807  0.514   1.00 12.36 ? 494 VAL A C   1 
ATOM 1454 O O   . VAL A 1 182 ? -0.016  11.036  -0.580  1.00 12.82 ? 494 VAL A O   1 
ATOM 1455 C CB  . VAL A 1 182 ? 0.902   8.353   0.645   1.00 9.08  ? 494 VAL A CB  1 
ATOM 1456 C CG1 . VAL A 1 182 ? 1.059   7.217   1.616   1.00 8.61  ? 494 VAL A CG1 1 
ATOM 1457 C CG2 . VAL A 1 182 ? 0.153   7.890   -0.577  1.00 7.52  ? 494 VAL A CG2 1 
ATOM 1458 N N   . ILE A 1 183 ? 1.458   11.613  1.048   1.00 12.14 ? 495 ILE A N   1 
ATOM 1459 C CA  . ILE A 1 183 ? 1.878   12.814  0.335   1.00 11.74 ? 495 ILE A CA  1 
ATOM 1460 C C   . ILE A 1 183 ? 3.374   12.854  0.010   1.00 13.14 ? 495 ILE A C   1 
ATOM 1461 O O   . ILE A 1 183 ? 4.200   13.204  0.858   1.00 13.03 ? 495 ILE A O   1 
ATOM 1462 C CB  . ILE A 1 183 ? 1.527   14.096  1.100   1.00 9.69  ? 495 ILE A CB  1 
ATOM 1463 C CG1 . ILE A 1 183 ? 0.135   13.999  1.723   1.00 8.99  ? 495 ILE A CG1 1 
ATOM 1464 C CG2 . ILE A 1 183 ? 1.520   15.248  0.126   1.00 9.48  ? 495 ILE A CG2 1 
ATOM 1465 C CD1 . ILE A 1 183 ? -1.007  14.027  0.714   1.00 8.21  ? 495 ILE A CD1 1 
ATOM 1466 N N   . VAL A 1 184 ? 3.696   12.498  -1.235  1.00 14.65 ? 496 VAL A N   1 
ATOM 1467 C CA  . VAL A 1 184 ? 5.065   12.493  -1.748  1.00 15.88 ? 496 VAL A CA  1 
ATOM 1468 C C   . VAL A 1 184 ? 5.345   13.913  -2.230  1.00 18.75 ? 496 VAL A C   1 
ATOM 1469 O O   . VAL A 1 184 ? 4.404   14.694  -2.419  1.00 18.41 ? 496 VAL A O   1 
ATOM 1470 C CB  . VAL A 1 184 ? 5.216   11.545  -2.967  1.00 14.38 ? 496 VAL A CB  1 
ATOM 1471 C CG1 . VAL A 1 184 ? 6.694   11.381  -3.329  1.00 10.83 ? 496 VAL A CG1 1 
ATOM 1472 C CG2 . VAL A 1 184 ? 4.560   10.208  -2.676  1.00 13.31 ? 496 VAL A CG2 1 
ATOM 1473 N N   . ASP A 1 185 ? 6.619   14.243  -2.455  1.00 21.58 ? 497 ASP A N   1 
ATOM 1474 C CA  . ASP A 1 185 ? 6.970   15.584  -2.918  1.00 25.14 ? 497 ASP A CA  1 
ATOM 1475 C C   . ASP A 1 185 ? 6.801   15.832  -4.435  1.00 25.87 ? 497 ASP A C   1 
ATOM 1476 O O   . ASP A 1 185 ? 5.669   15.811  -4.933  1.00 25.75 ? 497 ASP A O   1 
ATOM 1477 C CB  . ASP A 1 185 ? 8.387   15.919  -2.468  1.00 27.52 ? 497 ASP A CB  1 
ATOM 1478 C CG  . ASP A 1 185 ? 8.474   17.295  -1.820  1.00 30.59 ? 497 ASP A CG  1 
ATOM 1479 O OD1 . ASP A 1 185 ? 9.506   17.573  -1.164  1.00 32.57 ? 497 ASP A OD1 1 
ATOM 1480 O OD2 . ASP A 1 185 ? 7.514   18.096  -1.970  1.00 30.35 ? 497 ASP A OD2 1 
ATOM 1481 N N   . THR A 1 186 ? 7.905   16.086  -5.143  1.00 27.09 ? 498 THR A N   1 
ATOM 1482 C CA  . THR A 1 186 ? 7.924   16.336  -6.602  1.00 29.36 ? 498 THR A CA  1 
ATOM 1483 C C   . THR A 1 186 ? 8.739   17.576  -7.008  1.00 32.62 ? 498 THR A C   1 
ATOM 1484 O O   . THR A 1 186 ? 9.541   17.520  -7.947  1.00 33.08 ? 498 THR A O   1 
ATOM 1485 C CB  . THR A 1 186 ? 6.495   16.506  -7.230  1.00 28.20 ? 498 THR A CB  1 
ATOM 1486 O OG1 . THR A 1 186 ? 6.599   16.462  -8.657  1.00 26.72 ? 498 THR A OG1 1 
ATOM 1487 C CG2 . THR A 1 186 ? 5.863   17.847  -6.842  1.00 26.56 ? 498 THR A CG2 1 
ATOM 1488 N N   . SER A 1 187 ? 8.514   18.693  -6.313  1.00 35.24 ? 499 SER A N   1 
ATOM 1489 C CA  . SER A 1 187 ? 9.216   19.953  -6.586  1.00 36.09 ? 499 SER A CA  1 
ATOM 1490 C C   . SER A 1 187 ? 10.715  19.690  -6.646  1.00 36.93 ? 499 SER A C   1 
ATOM 1491 O O   . SER A 1 187 ? 11.333  19.775  -7.709  1.00 36.98 ? 499 SER A O   1 
ATOM 1492 C CB  . SER A 1 187 ? 8.921   20.962  -5.477  1.00 35.18 ? 499 SER A CB  1 
ATOM 1493 O OG  . SER A 1 187 ? 9.270   20.416  -4.212  1.00 34.98 ? 499 SER A OG  1 
ATOM 1494 N N   . ASP A 1 188 ? 11.290  19.379  -5.490  1.00 37.74 ? 500 ASP A N   1 
ATOM 1495 C CA  . ASP A 1 188 ? 12.705  19.065  -5.400  1.00 38.75 ? 500 ASP A CA  1 
ATOM 1496 C C   . ASP A 1 188 ? 12.904  17.739  -6.145  1.00 40.02 ? 500 ASP A C   1 
ATOM 1497 O O   . ASP A 1 188 ? 13.533  16.803  -5.628  1.00 40.69 ? 500 ASP A O   1 
ATOM 1498 C CB  . ASP A 1 188 ? 13.118  18.917  -3.928  1.00 37.73 ? 500 ASP A CB  1 
ATOM 1499 C CG  . ASP A 1 188 ? 12.265  17.906  -3.177  1.00 36.64 ? 500 ASP A CG  1 
ATOM 1500 O OD1 . ASP A 1 188 ? 12.669  17.473  -2.076  1.00 35.29 ? 500 ASP A OD1 1 
ATOM 1501 O OD2 . ASP A 1 188 ? 11.183  17.549  -3.683  1.00 36.92 ? 500 ASP A OD2 1 
ATOM 1502 N N   . LEU A 1 189 ? 12.351  17.671  -7.356  1.00 41.03 ? 501 LEU A N   1 
ATOM 1503 C CA  . LEU A 1 189 ? 12.420  16.476  -8.195  1.00 42.63 ? 501 LEU A CA  1 
ATOM 1504 C C   . LEU A 1 189 ? 12.283  16.853  -9.661  1.00 43.82 ? 501 LEU A C   1 
ATOM 1505 O O   . LEU A 1 189 ? 11.183  16.837  -10.215 1.00 43.82 ? 501 LEU A O   1 
ATOM 1506 C CB  . LEU A 1 189 ? 11.297  15.506  -7.824  1.00 41.11 ? 501 LEU A CB  1 
ATOM 1507 C CG  . LEU A 1 189 ? 11.142  14.256  -8.683  1.00 39.16 ? 501 LEU A CG  1 
ATOM 1508 C CD1 . LEU A 1 189 ? 12.237  13.252  -8.348  1.00 38.21 ? 501 LEU A CD1 1 
ATOM 1509 C CD2 . LEU A 1 189 ? 9.771   13.662  -8.426  1.00 39.24 ? 501 LEU A CD2 1 
ATOM 1510 N N   . PRO A 1 190 ? 13.410  17.182  -10.313 1.00 45.52 ? 502 PRO A N   1 
ATOM 1511 C CA  . PRO A 1 190 ? 13.479  17.577  -11.727 1.00 47.20 ? 502 PRO A CA  1 
ATOM 1512 C C   . PRO A 1 190 ? 12.502  16.866  -12.667 1.00 46.99 ? 502 PRO A C   1 
ATOM 1513 O O   . PRO A 1 190 ? 12.759  15.751  -13.127 1.00 46.45 ? 502 PRO A O   1 
ATOM 1514 C CB  . PRO A 1 190 ? 14.940  17.306  -12.081 1.00 47.65 ? 502 PRO A CB  1 
ATOM 1515 C CG  . PRO A 1 190 ? 15.640  17.716  -10.809 1.00 47.82 ? 502 PRO A CG  1 
ATOM 1516 C CD  . PRO A 1 190 ? 14.765  17.067  -9.738  1.00 46.48 ? 502 PRO A CD  1 
ATOM 1517 N N   . ASP A 1 191 ? 11.386  17.533  -12.948 1.00 47.76 ? 503 ASP A N   1 
ATOM 1518 C CA  . ASP A 1 191 ? 10.362  17.002  -13.836 1.00 49.05 ? 503 ASP A CA  1 
ATOM 1519 C C   . ASP A 1 191 ? 10.943  16.704  -15.227 1.00 50.26 ? 503 ASP A C   1 
ATOM 1520 O O   . ASP A 1 191 ? 11.889  17.369  -15.674 1.00 51.26 ? 503 ASP A O   1 
ATOM 1521 C CB  . ASP A 1 191 ? 9.204   18.003  -13.948 1.00 48.33 ? 503 ASP A CB  1 
ATOM 1522 C CG  . ASP A 1 191 ? 9.674   19.410  -14.293 1.00 47.97 ? 503 ASP A CG  1 
ATOM 1523 O OD1 . ASP A 1 191 ? 10.536  19.944  -13.560 1.00 47.73 ? 503 ASP A OD1 1 
ATOM 1524 O OD2 . ASP A 1 191 ? 9.177   19.986  -15.291 1.00 46.38 ? 503 ASP A OD2 1 
ATOM 1525 N N   . PRO A 1 192 ? 10.383  15.689  -15.925 1.00 50.46 ? 504 PRO A N   1 
ATOM 1526 C CA  . PRO A 1 192 ? 10.802  15.255  -17.268 1.00 49.58 ? 504 PRO A CA  1 
ATOM 1527 C C   . PRO A 1 192 ? 10.826  16.354  -18.333 1.00 48.55 ? 504 PRO A C   1 
ATOM 1528 O O   . PRO A 1 192 ? 11.939  16.709  -18.766 1.00 47.81 ? 504 PRO A O   1 
ATOM 1529 C CB  . PRO A 1 192 ? 9.797   14.151  -17.597 1.00 50.29 ? 504 PRO A CB  1 
ATOM 1530 C CG  . PRO A 1 192 ? 9.544   13.535  -16.254 1.00 50.70 ? 504 PRO A CG  1 
ATOM 1531 C CD  . PRO A 1 192 ? 9.365   14.769  -15.381 1.00 51.43 ? 504 PRO A CD  1 
ATOM 1532 N N   . PRO B 2 1   ? 9.759   14.259  18.580  1.00 45.25 ? 385 PRO B N   1 
ATOM 1533 C CA  . PRO B 2 1   ? 9.150   13.845  17.296  1.00 46.19 ? 385 PRO B CA  1 
ATOM 1534 C C   . PRO B 2 1   ? 10.134  13.216  16.297  1.00 47.32 ? 385 PRO B C   1 
ATOM 1535 O O   . PRO B 2 1   ? 11.061  13.877  15.815  1.00 46.91 ? 385 PRO B O   1 
ATOM 1536 C CB  . PRO B 2 1   ? 8.480   15.091  16.729  1.00 45.14 ? 385 PRO B CB  1 
ATOM 1537 C CG  . PRO B 2 1   ? 8.026   15.758  18.009  1.00 44.35 ? 385 PRO B CG  1 
ATOM 1538 C CD  . PRO B 2 1   ? 9.218   15.567  18.986  1.00 44.56 ? 385 PRO B CD  1 
ATOM 1539 N N   . TYR B 2 2   ? 9.923   11.935  15.985  1.00 48.51 ? 386 TYR B N   1 
ATOM 1540 C CA  . TYR B 2 2   ? 10.801  11.237  15.049  1.00 49.23 ? 386 TYR B CA  1 
ATOM 1541 C C   . TYR B 2 2   ? 10.100  10.097  14.293  1.00 49.57 ? 386 TYR B C   1 
ATOM 1542 O O   . TYR B 2 2   ? 9.335   9.324   14.880  1.00 49.03 ? 386 TYR B O   1 
ATOM 1543 C CB  . TYR B 2 2   ? 12.028  10.690  15.797  1.00 49.46 ? 386 TYR B CB  1 
ATOM 1544 C CG  . TYR B 2 2   ? 13.292  10.647  14.966  1.00 50.26 ? 386 TYR B CG  1 
ATOM 1545 C CD1 . TYR B 2 2   ? 14.466  10.081  15.469  1.00 50.84 ? 386 TYR B CD1 1 
ATOM 1546 C CD2 . TYR B 2 2   ? 13.325  11.189  13.677  1.00 50.58 ? 386 TYR B CD2 1 
ATOM 1547 C CE1 . TYR B 2 2   ? 15.648  10.057  14.704  1.00 51.16 ? 386 TYR B CE1 1 
ATOM 1548 C CE2 . TYR B 2 2   ? 14.490  11.171  12.907  1.00 51.05 ? 386 TYR B CE2 1 
ATOM 1549 C CZ  . TYR B 2 2   ? 15.646  10.605  13.425  1.00 50.99 ? 386 TYR B CZ  1 
ATOM 1550 O OH  . TYR B 2 2   ? 16.789  10.588  12.662  1.00 51.54 ? 386 TYR B OH  1 
ATOM 1551 N N   . PRO B 2 3   ? 10.322  10.019  12.963  1.00 50.08 ? 387 PRO B N   1 
ATOM 1552 C CA  . PRO B 2 3   ? 9.745   8.995   12.081  1.00 50.07 ? 387 PRO B CA  1 
ATOM 1553 C C   . PRO B 2 3   ? 10.779  8.046   11.429  1.00 50.33 ? 387 PRO B C   1 
ATOM 1554 O O   . PRO B 2 3   ? 11.895  7.869   11.941  1.00 49.90 ? 387 PRO B O   1 
ATOM 1555 C CB  . PRO B 2 3   ? 9.028   9.836   11.039  1.00 50.37 ? 387 PRO B CB  1 
ATOM 1556 C CG  . PRO B 2 3   ? 10.042  10.919  10.799  1.00 50.01 ? 387 PRO B CG  1 
ATOM 1557 C CD  . PRO B 2 3   ? 10.544  11.267  12.199  1.00 50.37 ? 387 PRO B CD  1 
ATOM 1558 N N   . ILE B 2 4   ? 10.356  7.444   10.306  1.00 50.14 ? 388 ILE B N   1 
ATOM 1559 C CA  . ILE B 2 4   ? 11.124  6.513   9.456   1.00 48.98 ? 388 ILE B CA  1 
ATOM 1560 C C   . ILE B 2 4   ? 11.538  5.118   9.975   1.00 49.67 ? 388 ILE B C   1 
ATOM 1561 O O   . ILE B 2 4   ? 12.695  4.704   9.823   1.00 49.52 ? 388 ILE B O   1 
ATOM 1562 C CB  . ILE B 2 4   ? 12.386  7.222   8.862   1.00 48.19 ? 388 ILE B CB  1 
ATOM 1563 C CG1 . ILE B 2 4   ? 12.844  6.482   7.605   1.00 47.24 ? 388 ILE B CG1 1 
ATOM 1564 C CG2 . ILE B 2 4   ? 13.534  7.269   9.887   1.00 47.81 ? 388 ILE B CG2 1 
ATOM 1565 C CD1 . ILE B 2 4   ? 11.860  6.539   6.465   1.00 45.08 ? 388 ILE B CD1 1 
ATOM 1566 N N   . PRO B 2 5   ? 10.592  4.363   10.581  1.00 50.50 ? 389 PRO B N   1 
ATOM 1567 C CA  . PRO B 2 5   ? 10.917  3.018   11.092  1.00 49.93 ? 389 PRO B CA  1 
ATOM 1568 C C   . PRO B 2 5   ? 11.151  1.964   9.992   1.00 49.35 ? 389 PRO B C   1 
ATOM 1569 O O   . PRO B 2 5   ? 12.192  2.007   9.327   1.00 50.34 ? 389 PRO B O   1 
ATOM 1570 C CB  . PRO B 2 5   ? 9.725   2.686   11.986  1.00 50.51 ? 389 PRO B CB  1 
ATOM 1571 C CG  . PRO B 2 5   ? 9.288   4.051   12.477  1.00 51.13 ? 389 PRO B CG  1 
ATOM 1572 C CD  . PRO B 2 5   ? 9.341   4.855   11.191  1.00 51.44 ? 389 PRO B CD  1 
ATOM 1573 N N   . GLU B 2 6   ? 10.212  1.031   9.795   1.00 46.90 ? 390 GLU B N   1 
ATOM 1574 C CA  . GLU B 2 6   ? 10.400  0.002   8.762   1.00 44.65 ? 390 GLU B CA  1 
ATOM 1575 C C   . GLU B 2 6   ? 9.376   -1.146  8.681   1.00 43.63 ? 390 GLU B C   1 
ATOM 1576 O O   . GLU B 2 6   ? 8.648   -1.432  9.639   1.00 43.30 ? 390 GLU B O   1 
ATOM 1577 C CB  . GLU B 2 6   ? 11.803  -0.601  8.898   1.00 44.02 ? 390 GLU B CB  1 
ATOM 1578 C CG  . GLU B 2 6   ? 12.183  -1.579  7.807   1.00 44.49 ? 390 GLU B CG  1 
ATOM 1579 C CD  . GLU B 2 6   ? 11.819  -1.085  6.417   1.00 45.12 ? 390 GLU B CD  1 
ATOM 1580 O OE1 . GLU B 2 6   ? 10.651  -1.270  6.005   1.00 45.59 ? 390 GLU B OE1 1 
ATOM 1581 O OE2 . GLU B 2 6   ? 12.706  -0.515  5.737   1.00 44.36 ? 390 GLU B OE2 1 
ATOM 1582 N N   . GLU B 2 7   ? 9.354   -1.802  7.516   1.00 42.22 ? 391 GLU B N   1 
ATOM 1583 C CA  . GLU B 2 7   ? 8.460   -2.932  7.220   1.00 40.93 ? 391 GLU B CA  1 
ATOM 1584 C C   . GLU B 2 7   ? 8.533   -4.015  8.283   1.00 41.07 ? 391 GLU B C   1 
ATOM 1585 O O   . GLU B 2 7   ? 9.575   -4.646  8.468   1.00 40.00 ? 391 GLU B O   1 
ATOM 1586 C CB  . GLU B 2 7   ? 8.814   -3.544  5.850   1.00 38.32 ? 391 GLU B CB  1 
ATOM 1587 C CG  . GLU B 2 7   ? 7.772   -4.526  5.249   1.00 33.22 ? 391 GLU B CG  1 
ATOM 1588 C CD  . GLU B 2 7   ? 6.340   -3.996  5.255   1.00 29.58 ? 391 GLU B CD  1 
ATOM 1589 O OE1 . GLU B 2 7   ? 5.832   -3.617  6.332   1.00 27.43 ? 391 GLU B OE1 1 
ATOM 1590 O OE2 . GLU B 2 7   ? 5.724   -3.955  4.174   1.00 26.92 ? 391 GLU B OE2 1 
ATOM 1591 N N   . GLY B 2 8   ? 7.416   -4.240  8.964   1.00 42.09 ? 392 GLY B N   1 
ATOM 1592 C CA  . GLY B 2 8   ? 7.397   -5.244  10.010  1.00 44.79 ? 392 GLY B CA  1 
ATOM 1593 C C   . GLY B 2 8   ? 7.042   -6.666  9.603   1.00 47.11 ? 392 GLY B C   1 
ATOM 1594 O O   . GLY B 2 8   ? 6.727   -7.486  10.477  1.00 48.90 ? 392 GLY B O   1 
ATOM 1595 N N   . ASP B 2 9   ? 7.096   -6.972  8.303   1.00 46.33 ? 393 ASP B N   1 
ATOM 1596 C CA  . ASP B 2 9   ? 6.772   -8.312  7.807   1.00 47.67 ? 393 ASP B CA  1 
ATOM 1597 C C   . ASP B 2 9   ? 7.360   -9.350  8.755   1.00 49.16 ? 393 ASP B C   1 
ATOM 1598 O O   . ASP B 2 9   ? 8.583   -9.475  8.881   1.00 49.67 ? 393 ASP B O   1 
ATOM 1599 C CB  . ASP B 2 9   ? 7.345   -8.533  6.400   1.00 47.02 ? 393 ASP B CB  1 
ATOM 1600 C CG  . ASP B 2 9   ? 6.267   -8.657  5.333   1.00 46.34 ? 393 ASP B CG  1 
ATOM 1601 O OD1 . ASP B 2 9   ? 6.596   -9.100  4.210   1.00 45.20 ? 393 ASP B OD1 1 
ATOM 1602 O OD2 . ASP B 2 9   ? 5.096   -8.320  5.616   1.00 46.07 ? 393 ASP B OD2 1 
ATOM 1603 N N   . PRO B 2 10  ? 6.509   -10.104 9.465   1.00 67.59 ? 394 PRO B N   1 
ATOM 1604 C CA  . PRO B 2 10  ? 6.978   -11.128 10.417  1.00 67.77 ? 394 PRO B CA  1 
ATOM 1605 C C   . PRO B 2 10  ? 8.304   -11.830 10.091  1.00 67.99 ? 394 PRO B C   1 
ATOM 1606 O O   . PRO B 2 10  ? 8.512   -12.325 8.978   1.00 67.86 ? 394 PRO B O   1 
ATOM 1607 C CB  . PRO B 2 10  ? 5.805   -12.097 10.476  1.00 67.88 ? 394 PRO B CB  1 
ATOM 1608 C CG  . PRO B 2 10  ? 4.623   -11.158 10.367  1.00 68.73 ? 394 PRO B CG  1 
ATOM 1609 C CD  . PRO B 2 10  ? 5.049   -10.190 9.267   1.00 68.05 ? 394 PRO B CD  1 
ATOM 1610 N N   . GLY B 2 11  ? 9.200   -11.864 11.075  1.00 68.02 ? 395 GLY B N   1 
ATOM 1611 C CA  . GLY B 2 11  ? 10.492  -12.507 10.886  1.00 67.71 ? 395 GLY B CA  1 
ATOM 1612 C C   . GLY B 2 11  ? 11.655  -11.786 11.549  1.00 67.13 ? 395 GLY B C   1 
ATOM 1613 O O   . GLY B 2 11  ? 11.723  -11.706 12.779  1.00 66.10 ? 395 GLY B O   1 
ATOM 1614 N N   . PRO B 2 12  ? 12.603  -11.269 10.747  1.00 66.98 ? 396 PRO B N   1 
ATOM 1615 C CA  . PRO B 2 12  ? 13.805  -10.536 11.162  1.00 67.54 ? 396 PRO B CA  1 
ATOM 1616 C C   . PRO B 2 12  ? 13.584  -9.344  12.096  1.00 66.63 ? 396 PRO B C   1 
ATOM 1617 O O   . PRO B 2 12  ? 12.928  -8.358  11.742  1.00 65.54 ? 396 PRO B O   1 
ATOM 1618 C CB  . PRO B 2 12  ? 14.426  -10.123 9.830   1.00 67.38 ? 396 PRO B CB  1 
ATOM 1619 C CG  . PRO B 2 12  ? 14.160  -11.321 8.994   1.00 67.40 ? 396 PRO B CG  1 
ATOM 1620 C CD  . PRO B 2 12  ? 12.694  -11.617 9.317   1.00 67.51 ? 396 PRO B CD  1 
ATOM 1621 N N   . PRO B 2 13  ? 14.138  -9.439  13.316  1.00 66.13 ? 397 PRO B N   1 
ATOM 1622 C CA  . PRO B 2 13  ? 14.079  -8.443  14.392  1.00 66.51 ? 397 PRO B CA  1 
ATOM 1623 C C   . PRO B 2 13  ? 14.897  -7.170  14.139  1.00 66.88 ? 397 PRO B C   1 
ATOM 1624 O O   . PRO B 2 13  ? 14.891  -6.245  14.959  1.00 66.62 ? 397 PRO B O   1 
ATOM 1625 C CB  . PRO B 2 13  ? 14.597  -9.220  15.601  1.00 65.55 ? 397 PRO B CB  1 
ATOM 1626 C CG  . PRO B 2 13  ? 14.189  -10.621 15.304  1.00 64.31 ? 397 PRO B CG  1 
ATOM 1627 C CD  . PRO B 2 13  ? 14.568  -10.742 13.856  1.00 65.88 ? 397 PRO B CD  1 
ATOM 1628 N N   . GLY B 2 14  ? 15.604  -7.135  13.010  1.00 67.88 ? 398 GLY B N   1 
ATOM 1629 C CA  . GLY B 2 14  ? 16.414  -5.974  12.677  1.00 68.85 ? 398 GLY B CA  1 
ATOM 1630 C C   . GLY B 2 14  ? 17.895  -6.215  12.893  1.00 69.68 ? 398 GLY B C   1 
ATOM 1631 O O   . GLY B 2 14  ? 18.280  -7.102  13.661  1.00 69.55 ? 398 GLY B O   1 
ATOM 1632 N N   . LEU B 2 15  ? 18.727  -5.422  12.216  1.00 70.26 ? 399 LEU B N   1 
ATOM 1633 C CA  . LEU B 2 15  ? 20.186  -5.549  12.324  1.00 70.60 ? 399 LEU B CA  1 
ATOM 1634 C C   . LEU B 2 15  ? 20.721  -5.153  13.704  1.00 70.11 ? 399 LEU B C   1 
ATOM 1635 O O   . LEU B 2 15  ? 21.901  -4.810  13.840  1.00 69.74 ? 399 LEU B O   1 
ATOM 1636 C CB  . LEU B 2 15  ? 20.875  -4.697  11.246  1.00 71.31 ? 399 LEU B CB  1 
ATOM 1637 C CG  . LEU B 2 15  ? 20.732  -5.144  9.787   1.00 71.71 ? 399 LEU B CG  1 
ATOM 1638 C CD1 . LEU B 2 15  ? 21.396  -4.131  8.869   1.00 72.57 ? 399 LEU B CD1 1 
ATOM 1639 C CD2 . LEU B 2 15  ? 21.373  -6.510  9.603   1.00 72.20 ? 399 LEU B CD2 1 
ATOM 1640 N N   . SER B 2 16  ? 19.840  -5.221  14.705  1.00 69.52 ? 400 SER B N   1 
ATOM 1641 C CA  . SER B 2 16  ? 20.122  -4.879  16.105  1.00 68.64 ? 400 SER B CA  1 
ATOM 1642 C C   . SER B 2 16  ? 19.724  -3.427  16.387  1.00 68.13 ? 400 SER B C   1 
ATOM 1643 O O   . SER B 2 16  ? 20.521  -2.654  16.927  1.00 67.66 ? 400 SER B O   1 
ATOM 1644 C CB  . SER B 2 16  ? 21.611  -5.089  16.459  1.00 67.99 ? 400 SER B CB  1 
ATOM 1645 O OG  . SER B 2 16  ? 22.437  -4.028  15.995  1.00 66.49 ? 400 SER B OG  1 
ATOM 1646 N N   . THR B 2 17  ? 18.491  -3.063  16.027  1.00 67.42 ? 401 THR B N   1 
ATOM 1647 C CA  . THR B 2 17  ? 18.018  -1.695  16.241  1.00 67.19 ? 401 THR B CA  1 
ATOM 1648 C C   . THR B 2 17  ? 16.494  -1.477  16.204  1.00 66.55 ? 401 THR B C   1 
ATOM 1649 O O   . THR B 2 17  ? 15.910  -0.983  17.174  1.00 66.48 ? 401 THR B O   1 
ATOM 1650 C CB  . THR B 2 17  ? 18.658  -0.707  15.204  1.00 67.01 ? 401 THR B CB  1 
ATOM 1651 O OG1 . THR B 2 17  ? 20.088  -0.717  15.327  1.00 65.44 ? 401 THR B OG1 1 
ATOM 1652 C CG2 . THR B 2 17  ? 18.138  0.718   15.429  1.00 66.42 ? 401 THR B CG2 1 
ATOM 1653 N N   . PRO B 2 18  ? 15.835  -1.847  15.086  1.00 66.44 ? 402 PRO B N   1 
ATOM 1654 C CA  . PRO B 2 18  ? 14.386  -1.698  14.869  1.00 66.78 ? 402 PRO B CA  1 
ATOM 1655 C C   . PRO B 2 18  ? 13.437  -1.497  16.069  1.00 65.67 ? 402 PRO B C   1 
ATOM 1656 O O   . PRO B 2 18  ? 13.615  -2.087  17.141  1.00 65.30 ? 402 PRO B O   1 
ATOM 1657 C CB  . PRO B 2 18  ? 14.056  -2.923  14.028  1.00 66.97 ? 402 PRO B CB  1 
ATOM 1658 C CG  . PRO B 2 18  ? 15.240  -2.941  13.096  1.00 66.40 ? 402 PRO B CG  1 
ATOM 1659 C CD  . PRO B 2 18  ? 16.414  -2.728  14.049  1.00 66.17 ? 402 PRO B CD  1 
ATOM 1660 N N   . HIS B 2 19  ? 12.427  -0.648  15.851  1.00 63.94 ? 403 HIS B N   1 
ATOM 1661 C CA  . HIS B 2 19  ? 11.429  -0.292  16.862  1.00 61.58 ? 403 HIS B CA  1 
ATOM 1662 C C   . HIS B 2 19  ? 10.606  0.917   16.373  1.00 60.65 ? 403 HIS B C   1 
ATOM 1663 O O   . HIS B 2 19  ? 10.635  1.276   15.191  1.00 60.08 ? 403 HIS B O   1 
ATOM 1664 C CB  . HIS B 2 19  ? 12.148  0.064   18.173  1.00 60.41 ? 403 HIS B CB  1 
ATOM 1665 C CG  . HIS B 2 19  ? 11.233  0.415   19.308  1.00 59.37 ? 403 HIS B CG  1 
ATOM 1666 N ND1 . HIS B 2 19  ? 10.272  -0.447  19.788  1.00 58.89 ? 403 HIS B ND1 1 
ATOM 1667 C CD2 . HIS B 2 19  ? 11.143  1.536   20.063  1.00 58.81 ? 403 HIS B CD2 1 
ATOM 1668 C CE1 . HIS B 2 19  ? 9.629   0.126   20.790  1.00 58.26 ? 403 HIS B CE1 1 
ATOM 1669 N NE2 . HIS B 2 19  ? 10.138  1.329   20.977  1.00 58.54 ? 403 HIS B NE2 1 
ATOM 1670 N N   . GLN B 2 20  ? 9.878   1.528   17.304  1.00 59.81 ? 404 GLN B N   1 
ATOM 1671 C CA  . GLN B 2 20  ? 9.049   2.702   17.065  1.00 59.05 ? 404 GLN B CA  1 
ATOM 1672 C C   . GLN B 2 20  ? 8.184   2.977   18.299  1.00 58.87 ? 404 GLN B C   1 
ATOM 1673 O O   . GLN B 2 20  ? 7.438   2.105   18.760  1.00 58.48 ? 404 GLN B O   1 
ATOM 1674 C CB  . GLN B 2 20  ? 8.156   2.515   15.836  1.00 58.95 ? 404 GLN B CB  1 
ATOM 1675 C CG  . GLN B 2 20  ? 7.017   3.529   15.774  1.00 59.89 ? 404 GLN B CG  1 
ATOM 1676 C CD  . GLN B 2 20  ? 7.493   4.970   15.943  1.00 60.57 ? 404 GLN B CD  1 
ATOM 1677 O OE1 . GLN B 2 20  ? 6.748   5.837   16.420  1.00 60.00 ? 404 GLN B OE1 1 
ATOM 1678 N NE2 . GLN B 2 20  ? 8.735   5.232   15.541  1.00 60.71 ? 404 GLN B NE2 1 
ATOM 1679 N N   . GLU B 2 21  ? 8.292   4.194   18.828  1.00 58.66 ? 405 GLU B N   1 
ATOM 1680 C CA  . GLU B 2 21  ? 7.537   4.603   20.013  1.00 57.71 ? 405 GLU B CA  1 
ATOM 1681 C C   . GLU B 2 21  ? 6.686   5.851   19.768  1.00 56.90 ? 405 GLU B C   1 
ATOM 1682 O O   . GLU B 2 21  ? 7.208   6.915   19.426  1.00 56.83 ? 405 GLU B O   1 
ATOM 1683 C CB  . GLU B 2 21  ? 8.499   4.870   21.178  1.00 57.49 ? 405 GLU B CB  1 
ATOM 1684 C CG  . GLU B 2 21  ? 7.866   5.549   22.401  1.00 56.44 ? 405 GLU B CG  1 
ATOM 1685 C CD  . GLU B 2 21  ? 7.027   4.606   23.250  1.00 55.52 ? 405 GLU B CD  1 
ATOM 1686 O OE1 . GLU B 2 21  ? 5.774   4.678   23.186  1.00 54.97 ? 405 GLU B OE1 1 
ATOM 1687 O OE2 . GLU B 2 21  ? 7.633   3.791   23.980  1.00 53.23 ? 405 GLU B OE2 1 
ATOM 1688 N N   . ASP B 2 22  ? 5.376   5.708   19.955  1.00 55.98 ? 406 ASP B N   1 
ATOM 1689 C CA  . ASP B 2 22  ? 4.436   6.818   19.781  1.00 55.03 ? 406 ASP B CA  1 
ATOM 1690 C C   . ASP B 2 22  ? 3.012   6.404   20.171  1.00 54.81 ? 406 ASP B C   1 
ATOM 1691 O O   . ASP B 2 22  ? 2.798   5.818   21.239  1.00 54.59 ? 406 ASP B O   1 
ATOM 1692 C CB  . ASP B 2 22  ? 4.449   7.320   18.328  1.00 52.87 ? 406 ASP B CB  1 
ATOM 1693 C CG  . ASP B 2 22  ? 3.651   8.601   18.143  1.00 50.11 ? 406 ASP B CG  1 
ATOM 1694 O OD1 . ASP B 2 22  ? 3.478   9.017   16.980  1.00 48.61 ? 406 ASP B OD1 1 
ATOM 1695 O OD2 . ASP B 2 22  ? 3.203   9.191   19.155  1.00 47.87 ? 406 ASP B OD2 1 
ATOM 1696 N N   . GLY B 2 23  ? 2.047   6.714   19.303  1.00 54.33 ? 407 GLY B N   1 
ATOM 1697 C CA  . GLY B 2 23  ? 0.661   6.376   19.569  1.00 53.87 ? 407 GLY B CA  1 
ATOM 1698 C C   . GLY B 2 23  ? 0.107   7.217   20.698  1.00 54.06 ? 407 GLY B C   1 
ATOM 1699 O O   . GLY B 2 23  ? -1.091  7.178   20.988  1.00 53.79 ? 407 GLY B O   1 
ATOM 1700 N N   . LYS B 2 24  ? 0.992   7.984   21.333  1.00 53.63 ? 408 LYS B N   1 
ATOM 1701 C CA  . LYS B 2 24  ? 0.622   8.848   22.448  1.00 52.97 ? 408 LYS B CA  1 
ATOM 1702 C C   . LYS B 2 24  ? -0.378  9.924   22.018  1.00 53.55 ? 408 LYS B C   1 
ATOM 1703 O O   . LYS B 2 24  ? -0.594  10.073  20.791  1.00 53.79 ? 408 LYS B O   1 
ATOM 1704 C CB  . LYS B 2 24  ? 1.875   9.512   23.029  1.00 50.59 ? 408 LYS B CB  1 
ATOM 1705 C CG  . LYS B 2 24  ? 2.732   10.213  21.984  1.00 47.16 ? 408 LYS B CG  1 
ATOM 1706 C CD  . LYS B 2 24  ? 3.593   11.295  22.609  1.00 43.98 ? 408 LYS B CD  1 
ATOM 1707 C CE  . LYS B 2 24  ? 2.737   12.444  23.128  1.00 41.80 ? 408 LYS B CE  1 
ATOM 1708 N NZ  . LYS B 2 24  ? 1.942   13.095  22.049  1.00 38.72 ? 408 LYS B NZ  1 
ATOM 1709 O OXT . LYS B 2 24  ? -0.926  10.610  22.915  1.00 54.34 ? 408 LYS B OXT 1 
# 
loop_
_pdbx_poly_seq_scheme.asym_id 
_pdbx_poly_seq_scheme.entity_id 
_pdbx_poly_seq_scheme.seq_id 
_pdbx_poly_seq_scheme.mon_id 
_pdbx_poly_seq_scheme.ndb_seq_num 
_pdbx_poly_seq_scheme.pdb_seq_num 
_pdbx_poly_seq_scheme.auth_seq_num 
_pdbx_poly_seq_scheme.pdb_mon_id 
_pdbx_poly_seq_scheme.auth_mon_id 
_pdbx_poly_seq_scheme.pdb_strand_id 
_pdbx_poly_seq_scheme.pdb_ins_code 
_pdbx_poly_seq_scheme.hetero 
A 1 1   ASN 1   313 313 ASN ASN A . n 
A 1 2   THR 2   314 314 THR THR A . n 
A 1 3   GLY 3   315 315 GLY GLY A . n 
A 1 4   LEU 4   316 316 LEU LEU A . n 
A 1 5   LEU 5   317 317 LEU LEU A . n 
A 1 6   GLU 6   318 318 GLU GLU A . n 
A 1 7   SER 7   319 319 SER SER A . n 
A 1 8   GLN 8   320 320 GLN GLN A . n 
A 1 9   LEU 9   321 321 LEU LEU A . n 
A 1 10  SER 10  322 322 SER SER A . n 
A 1 11  ARG 11  323 323 ARG ARG A . n 
A 1 12  HIS 12  324 324 HIS HIS A . n 
A 1 13  ASP 13  325 325 ASP ASP A . n 
A 1 14  GLN 14  326 326 GLN GLN A . n 
A 1 15  MET 15  327 327 MET MET A . n 
A 1 16  LEU 16  328 328 LEU LEU A . n 
A 1 17  SER 17  329 329 SER SER A . n 
A 1 18  VAL 18  330 330 VAL VAL A . n 
A 1 19  HIS 19  331 331 HIS HIS A . n 
A 1 20  ASP 20  332 332 ASP ASP A . n 
A 1 21  ILE 21  333 333 ILE ILE A . n 
A 1 22  ARG 22  334 334 ARG ARG A . n 
A 1 23  LEU 23  335 335 LEU LEU A . n 
A 1 24  ALA 24  336 336 ALA ALA A . n 
A 1 25  ASP 25  337 337 ASP ASP A . n 
A 1 26  MET 26  338 338 MET MET A . n 
A 1 27  ASP 27  339 339 ASP ASP A . n 
A 1 28  LEU 28  340 340 LEU LEU A . n 
A 1 29  ARG 29  341 341 ARG ARG A . n 
A 1 30  PHE 30  342 342 PHE PHE A . n 
A 1 31  GLN 31  343 343 GLN GLN A . n 
A 1 32  VAL 32  344 344 VAL VAL A . n 
A 1 33  LEU 33  345 345 LEU LEU A . n 
A 1 34  GLU 34  346 346 GLU GLU A . n 
A 1 35  THR 35  347 347 THR THR A . n 
A 1 36  ALA 36  348 348 ALA ALA A . n 
A 1 37  SER 37  349 349 SER SER A . n 
A 1 38  TYR 38  350 350 TYR TYR A . n 
A 1 39  ASN 39  351 351 ASN ASN A . n 
A 1 40  GLY 40  352 352 GLY GLY A . n 
A 1 41  VAL 41  353 353 VAL VAL A . n 
A 1 42  LEU 42  354 354 LEU LEU A . n 
A 1 43  ILE 43  355 355 ILE ILE A . n 
A 1 44  TRP 44  356 356 TRP TRP A . n 
A 1 45  LYS 45  357 357 LYS LYS A . n 
A 1 46  ILE 46  358 358 ILE ILE A . n 
A 1 47  ARG 47  359 359 ARG ARG A . n 
A 1 48  ASP 48  360 360 ASP ASP A . n 
A 1 49  TYR 49  361 361 TYR TYR A . n 
A 1 50  LYS 50  362 362 LYS LYS A . n 
A 1 51  ARG 51  363 363 ARG ARG A . n 
A 1 52  ARG 52  364 364 ARG ARG A . n 
A 1 53  LYS 53  365 365 LYS LYS A . n 
A 1 54  GLN 54  366 366 GLN GLN A . n 
A 1 55  GLU 55  367 367 GLU GLU A . n 
A 1 56  ALA 56  368 368 ALA ALA A . n 
A 1 57  VAL 57  369 369 VAL VAL A . n 
A 1 58  MET 58  370 370 MET MET A . n 
A 1 59  GLY 59  371 371 GLY GLY A . n 
A 1 60  LYS 60  372 372 LYS LYS A . n 
A 1 61  THR 61  373 373 THR THR A . n 
A 1 62  LEU 62  374 374 LEU LEU A . n 
A 1 63  SER 63  375 375 SER SER A . n 
A 1 64  LEU 64  376 376 LEU LEU A . n 
A 1 65  TYR 65  377 377 TYR TYR A . n 
A 1 66  SER 66  378 378 SER SER A . n 
A 1 67  GLN 67  379 379 GLN GLN A . n 
A 1 68  PRO 68  380 380 PRO PRO A . n 
A 1 69  PHE 69  381 381 PHE PHE A . n 
A 1 70  TYR 70  382 382 TYR TYR A . n 
A 1 71  THR 71  383 383 THR THR A . n 
A 1 72  GLY 72  384 384 GLY GLY A . n 
A 1 73  TYR 73  385 385 TYR TYR A . n 
A 1 74  PHE 74  386 386 PHE PHE A . n 
A 1 75  GLY 75  387 387 GLY GLY A . n 
A 1 76  TYR 76  388 388 TYR TYR A . n 
A 1 77  LYS 77  389 389 LYS LYS A . n 
A 1 78  MET 78  390 390 MET MET A . n 
A 1 79  CYS 79  391 391 CYS CYS A . n 
A 1 80  ALA 80  392 392 ALA ALA A . n 
A 1 81  ARG 81  393 393 ARG ARG A . n 
A 1 82  VAL 82  394 394 VAL VAL A . n 
A 1 83  TYR 83  395 395 TYR TYR A . n 
A 1 84  LEU 84  396 396 LEU LEU A . n 
A 1 85  ASN 85  397 397 ASN ASN A . n 
A 1 86  GLY 86  398 398 GLY GLY A . n 
A 1 87  ASP 87  399 399 ASP ASP A . n 
A 1 88  GLY 88  400 400 GLY GLY A . n 
A 1 89  MET 89  401 401 MET MET A . n 
A 1 90  GLY 90  402 402 GLY GLY A . n 
A 1 91  LYS 91  403 403 LYS LYS A . n 
A 1 92  GLY 92  404 404 GLY GLY A . n 
A 1 93  THR 93  405 405 THR THR A . n 
A 1 94  HIS 94  406 406 HIS HIS A . n 
A 1 95  LEU 95  407 407 LEU LEU A . n 
A 1 96  SER 96  408 408 SER SER A . n 
A 1 97  LEU 97  409 409 LEU LEU A . n 
A 1 98  PHE 98  410 410 PHE PHE A . n 
A 1 99  PHE 99  411 411 PHE PHE A . n 
A 1 100 VAL 100 412 412 VAL VAL A . n 
A 1 101 ILE 101 413 413 ILE ILE A . n 
A 1 102 MET 102 414 414 MET MET A . n 
A 1 103 ARG 103 415 415 ARG ARG A . n 
A 1 104 GLY 104 416 416 GLY GLY A . n 
A 1 105 GLU 105 417 417 GLU GLU A . n 
A 1 106 TYR 106 418 418 TYR TYR A . n 
A 1 107 ASP 107 419 419 ASP ASP A . n 
A 1 108 ALA 108 420 420 ALA ALA A . n 
A 1 109 LEU 109 421 421 LEU LEU A . n 
A 1 110 LEU 110 422 422 LEU LEU A . n 
A 1 111 PRO 111 423 423 PRO PRO A . n 
A 1 112 TRP 112 424 424 TRP TRP A . n 
A 1 113 PRO 113 425 425 PRO PRO A . n 
A 1 114 PHE 114 426 426 PHE PHE A . n 
A 1 115 LYS 115 427 427 LYS LYS A . n 
A 1 116 GLN 116 428 428 GLN GLN A . n 
A 1 117 LYS 117 429 429 LYS LYS A . n 
A 1 118 VAL 118 430 430 VAL VAL A . n 
A 1 119 THR 119 431 431 THR THR A . n 
A 1 120 LEU 120 432 432 LEU LEU A . n 
A 1 121 MET 121 433 433 MET MET A . n 
A 1 122 LEU 122 434 434 LEU LEU A . n 
A 1 123 MET 123 435 435 MET MET A . n 
A 1 124 ASP 124 436 436 ASP ASP A . n 
A 1 125 GLN 125 437 437 GLN GLN A . n 
A 1 126 GLY 126 438 438 GLY GLY A . n 
A 1 127 SER 127 439 439 SER SER A . n 
A 1 128 SER 128 440 440 SER SER A . n 
A 1 129 ARG 129 441 441 ARG ARG A . n 
A 1 130 ARG 130 442 442 ARG ARG A . n 
A 1 131 HIS 131 443 443 HIS HIS A . n 
A 1 132 LEU 132 444 444 LEU LEU A . n 
A 1 133 GLY 133 445 445 GLY GLY A . n 
A 1 134 ASP 134 446 446 ASP ASP A . n 
A 1 135 ALA 135 447 447 ALA ALA A . n 
A 1 136 PHE 136 448 448 PHE PHE A . n 
A 1 137 LYS 137 449 449 LYS LYS A . n 
A 1 138 PRO 138 450 450 PRO PRO A . n 
A 1 139 ASP 139 451 451 ASP ASP A . n 
A 1 140 PRO 140 452 452 PRO PRO A . n 
A 1 141 ASN 141 453 453 ASN ASN A . n 
A 1 142 SER 142 454 454 SER SER A . n 
A 1 143 SER 143 455 455 SER SER A . n 
A 1 144 SER 144 456 456 SER SER A . n 
A 1 145 PHE 145 457 457 PHE PHE A . n 
A 1 146 LYS 146 458 458 LYS LYS A . n 
A 1 147 LYS 147 459 459 LYS LYS A . n 
A 1 148 PRO 148 460 460 PRO PRO A . n 
A 1 149 THR 149 461 461 THR THR A . n 
A 1 150 GLY 150 462 462 GLY GLY A . n 
A 1 151 GLU 151 463 463 GLU GLU A . n 
A 1 152 MET 152 464 464 MET MET A . n 
A 1 153 ASN 153 465 465 ASN ASN A . n 
A 1 154 ILE 154 466 466 ILE ILE A . n 
A 1 155 ALA 155 467 467 ALA ALA A . n 
A 1 156 SER 156 468 468 SER SER A . n 
A 1 157 GLY 157 469 469 GLY GLY A . n 
A 1 158 CYS 158 470 470 CYS CYS A . n 
A 1 159 PRO 159 471 471 PRO PRO A . n 
A 1 160 VAL 160 472 472 VAL VAL A . n 
A 1 161 PHE 161 473 473 PHE PHE A . n 
A 1 162 VAL 162 474 474 VAL VAL A . n 
A 1 163 ALA 163 475 475 ALA ALA A . n 
A 1 164 GLN 164 476 476 GLN GLN A . n 
A 1 165 THR 165 477 477 THR THR A . n 
A 1 166 VAL 166 478 478 VAL VAL A . n 
A 1 167 LEU 167 479 479 LEU LEU A . n 
A 1 168 GLU 168 480 480 GLU GLU A . n 
A 1 169 ASN 169 481 481 ASN ASN A . n 
A 1 170 GLY 170 482 482 GLY GLY A . n 
A 1 171 THR 171 483 483 THR THR A . n 
A 1 172 TYR 172 484 484 TYR TYR A . n 
A 1 173 ILE 173 485 485 ILE ILE A . n 
A 1 174 LYS 174 486 486 LYS LYS A . n 
A 1 175 ASP 175 487 487 ASP ASP A . n 
A 1 176 ASP 176 488 488 ASP ASP A . n 
A 1 177 THR 177 489 489 THR THR A . n 
A 1 178 ILE 178 490 490 ILE ILE A . n 
A 1 179 PHE 179 491 491 PHE PHE A . n 
A 1 180 ILE 180 492 492 ILE ILE A . n 
A 1 181 LYS 181 493 493 LYS LYS A . n 
A 1 182 VAL 182 494 494 VAL VAL A . n 
A 1 183 ILE 183 495 495 ILE ILE A . n 
A 1 184 VAL 184 496 496 VAL VAL A . n 
A 1 185 ASP 185 497 497 ASP ASP A . n 
A 1 186 THR 186 498 498 THR THR A . n 
A 1 187 SER 187 499 499 SER SER A . n 
A 1 188 ASP 188 500 500 ASP ASP A . n 
A 1 189 LEU 189 501 501 LEU LEU A . n 
A 1 190 PRO 190 502 502 PRO PRO A . n 
A 1 191 ASP 191 503 503 ASP ASP A . n 
A 1 192 PRO 192 504 504 PRO PRO A . n 
A 1 193 LEU 193 505 ?   ?   ?   A . n 
A 1 194 GLU 194 506 ?   ?   ?   A . n 
A 1 195 HIS 195 507 ?   ?   ?   A . n 
A 1 196 HIS 196 508 ?   ?   ?   A . n 
A 1 197 HIS 197 509 ?   ?   ?   A . n 
A 1 198 HIS 198 510 ?   ?   ?   A . n 
A 1 199 HIS 199 511 ?   ?   ?   A . n 
A 1 200 HIS 200 512 ?   ?   ?   A . n 
B 2 1   PRO 1   385 385 PRO PRO B . n 
B 2 2   TYR 2   386 386 TYR TYR B . n 
B 2 3   PRO 3   387 387 PRO PRO B . n 
B 2 4   ILE 4   388 388 ILE ILE B . n 
B 2 5   PRO 5   389 389 PRO PRO B . n 
B 2 6   GLU 6   390 390 GLU GLU B . n 
B 2 7   GLU 7   391 391 GLU GLU B . n 
B 2 8   GLY 8   392 392 GLY GLY B . n 
B 2 9   ASP 9   393 393 ASP ASP B . n 
B 2 10  PRO 10  394 394 PRO PRO B . n 
B 2 11  GLY 11  395 395 GLY GLY B . n 
B 2 12  PRO 12  396 396 PRO PRO B . n 
B 2 13  PRO 13  397 397 PRO PRO B . n 
B 2 14  GLY 14  398 398 GLY GLY B . n 
B 2 15  LEU 15  399 399 LEU LEU B . n 
B 2 16  SER 16  400 400 SER SER B . n 
B 2 17  THR 17  401 401 THR THR B . n 
B 2 18  PRO 18  402 402 PRO PRO B . n 
B 2 19  HIS 19  403 403 HIS HIS B . n 
B 2 20  GLN 20  404 404 GLN GLN B . n 
B 2 21  GLU 21  405 405 GLU GLU B . n 
B 2 22  ASP 22  406 406 ASP ASP B . n 
B 2 23  GLY 23  407 407 GLY GLY B . n 
B 2 24  LYS 24  408 408 LYS LYS B . n 
# 
_pdbx_struct_assembly.id                   1 
_pdbx_struct_assembly.details              author_defined_assembly 
_pdbx_struct_assembly.method_details       ? 
_pdbx_struct_assembly.oligomeric_details   hexameric 
_pdbx_struct_assembly.oligomeric_count     6 
# 
_pdbx_struct_assembly_gen.assembly_id       1 
_pdbx_struct_assembly_gen.oper_expression   1,2,3 
_pdbx_struct_assembly_gen.asym_id_list      A,B 
# 
loop_
_pdbx_struct_oper_list.id 
_pdbx_struct_oper_list.type 
_pdbx_struct_oper_list.name 
_pdbx_struct_oper_list.symmetry_operation 
_pdbx_struct_oper_list.matrix[1][1] 
_pdbx_struct_oper_list.matrix[1][2] 
_pdbx_struct_oper_list.matrix[1][3] 
_pdbx_struct_oper_list.vector[1] 
_pdbx_struct_oper_list.matrix[2][1] 
_pdbx_struct_oper_list.matrix[2][2] 
_pdbx_struct_oper_list.matrix[2][3] 
_pdbx_struct_oper_list.vector[2] 
_pdbx_struct_oper_list.matrix[3][1] 
_pdbx_struct_oper_list.matrix[3][2] 
_pdbx_struct_oper_list.matrix[3][3] 
_pdbx_struct_oper_list.vector[3] 
1 'identity operation'         1_555 x,y,z        1.0000000000  0.0000000000 0.0000000000  0.0000000000   0.0000000000 1.0000000000 0.0000000000 0.0000000000  0.0000000000  0.0000000000 1.0000000000  0.0000000000   
2 'crystal symmetry operation' 2_665 -y+1,x-y+1,z -0.3176051326 0.2461787832 0.9157090075  6.9331179550   0.6959030728 0.7164791643 0.0487495683 6.9140062489  -0.6440853150 0.6527278252 -0.3988740317 -33.2912420740 
3 'crystal symmetry operation' 3_565 -x+y,-x+1,z  -0.3176051326 0.6959030728 -0.6440853150 -24.0518844860 0.2461787832 0.7164791643 0.6527278252 15.0695920766 0.9157090075  0.0487495683 -0.3988740317 -19.9647853285 
# 
loop_
_pdbx_audit_revision_history.ordinal 
_pdbx_audit_revision_history.data_content_type 
_pdbx_audit_revision_history.major_revision 
_pdbx_audit_revision_history.minor_revision 
_pdbx_audit_revision_history.revision_date 
1 'Structure model' 1 0 2004-07-06 
2 'Structure model' 1 1 2008-04-29 
3 'Structure model' 1 2 2011-07-13 
4 'Structure model' 1 3 2017-10-11 
5 'Structure model' 1 4 2023-08-23 
# 
_pdbx_audit_revision_details.ordinal             1 
_pdbx_audit_revision_details.revision_ordinal    1 
_pdbx_audit_revision_details.data_content_type   'Structure model' 
_pdbx_audit_revision_details.provider            repository 
_pdbx_audit_revision_details.type                'Initial release' 
_pdbx_audit_revision_details.description         ? 
_pdbx_audit_revision_details.details             ? 
# 
loop_
_pdbx_audit_revision_group.ordinal 
_pdbx_audit_revision_group.revision_ordinal 
_pdbx_audit_revision_group.data_content_type 
_pdbx_audit_revision_group.group 
1 2 'Structure model' 'Version format compliance' 
2 3 'Structure model' 'Version format compliance' 
3 4 'Structure model' 'Refinement description'    
4 5 'Structure model' 'Data collection'           
5 5 'Structure model' 'Database references'       
6 5 'Structure model' 'Refinement description'    
# 
loop_
_pdbx_audit_revision_category.ordinal 
_pdbx_audit_revision_category.revision_ordinal 
_pdbx_audit_revision_category.data_content_type 
_pdbx_audit_revision_category.category 
1 4 'Structure model' software                      
2 5 'Structure model' chem_comp_atom                
3 5 'Structure model' chem_comp_bond                
4 5 'Structure model' database_2                    
5 5 'Structure model' pdbx_initial_refinement_model 
6 5 'Structure model' struct_ref_seq_dif            
# 
loop_
_pdbx_audit_revision_item.ordinal 
_pdbx_audit_revision_item.revision_ordinal 
_pdbx_audit_revision_item.data_content_type 
_pdbx_audit_revision_item.item 
1 5 'Structure model' '_database_2.pdbx_DOI'                
2 5 'Structure model' '_database_2.pdbx_database_accession' 
3 5 'Structure model' '_struct_ref_seq_dif.details'         
# 
loop_
_software.name 
_software.classification 
_software.version 
_software.citation_id 
_software.pdbx_ordinal 
MAR345    'data collection' . ? 1 
SCALEPACK 'data scaling'    . ? 2 
CNS       refinement        . ? 3 
CNS       phasing           . ? 4 
# 
_pdbx_validate_rmsd_angle.id                         1 
_pdbx_validate_rmsd_angle.PDB_model_num              1 
_pdbx_validate_rmsd_angle.auth_atom_id_1             C 
_pdbx_validate_rmsd_angle.auth_asym_id_1             A 
_pdbx_validate_rmsd_angle.auth_comp_id_1             LYS 
_pdbx_validate_rmsd_angle.auth_seq_id_1              459 
_pdbx_validate_rmsd_angle.PDB_ins_code_1             ? 
_pdbx_validate_rmsd_angle.label_alt_id_1             ? 
_pdbx_validate_rmsd_angle.auth_atom_id_2             N 
_pdbx_validate_rmsd_angle.auth_asym_id_2             A 
_pdbx_validate_rmsd_angle.auth_comp_id_2             PRO 
_pdbx_validate_rmsd_angle.auth_seq_id_2              460 
_pdbx_validate_rmsd_angle.PDB_ins_code_2             ? 
_pdbx_validate_rmsd_angle.label_alt_id_2             ? 
_pdbx_validate_rmsd_angle.auth_atom_id_3             CA 
_pdbx_validate_rmsd_angle.auth_asym_id_3             A 
_pdbx_validate_rmsd_angle.auth_comp_id_3             PRO 
_pdbx_validate_rmsd_angle.auth_seq_id_3              460 
_pdbx_validate_rmsd_angle.PDB_ins_code_3             ? 
_pdbx_validate_rmsd_angle.label_alt_id_3             ? 
_pdbx_validate_rmsd_angle.angle_value                128.89 
_pdbx_validate_rmsd_angle.angle_target_value         119.30 
_pdbx_validate_rmsd_angle.angle_deviation            9.59 
_pdbx_validate_rmsd_angle.angle_standard_deviation   1.50 
_pdbx_validate_rmsd_angle.linker_flag                Y 
# 
loop_
_pdbx_validate_torsion.id 
_pdbx_validate_torsion.PDB_model_num 
_pdbx_validate_torsion.auth_comp_id 
_pdbx_validate_torsion.auth_asym_id 
_pdbx_validate_torsion.auth_seq_id 
_pdbx_validate_torsion.PDB_ins_code 
_pdbx_validate_torsion.label_alt_id 
_pdbx_validate_torsion.phi 
_pdbx_validate_torsion.psi 
1  1 THR A 314 ? ? -69.61  15.89   
2  1 ARG A 334 ? ? -53.67  -71.97  
3  1 MET A 338 ? ? -59.70  -1.22   
4  1 ARG A 341 ? ? -69.86  25.30   
5  1 LEU A 345 ? ? -76.26  45.21   
6  1 GLU A 346 ? ? -158.55 -23.41  
7  1 LEU A 354 ? ? 159.48  149.98  
8  1 LYS A 365 ? ? -48.27  -76.20  
9  1 GLN A 366 ? ? -42.31  -71.18  
10 1 GLU A 367 ? ? -32.58  -30.06  
11 1 LEU A 374 ? ? -169.55 76.82   
12 1 SER A 375 ? ? 161.59  63.23   
13 1 TYR A 377 ? ? -120.66 -153.05 
14 1 THR A 383 ? ? -101.43 43.95   
15 1 TYR A 385 ? ? -13.59  -53.83  
16 1 LEU A 396 ? ? -16.67  -69.75  
17 1 ASP A 399 ? ? -133.55 -152.46 
18 1 LYS A 403 ? ? -27.71  -69.43  
19 1 THR A 405 ? ? -20.88  -68.49  
20 1 VAL A 412 ? ? -178.62 144.82  
21 1 PRO A 425 ? ? -77.13  -163.67 
22 1 LYS A 427 ? ? 178.69  75.41   
23 1 VAL A 430 ? ? -156.41 82.56   
24 1 MET A 435 ? ? -69.26  -155.84 
25 1 ASP A 436 ? ? -170.82 98.73   
26 1 GLN A 437 ? ? -93.10  49.42   
27 1 SER A 439 ? ? 173.08  14.64   
28 1 SER A 440 ? ? -148.05 -12.04  
29 1 ARG A 442 ? ? -105.47 46.08   
30 1 ASN A 453 ? ? -41.82  -70.26  
31 1 SER A 456 ? ? -176.26 -8.35   
32 1 LYS A 459 ? ? -29.12  118.46  
33 1 THR A 461 ? ? -109.47 -63.85  
34 1 ILE A 466 ? ? -56.49  88.94   
35 1 ALA A 467 ? ? -35.54  93.86   
36 1 PRO A 471 ? ? -30.81  -95.48  
37 1 PHE A 473 ? ? -143.21 -125.04 
38 1 GLN A 476 ? ? -3.83   -95.28  
39 1 ASN A 481 ? ? -107.49 67.94   
40 1 ASP A 497 ? ? -81.12  -115.34 
41 1 THR A 498 ? ? 131.85  -47.35  
42 1 ASP A 500 ? ? -67.47  48.68   
43 1 LEU A 501 ? ? -154.83 87.33   
44 1 PRO A 502 ? ? -35.51  97.80   
45 1 PRO B 387 ? ? -115.61 -157.69 
46 1 PRO B 389 ? ? -71.25  -107.03 
47 1 GLU B 390 ? ? 172.92  160.68  
48 1 PRO B 394 ? ? -31.35  129.57  
49 1 LEU B 399 ? ? -67.96  22.91   
50 1 SER B 400 ? ? 94.59   51.12   
51 1 THR B 401 ? ? -161.85 -57.27  
52 1 PRO B 402 ? ? -18.75  142.17  
53 1 HIS B 403 ? ? 168.12  -165.48 
54 1 GLN B 404 ? ? 170.47  124.44  
55 1 ASP B 406 ? ? -175.29 -131.79 
# 
loop_
_pdbx_unobs_or_zero_occ_residues.id 
_pdbx_unobs_or_zero_occ_residues.PDB_model_num 
_pdbx_unobs_or_zero_occ_residues.polymer_flag 
_pdbx_unobs_or_zero_occ_residues.occupancy_flag 
_pdbx_unobs_or_zero_occ_residues.auth_asym_id 
_pdbx_unobs_or_zero_occ_residues.auth_comp_id 
_pdbx_unobs_or_zero_occ_residues.auth_seq_id 
_pdbx_unobs_or_zero_occ_residues.PDB_ins_code 
_pdbx_unobs_or_zero_occ_residues.label_asym_id 
_pdbx_unobs_or_zero_occ_residues.label_comp_id 
_pdbx_unobs_or_zero_occ_residues.label_seq_id 
1 1 Y 1 A LEU 505 ? A LEU 193 
2 1 Y 1 A GLU 506 ? A GLU 194 
3 1 Y 1 A HIS 507 ? A HIS 195 
4 1 Y 1 A HIS 508 ? A HIS 196 
5 1 Y 1 A HIS 509 ? A HIS 197 
6 1 Y 1 A HIS 510 ? A HIS 198 
7 1 Y 1 A HIS 511 ? A HIS 199 
8 1 Y 1 A HIS 512 ? A HIS 200 
# 
loop_
_chem_comp_atom.comp_id 
_chem_comp_atom.atom_id 
_chem_comp_atom.type_symbol 
_chem_comp_atom.pdbx_aromatic_flag 
_chem_comp_atom.pdbx_stereo_config 
_chem_comp_atom.pdbx_ordinal 
ALA N    N N N 1   
ALA CA   C N S 2   
ALA C    C N N 3   
ALA O    O N N 4   
ALA CB   C N N 5   
ALA OXT  O N N 6   
ALA H    H N N 7   
ALA H2   H N N 8   
ALA HA   H N N 9   
ALA HB1  H N N 10  
ALA HB2  H N N 11  
ALA HB3  H N N 12  
ALA HXT  H N N 13  
ARG N    N N N 14  
ARG CA   C N S 15  
ARG C    C N N 16  
ARG O    O N N 17  
ARG CB   C N N 18  
ARG CG   C N N 19  
ARG CD   C N N 20  
ARG NE   N N N 21  
ARG CZ   C N N 22  
ARG NH1  N N N 23  
ARG NH2  N N N 24  
ARG OXT  O N N 25  
ARG H    H N N 26  
ARG H2   H N N 27  
ARG HA   H N N 28  
ARG HB2  H N N 29  
ARG HB3  H N N 30  
ARG HG2  H N N 31  
ARG HG3  H N N 32  
ARG HD2  H N N 33  
ARG HD3  H N N 34  
ARG HE   H N N 35  
ARG HH11 H N N 36  
ARG HH12 H N N 37  
ARG HH21 H N N 38  
ARG HH22 H N N 39  
ARG HXT  H N N 40  
ASN N    N N N 41  
ASN CA   C N S 42  
ASN C    C N N 43  
ASN O    O N N 44  
ASN CB   C N N 45  
ASN CG   C N N 46  
ASN OD1  O N N 47  
ASN ND2  N N N 48  
ASN OXT  O N N 49  
ASN H    H N N 50  
ASN H2   H N N 51  
ASN HA   H N N 52  
ASN HB2  H N N 53  
ASN HB3  H N N 54  
ASN HD21 H N N 55  
ASN HD22 H N N 56  
ASN HXT  H N N 57  
ASP N    N N N 58  
ASP CA   C N S 59  
ASP C    C N N 60  
ASP O    O N N 61  
ASP CB   C N N 62  
ASP CG   C N N 63  
ASP OD1  O N N 64  
ASP OD2  O N N 65  
ASP OXT  O N N 66  
ASP H    H N N 67  
ASP H2   H N N 68  
ASP HA   H N N 69  
ASP HB2  H N N 70  
ASP HB3  H N N 71  
ASP HD2  H N N 72  
ASP HXT  H N N 73  
CYS N    N N N 74  
CYS CA   C N R 75  
CYS C    C N N 76  
CYS O    O N N 77  
CYS CB   C N N 78  
CYS SG   S N N 79  
CYS OXT  O N N 80  
CYS H    H N N 81  
CYS H2   H N N 82  
CYS HA   H N N 83  
CYS HB2  H N N 84  
CYS HB3  H N N 85  
CYS HG   H N N 86  
CYS HXT  H N N 87  
GLN N    N N N 88  
GLN CA   C N S 89  
GLN C    C N N 90  
GLN O    O N N 91  
GLN CB   C N N 92  
GLN CG   C N N 93  
GLN CD   C N N 94  
GLN OE1  O N N 95  
GLN NE2  N N N 96  
GLN OXT  O N N 97  
GLN H    H N N 98  
GLN H2   H N N 99  
GLN HA   H N N 100 
GLN HB2  H N N 101 
GLN HB3  H N N 102 
GLN HG2  H N N 103 
GLN HG3  H N N 104 
GLN HE21 H N N 105 
GLN HE22 H N N 106 
GLN HXT  H N N 107 
GLU N    N N N 108 
GLU CA   C N S 109 
GLU C    C N N 110 
GLU O    O N N 111 
GLU CB   C N N 112 
GLU CG   C N N 113 
GLU CD   C N N 114 
GLU OE1  O N N 115 
GLU OE2  O N N 116 
GLU OXT  O N N 117 
GLU H    H N N 118 
GLU H2   H N N 119 
GLU HA   H N N 120 
GLU HB2  H N N 121 
GLU HB3  H N N 122 
GLU HG2  H N N 123 
GLU HG3  H N N 124 
GLU HE2  H N N 125 
GLU HXT  H N N 126 
GLY N    N N N 127 
GLY CA   C N N 128 
GLY C    C N N 129 
GLY O    O N N 130 
GLY OXT  O N N 131 
GLY H    H N N 132 
GLY H2   H N N 133 
GLY HA2  H N N 134 
GLY HA3  H N N 135 
GLY HXT  H N N 136 
HIS N    N N N 137 
HIS CA   C N S 138 
HIS C    C N N 139 
HIS O    O N N 140 
HIS CB   C N N 141 
HIS CG   C Y N 142 
HIS ND1  N Y N 143 
HIS CD2  C Y N 144 
HIS CE1  C Y N 145 
HIS NE2  N Y N 146 
HIS OXT  O N N 147 
HIS H    H N N 148 
HIS H2   H N N 149 
HIS HA   H N N 150 
HIS HB2  H N N 151 
HIS HB3  H N N 152 
HIS HD1  H N N 153 
HIS HD2  H N N 154 
HIS HE1  H N N 155 
HIS HE2  H N N 156 
HIS HXT  H N N 157 
ILE N    N N N 158 
ILE CA   C N S 159 
ILE C    C N N 160 
ILE O    O N N 161 
ILE CB   C N S 162 
ILE CG1  C N N 163 
ILE CG2  C N N 164 
ILE CD1  C N N 165 
ILE OXT  O N N 166 
ILE H    H N N 167 
ILE H2   H N N 168 
ILE HA   H N N 169 
ILE HB   H N N 170 
ILE HG12 H N N 171 
ILE HG13 H N N 172 
ILE HG21 H N N 173 
ILE HG22 H N N 174 
ILE HG23 H N N 175 
ILE HD11 H N N 176 
ILE HD12 H N N 177 
ILE HD13 H N N 178 
ILE HXT  H N N 179 
LEU N    N N N 180 
LEU CA   C N S 181 
LEU C    C N N 182 
LEU O    O N N 183 
LEU CB   C N N 184 
LEU CG   C N N 185 
LEU CD1  C N N 186 
LEU CD2  C N N 187 
LEU OXT  O N N 188 
LEU H    H N N 189 
LEU H2   H N N 190 
LEU HA   H N N 191 
LEU HB2  H N N 192 
LEU HB3  H N N 193 
LEU HG   H N N 194 
LEU HD11 H N N 195 
LEU HD12 H N N 196 
LEU HD13 H N N 197 
LEU HD21 H N N 198 
LEU HD22 H N N 199 
LEU HD23 H N N 200 
LEU HXT  H N N 201 
LYS N    N N N 202 
LYS CA   C N S 203 
LYS C    C N N 204 
LYS O    O N N 205 
LYS CB   C N N 206 
LYS CG   C N N 207 
LYS CD   C N N 208 
LYS CE   C N N 209 
LYS NZ   N N N 210 
LYS OXT  O N N 211 
LYS H    H N N 212 
LYS H2   H N N 213 
LYS HA   H N N 214 
LYS HB2  H N N 215 
LYS HB3  H N N 216 
LYS HG2  H N N 217 
LYS HG3  H N N 218 
LYS HD2  H N N 219 
LYS HD3  H N N 220 
LYS HE2  H N N 221 
LYS HE3  H N N 222 
LYS HZ1  H N N 223 
LYS HZ2  H N N 224 
LYS HZ3  H N N 225 
LYS HXT  H N N 226 
MET N    N N N 227 
MET CA   C N S 228 
MET C    C N N 229 
MET O    O N N 230 
MET CB   C N N 231 
MET CG   C N N 232 
MET SD   S N N 233 
MET CE   C N N 234 
MET OXT  O N N 235 
MET H    H N N 236 
MET H2   H N N 237 
MET HA   H N N 238 
MET HB2  H N N 239 
MET HB3  H N N 240 
MET HG2  H N N 241 
MET HG3  H N N 242 
MET HE1  H N N 243 
MET HE2  H N N 244 
MET HE3  H N N 245 
MET HXT  H N N 246 
PHE N    N N N 247 
PHE CA   C N S 248 
PHE C    C N N 249 
PHE O    O N N 250 
PHE CB   C N N 251 
PHE CG   C Y N 252 
PHE CD1  C Y N 253 
PHE CD2  C Y N 254 
PHE CE1  C Y N 255 
PHE CE2  C Y N 256 
PHE CZ   C Y N 257 
PHE OXT  O N N 258 
PHE H    H N N 259 
PHE H2   H N N 260 
PHE HA   H N N 261 
PHE HB2  H N N 262 
PHE HB3  H N N 263 
PHE HD1  H N N 264 
PHE HD2  H N N 265 
PHE HE1  H N N 266 
PHE HE2  H N N 267 
PHE HZ   H N N 268 
PHE HXT  H N N 269 
PRO N    N N N 270 
PRO CA   C N S 271 
PRO C    C N N 272 
PRO O    O N N 273 
PRO CB   C N N 274 
PRO CG   C N N 275 
PRO CD   C N N 276 
PRO OXT  O N N 277 
PRO H    H N N 278 
PRO HA   H N N 279 
PRO HB2  H N N 280 
PRO HB3  H N N 281 
PRO HG2  H N N 282 
PRO HG3  H N N 283 
PRO HD2  H N N 284 
PRO HD3  H N N 285 
PRO HXT  H N N 286 
SER N    N N N 287 
SER CA   C N S 288 
SER C    C N N 289 
SER O    O N N 290 
SER CB   C N N 291 
SER OG   O N N 292 
SER OXT  O N N 293 
SER H    H N N 294 
SER H2   H N N 295 
SER HA   H N N 296 
SER HB2  H N N 297 
SER HB3  H N N 298 
SER HG   H N N 299 
SER HXT  H N N 300 
THR N    N N N 301 
THR CA   C N S 302 
THR C    C N N 303 
THR O    O N N 304 
THR CB   C N R 305 
THR OG1  O N N 306 
THR CG2  C N N 307 
THR OXT  O N N 308 
THR H    H N N 309 
THR H2   H N N 310 
THR HA   H N N 311 
THR HB   H N N 312 
THR HG1  H N N 313 
THR HG21 H N N 314 
THR HG22 H N N 315 
THR HG23 H N N 316 
THR HXT  H N N 317 
TRP N    N N N 318 
TRP CA   C N S 319 
TRP C    C N N 320 
TRP O    O N N 321 
TRP CB   C N N 322 
TRP CG   C Y N 323 
TRP CD1  C Y N 324 
TRP CD2  C Y N 325 
TRP NE1  N Y N 326 
TRP CE2  C Y N 327 
TRP CE3  C Y N 328 
TRP CZ2  C Y N 329 
TRP CZ3  C Y N 330 
TRP CH2  C Y N 331 
TRP OXT  O N N 332 
TRP H    H N N 333 
TRP H2   H N N 334 
TRP HA   H N N 335 
TRP HB2  H N N 336 
TRP HB3  H N N 337 
TRP HD1  H N N 338 
TRP HE1  H N N 339 
TRP HE3  H N N 340 
TRP HZ2  H N N 341 
TRP HZ3  H N N 342 
TRP HH2  H N N 343 
TRP HXT  H N N 344 
TYR N    N N N 345 
TYR CA   C N S 346 
TYR C    C N N 347 
TYR O    O N N 348 
TYR CB   C N N 349 
TYR CG   C Y N 350 
TYR CD1  C Y N 351 
TYR CD2  C Y N 352 
TYR CE1  C Y N 353 
TYR CE2  C Y N 354 
TYR CZ   C Y N 355 
TYR OH   O N N 356 
TYR OXT  O N N 357 
TYR H    H N N 358 
TYR H2   H N N 359 
TYR HA   H N N 360 
TYR HB2  H N N 361 
TYR HB3  H N N 362 
TYR HD1  H N N 363 
TYR HD2  H N N 364 
TYR HE1  H N N 365 
TYR HE2  H N N 366 
TYR HH   H N N 367 
TYR HXT  H N N 368 
VAL N    N N N 369 
VAL CA   C N S 370 
VAL C    C N N 371 
VAL O    O N N 372 
VAL CB   C N N 373 
VAL CG1  C N N 374 
VAL CG2  C N N 375 
VAL OXT  O N N 376 
VAL H    H N N 377 
VAL H2   H N N 378 
VAL HA   H N N 379 
VAL HB   H N N 380 
VAL HG11 H N N 381 
VAL HG12 H N N 382 
VAL HG13 H N N 383 
VAL HG21 H N N 384 
VAL HG22 H N N 385 
VAL HG23 H N N 386 
VAL HXT  H N N 387 
# 
loop_
_chem_comp_bond.comp_id 
_chem_comp_bond.atom_id_1 
_chem_comp_bond.atom_id_2 
_chem_comp_bond.value_order 
_chem_comp_bond.pdbx_aromatic_flag 
_chem_comp_bond.pdbx_stereo_config 
_chem_comp_bond.pdbx_ordinal 
ALA N   CA   sing N N 1   
ALA N   H    sing N N 2   
ALA N   H2   sing N N 3   
ALA CA  C    sing N N 4   
ALA CA  CB   sing N N 5   
ALA CA  HA   sing N N 6   
ALA C   O    doub N N 7   
ALA C   OXT  sing N N 8   
ALA CB  HB1  sing N N 9   
ALA CB  HB2  sing N N 10  
ALA CB  HB3  sing N N 11  
ALA OXT HXT  sing N N 12  
ARG N   CA   sing N N 13  
ARG N   H    sing N N 14  
ARG N   H2   sing N N 15  
ARG CA  C    sing N N 16  
ARG CA  CB   sing N N 17  
ARG CA  HA   sing N N 18  
ARG C   O    doub N N 19  
ARG C   OXT  sing N N 20  
ARG CB  CG   sing N N 21  
ARG CB  HB2  sing N N 22  
ARG CB  HB3  sing N N 23  
ARG CG  CD   sing N N 24  
ARG CG  HG2  sing N N 25  
ARG CG  HG3  sing N N 26  
ARG CD  NE   sing N N 27  
ARG CD  HD2  sing N N 28  
ARG CD  HD3  sing N N 29  
ARG NE  CZ   sing N N 30  
ARG NE  HE   sing N N 31  
ARG CZ  NH1  sing N N 32  
ARG CZ  NH2  doub N N 33  
ARG NH1 HH11 sing N N 34  
ARG NH1 HH12 sing N N 35  
ARG NH2 HH21 sing N N 36  
ARG NH2 HH22 sing N N 37  
ARG OXT HXT  sing N N 38  
ASN N   CA   sing N N 39  
ASN N   H    sing N N 40  
ASN N   H2   sing N N 41  
ASN CA  C    sing N N 42  
ASN CA  CB   sing N N 43  
ASN CA  HA   sing N N 44  
ASN C   O    doub N N 45  
ASN C   OXT  sing N N 46  
ASN CB  CG   sing N N 47  
ASN CB  HB2  sing N N 48  
ASN CB  HB3  sing N N 49  
ASN CG  OD1  doub N N 50  
ASN CG  ND2  sing N N 51  
ASN ND2 HD21 sing N N 52  
ASN ND2 HD22 sing N N 53  
ASN OXT HXT  sing N N 54  
ASP N   CA   sing N N 55  
ASP N   H    sing N N 56  
ASP N   H2   sing N N 57  
ASP CA  C    sing N N 58  
ASP CA  CB   sing N N 59  
ASP CA  HA   sing N N 60  
ASP C   O    doub N N 61  
ASP C   OXT  sing N N 62  
ASP CB  CG   sing N N 63  
ASP CB  HB2  sing N N 64  
ASP CB  HB3  sing N N 65  
ASP CG  OD1  doub N N 66  
ASP CG  OD2  sing N N 67  
ASP OD2 HD2  sing N N 68  
ASP OXT HXT  sing N N 69  
CYS N   CA   sing N N 70  
CYS N   H    sing N N 71  
CYS N   H2   sing N N 72  
CYS CA  C    sing N N 73  
CYS CA  CB   sing N N 74  
CYS CA  HA   sing N N 75  
CYS C   O    doub N N 76  
CYS C   OXT  sing N N 77  
CYS CB  SG   sing N N 78  
CYS CB  HB2  sing N N 79  
CYS CB  HB3  sing N N 80  
CYS SG  HG   sing N N 81  
CYS OXT HXT  sing N N 82  
GLN N   CA   sing N N 83  
GLN N   H    sing N N 84  
GLN N   H2   sing N N 85  
GLN CA  C    sing N N 86  
GLN CA  CB   sing N N 87  
GLN CA  HA   sing N N 88  
GLN C   O    doub N N 89  
GLN C   OXT  sing N N 90  
GLN CB  CG   sing N N 91  
GLN CB  HB2  sing N N 92  
GLN CB  HB3  sing N N 93  
GLN CG  CD   sing N N 94  
GLN CG  HG2  sing N N 95  
GLN CG  HG3  sing N N 96  
GLN CD  OE1  doub N N 97  
GLN CD  NE2  sing N N 98  
GLN NE2 HE21 sing N N 99  
GLN NE2 HE22 sing N N 100 
GLN OXT HXT  sing N N 101 
GLU N   CA   sing N N 102 
GLU N   H    sing N N 103 
GLU N   H2   sing N N 104 
GLU CA  C    sing N N 105 
GLU CA  CB   sing N N 106 
GLU CA  HA   sing N N 107 
GLU C   O    doub N N 108 
GLU C   OXT  sing N N 109 
GLU CB  CG   sing N N 110 
GLU CB  HB2  sing N N 111 
GLU CB  HB3  sing N N 112 
GLU CG  CD   sing N N 113 
GLU CG  HG2  sing N N 114 
GLU CG  HG3  sing N N 115 
GLU CD  OE1  doub N N 116 
GLU CD  OE2  sing N N 117 
GLU OE2 HE2  sing N N 118 
GLU OXT HXT  sing N N 119 
GLY N   CA   sing N N 120 
GLY N   H    sing N N 121 
GLY N   H2   sing N N 122 
GLY CA  C    sing N N 123 
GLY CA  HA2  sing N N 124 
GLY CA  HA3  sing N N 125 
GLY C   O    doub N N 126 
GLY C   OXT  sing N N 127 
GLY OXT HXT  sing N N 128 
HIS N   CA   sing N N 129 
HIS N   H    sing N N 130 
HIS N   H2   sing N N 131 
HIS CA  C    sing N N 132 
HIS CA  CB   sing N N 133 
HIS CA  HA   sing N N 134 
HIS C   O    doub N N 135 
HIS C   OXT  sing N N 136 
HIS CB  CG   sing N N 137 
HIS CB  HB2  sing N N 138 
HIS CB  HB3  sing N N 139 
HIS CG  ND1  sing Y N 140 
HIS CG  CD2  doub Y N 141 
HIS ND1 CE1  doub Y N 142 
HIS ND1 HD1  sing N N 143 
HIS CD2 NE2  sing Y N 144 
HIS CD2 HD2  sing N N 145 
HIS CE1 NE2  sing Y N 146 
HIS CE1 HE1  sing N N 147 
HIS NE2 HE2  sing N N 148 
HIS OXT HXT  sing N N 149 
ILE N   CA   sing N N 150 
ILE N   H    sing N N 151 
ILE N   H2   sing N N 152 
ILE CA  C    sing N N 153 
ILE CA  CB   sing N N 154 
ILE CA  HA   sing N N 155 
ILE C   O    doub N N 156 
ILE C   OXT  sing N N 157 
ILE CB  CG1  sing N N 158 
ILE CB  CG2  sing N N 159 
ILE CB  HB   sing N N 160 
ILE CG1 CD1  sing N N 161 
ILE CG1 HG12 sing N N 162 
ILE CG1 HG13 sing N N 163 
ILE CG2 HG21 sing N N 164 
ILE CG2 HG22 sing N N 165 
ILE CG2 HG23 sing N N 166 
ILE CD1 HD11 sing N N 167 
ILE CD1 HD12 sing N N 168 
ILE CD1 HD13 sing N N 169 
ILE OXT HXT  sing N N 170 
LEU N   CA   sing N N 171 
LEU N   H    sing N N 172 
LEU N   H2   sing N N 173 
LEU CA  C    sing N N 174 
LEU CA  CB   sing N N 175 
LEU CA  HA   sing N N 176 
LEU C   O    doub N N 177 
LEU C   OXT  sing N N 178 
LEU CB  CG   sing N N 179 
LEU CB  HB2  sing N N 180 
LEU CB  HB3  sing N N 181 
LEU CG  CD1  sing N N 182 
LEU CG  CD2  sing N N 183 
LEU CG  HG   sing N N 184 
LEU CD1 HD11 sing N N 185 
LEU CD1 HD12 sing N N 186 
LEU CD1 HD13 sing N N 187 
LEU CD2 HD21 sing N N 188 
LEU CD2 HD22 sing N N 189 
LEU CD2 HD23 sing N N 190 
LEU OXT HXT  sing N N 191 
LYS N   CA   sing N N 192 
LYS N   H    sing N N 193 
LYS N   H2   sing N N 194 
LYS CA  C    sing N N 195 
LYS CA  CB   sing N N 196 
LYS CA  HA   sing N N 197 
LYS C   O    doub N N 198 
LYS C   OXT  sing N N 199 
LYS CB  CG   sing N N 200 
LYS CB  HB2  sing N N 201 
LYS CB  HB3  sing N N 202 
LYS CG  CD   sing N N 203 
LYS CG  HG2  sing N N 204 
LYS CG  HG3  sing N N 205 
LYS CD  CE   sing N N 206 
LYS CD  HD2  sing N N 207 
LYS CD  HD3  sing N N 208 
LYS CE  NZ   sing N N 209 
LYS CE  HE2  sing N N 210 
LYS CE  HE3  sing N N 211 
LYS NZ  HZ1  sing N N 212 
LYS NZ  HZ2  sing N N 213 
LYS NZ  HZ3  sing N N 214 
LYS OXT HXT  sing N N 215 
MET N   CA   sing N N 216 
MET N   H    sing N N 217 
MET N   H2   sing N N 218 
MET CA  C    sing N N 219 
MET CA  CB   sing N N 220 
MET CA  HA   sing N N 221 
MET C   O    doub N N 222 
MET C   OXT  sing N N 223 
MET CB  CG   sing N N 224 
MET CB  HB2  sing N N 225 
MET CB  HB3  sing N N 226 
MET CG  SD   sing N N 227 
MET CG  HG2  sing N N 228 
MET CG  HG3  sing N N 229 
MET SD  CE   sing N N 230 
MET CE  HE1  sing N N 231 
MET CE  HE2  sing N N 232 
MET CE  HE3  sing N N 233 
MET OXT HXT  sing N N 234 
PHE N   CA   sing N N 235 
PHE N   H    sing N N 236 
PHE N   H2   sing N N 237 
PHE CA  C    sing N N 238 
PHE CA  CB   sing N N 239 
PHE CA  HA   sing N N 240 
PHE C   O    doub N N 241 
PHE C   OXT  sing N N 242 
PHE CB  CG   sing N N 243 
PHE CB  HB2  sing N N 244 
PHE CB  HB3  sing N N 245 
PHE CG  CD1  doub Y N 246 
PHE CG  CD2  sing Y N 247 
PHE CD1 CE1  sing Y N 248 
PHE CD1 HD1  sing N N 249 
PHE CD2 CE2  doub Y N 250 
PHE CD2 HD2  sing N N 251 
PHE CE1 CZ   doub Y N 252 
PHE CE1 HE1  sing N N 253 
PHE CE2 CZ   sing Y N 254 
PHE CE2 HE2  sing N N 255 
PHE CZ  HZ   sing N N 256 
PHE OXT HXT  sing N N 257 
PRO N   CA   sing N N 258 
PRO N   CD   sing N N 259 
PRO N   H    sing N N 260 
PRO CA  C    sing N N 261 
PRO CA  CB   sing N N 262 
PRO CA  HA   sing N N 263 
PRO C   O    doub N N 264 
PRO C   OXT  sing N N 265 
PRO CB  CG   sing N N 266 
PRO CB  HB2  sing N N 267 
PRO CB  HB3  sing N N 268 
PRO CG  CD   sing N N 269 
PRO CG  HG2  sing N N 270 
PRO CG  HG3  sing N N 271 
PRO CD  HD2  sing N N 272 
PRO CD  HD3  sing N N 273 
PRO OXT HXT  sing N N 274 
SER N   CA   sing N N 275 
SER N   H    sing N N 276 
SER N   H2   sing N N 277 
SER CA  C    sing N N 278 
SER CA  CB   sing N N 279 
SER CA  HA   sing N N 280 
SER C   O    doub N N 281 
SER C   OXT  sing N N 282 
SER CB  OG   sing N N 283 
SER CB  HB2  sing N N 284 
SER CB  HB3  sing N N 285 
SER OG  HG   sing N N 286 
SER OXT HXT  sing N N 287 
THR N   CA   sing N N 288 
THR N   H    sing N N 289 
THR N   H2   sing N N 290 
THR CA  C    sing N N 291 
THR CA  CB   sing N N 292 
THR CA  HA   sing N N 293 
THR C   O    doub N N 294 
THR C   OXT  sing N N 295 
THR CB  OG1  sing N N 296 
THR CB  CG2  sing N N 297 
THR CB  HB   sing N N 298 
THR OG1 HG1  sing N N 299 
THR CG2 HG21 sing N N 300 
THR CG2 HG22 sing N N 301 
THR CG2 HG23 sing N N 302 
THR OXT HXT  sing N N 303 
TRP N   CA   sing N N 304 
TRP N   H    sing N N 305 
TRP N   H2   sing N N 306 
TRP CA  C    sing N N 307 
TRP CA  CB   sing N N 308 
TRP CA  HA   sing N N 309 
TRP C   O    doub N N 310 
TRP C   OXT  sing N N 311 
TRP CB  CG   sing N N 312 
TRP CB  HB2  sing N N 313 
TRP CB  HB3  sing N N 314 
TRP CG  CD1  doub Y N 315 
TRP CG  CD2  sing Y N 316 
TRP CD1 NE1  sing Y N 317 
TRP CD1 HD1  sing N N 318 
TRP CD2 CE2  doub Y N 319 
TRP CD2 CE3  sing Y N 320 
TRP NE1 CE2  sing Y N 321 
TRP NE1 HE1  sing N N 322 
TRP CE2 CZ2  sing Y N 323 
TRP CE3 CZ3  doub Y N 324 
TRP CE3 HE3  sing N N 325 
TRP CZ2 CH2  doub Y N 326 
TRP CZ2 HZ2  sing N N 327 
TRP CZ3 CH2  sing Y N 328 
TRP CZ3 HZ3  sing N N 329 
TRP CH2 HH2  sing N N 330 
TRP OXT HXT  sing N N 331 
TYR N   CA   sing N N 332 
TYR N   H    sing N N 333 
TYR N   H2   sing N N 334 
TYR CA  C    sing N N 335 
TYR CA  CB   sing N N 336 
TYR CA  HA   sing N N 337 
TYR C   O    doub N N 338 
TYR C   OXT  sing N N 339 
TYR CB  CG   sing N N 340 
TYR CB  HB2  sing N N 341 
TYR CB  HB3  sing N N 342 
TYR CG  CD1  doub Y N 343 
TYR CG  CD2  sing Y N 344 
TYR CD1 CE1  sing Y N 345 
TYR CD1 HD1  sing N N 346 
TYR CD2 CE2  doub Y N 347 
TYR CD2 HD2  sing N N 348 
TYR CE1 CZ   doub Y N 349 
TYR CE1 HE1  sing N N 350 
TYR CE2 CZ   sing Y N 351 
TYR CE2 HE2  sing N N 352 
TYR CZ  OH   sing N N 353 
TYR OH  HH   sing N N 354 
TYR OXT HXT  sing N N 355 
VAL N   CA   sing N N 356 
VAL N   H    sing N N 357 
VAL N   H2   sing N N 358 
VAL CA  C    sing N N 359 
VAL CA  CB   sing N N 360 
VAL CA  HA   sing N N 361 
VAL C   O    doub N N 362 
VAL C   OXT  sing N N 363 
VAL CB  CG1  sing N N 364 
VAL CB  CG2  sing N N 365 
VAL CB  HB   sing N N 366 
VAL CG1 HG11 sing N N 367 
VAL CG1 HG12 sing N N 368 
VAL CG1 HG13 sing N N 369 
VAL CG2 HG21 sing N N 370 
VAL CG2 HG22 sing N N 371 
VAL CG2 HG23 sing N N 372 
VAL OXT HXT  sing N N 373 
# 
_pdbx_initial_refinement_model.id               1 
_pdbx_initial_refinement_model.entity_id_list   ? 
_pdbx_initial_refinement_model.type             'experimental model' 
_pdbx_initial_refinement_model.source_name      PDB 
_pdbx_initial_refinement_model.accession_code   1L0A 
_pdbx_initial_refinement_model.details          'PDB ENTRY 1L0A' 
# 
